data_1ESO
# 
_entry.id   1ESO 
# 
_audit_conform.dict_name       mmcif_pdbx.dic 
_audit_conform.dict_version    5.398 
_audit_conform.dict_location   http://mmcif.pdb.org/dictionaries/ascii/mmcif_pdbx.dic 
# 
loop_
_database_2.database_id 
_database_2.database_code 
_database_2.pdbx_database_accession 
_database_2.pdbx_DOI 
PDB   1ESO         pdb_00001eso 10.2210/pdb1eso/pdb 
WWPDB D_1000173152 ?            ?                   
# 
loop_
_pdbx_audit_revision_history.ordinal 
_pdbx_audit_revision_history.data_content_type 
_pdbx_audit_revision_history.major_revision 
_pdbx_audit_revision_history.minor_revision 
_pdbx_audit_revision_history.revision_date 
1 'Structure model' 1 0 1998-07-01 
2 'Structure model' 1 1 2008-03-24 
3 'Structure model' 1 2 2011-07-13 
4 'Structure model' 1 3 2024-04-03 
5 'Structure model' 1 4 2024-11-06 
# 
_pdbx_audit_revision_details.ordinal             1 
_pdbx_audit_revision_details.revision_ordinal    1 
_pdbx_audit_revision_details.data_content_type   'Structure model' 
_pdbx_audit_revision_details.provider            repository 
_pdbx_audit_revision_details.type                'Initial release' 
_pdbx_audit_revision_details.description         ? 
_pdbx_audit_revision_details.details             ? 
# 
loop_
_pdbx_audit_revision_group.ordinal 
_pdbx_audit_revision_group.revision_ordinal 
_pdbx_audit_revision_group.data_content_type 
_pdbx_audit_revision_group.group 
1 2 'Structure model' 'Version format compliance' 
2 3 'Structure model' 'Version format compliance' 
3 4 'Structure model' 'Data collection'           
4 4 'Structure model' 'Database references'       
5 4 'Structure model' 'Derived calculations'      
6 4 'Structure model' 'Refinement description'    
7 5 'Structure model' 'Structure summary'         
# 
loop_
_pdbx_audit_revision_category.ordinal 
_pdbx_audit_revision_category.revision_ordinal 
_pdbx_audit_revision_category.data_content_type 
_pdbx_audit_revision_category.category 
1  4 'Structure model' chem_comp_atom                
2  4 'Structure model' chem_comp_bond                
3  4 'Structure model' database_2                    
4  4 'Structure model' pdbx_initial_refinement_model 
5  4 'Structure model' pdbx_struct_conn_angle        
6  4 'Structure model' software                      
7  4 'Structure model' struct_conn                   
8  4 'Structure model' struct_site                   
9  5 'Structure model' pdbx_entry_details            
10 5 'Structure model' pdbx_modification_feature     
# 
loop_
_pdbx_audit_revision_item.ordinal 
_pdbx_audit_revision_item.revision_ordinal 
_pdbx_audit_revision_item.data_content_type 
_pdbx_audit_revision_item.item 
1  4 'Structure model' '_database_2.pdbx_DOI'                        
2  4 'Structure model' '_database_2.pdbx_database_accession'         
3  4 'Structure model' '_pdbx_struct_conn_angle.ptnr1_auth_seq_id'   
4  4 'Structure model' '_pdbx_struct_conn_angle.ptnr1_label_atom_id' 
5  4 'Structure model' '_pdbx_struct_conn_angle.ptnr1_label_seq_id'  
6  4 'Structure model' '_pdbx_struct_conn_angle.ptnr2_auth_comp_id'  
7  4 'Structure model' '_pdbx_struct_conn_angle.ptnr2_auth_seq_id'   
8  4 'Structure model' '_pdbx_struct_conn_angle.ptnr2_label_asym_id' 
9  4 'Structure model' '_pdbx_struct_conn_angle.ptnr2_label_atom_id' 
10 4 'Structure model' '_pdbx_struct_conn_angle.ptnr2_label_comp_id' 
11 4 'Structure model' '_pdbx_struct_conn_angle.ptnr3_auth_comp_id'  
12 4 'Structure model' '_pdbx_struct_conn_angle.ptnr3_auth_seq_id'   
13 4 'Structure model' '_pdbx_struct_conn_angle.ptnr3_label_atom_id' 
14 4 'Structure model' '_pdbx_struct_conn_angle.ptnr3_label_comp_id' 
15 4 'Structure model' '_pdbx_struct_conn_angle.ptnr3_label_seq_id'  
16 4 'Structure model' '_pdbx_struct_conn_angle.value'               
17 4 'Structure model' '_software.name'                              
18 4 'Structure model' '_struct_conn.pdbx_dist_value'                
19 4 'Structure model' '_struct_conn.ptnr1_auth_comp_id'             
20 4 'Structure model' '_struct_conn.ptnr1_auth_seq_id'              
21 4 'Structure model' '_struct_conn.ptnr1_label_asym_id'            
22 4 'Structure model' '_struct_conn.ptnr1_label_atom_id'            
23 4 'Structure model' '_struct_conn.ptnr1_label_comp_id'            
24 4 'Structure model' '_struct_conn.ptnr1_label_seq_id'             
25 4 'Structure model' '_struct_conn.ptnr2_auth_comp_id'             
26 4 'Structure model' '_struct_conn.ptnr2_auth_seq_id'              
27 4 'Structure model' '_struct_conn.ptnr2_label_asym_id'            
28 4 'Structure model' '_struct_conn.ptnr2_label_atom_id'            
29 4 'Structure model' '_struct_conn.ptnr2_label_comp_id'            
30 4 'Structure model' '_struct_conn.ptnr2_label_seq_id'             
31 4 'Structure model' '_struct_site.pdbx_auth_asym_id'              
32 4 'Structure model' '_struct_site.pdbx_auth_comp_id'              
33 4 'Structure model' '_struct_site.pdbx_auth_seq_id'               
# 
_pdbx_database_status.status_code                     REL 
_pdbx_database_status.entry_id                        1ESO 
_pdbx_database_status.recvd_initial_deposition_date   1997-06-27 
_pdbx_database_status.deposit_site                    ? 
_pdbx_database_status.process_site                    BNL 
_pdbx_database_status.status_code_sf                  REL 
_pdbx_database_status.status_code_mr                  ? 
_pdbx_database_status.SG_entry                        ? 
_pdbx_database_status.pdb_format_compatible           Y 
_pdbx_database_status.status_code_cs                  ? 
_pdbx_database_status.status_code_nmr_data            ? 
_pdbx_database_status.methods_development_category    ? 
# 
loop_
_audit_author.name 
_audit_author.pdbx_ordinal 
'Pesce, A.'      1 
'Capasso, C.'    2 
'Battistoni, A.' 3 
'Folcarelli, S.' 4 
'Rotilio, G.'    5 
'Desideri, A.'   6 
'Bolognesi, M.'  7 
# 
_citation.id                        primary 
_citation.title                     
'Unique structural features of the monomeric Cu,Zn superoxide dismutase from Escherichia coli, revealed by X-ray crystallography.' 
_citation.journal_abbrev            J.Mol.Biol. 
_citation.journal_volume            274 
_citation.page_first                408 
_citation.page_last                 420 
_citation.year                      1997 
_citation.journal_id_ASTM           JMOBAK 
_citation.country                   UK 
_citation.journal_id_ISSN           0022-2836 
_citation.journal_id_CSD            0070 
_citation.book_publisher            ? 
_citation.pdbx_database_id_PubMed   9405149 
_citation.pdbx_database_id_DOI      10.1006/jmbi.1997.1400 
# 
loop_
_citation_author.citation_id 
_citation_author.name 
_citation_author.ordinal 
_citation_author.identifier_ORCID 
primary 'Pesce, A.'      1 ? 
primary 'Capasso, C.'    2 ? 
primary 'Battistoni, A.' 3 ? 
primary 'Folcarelli, S.' 4 ? 
primary 'Rotilio, G.'    5 ? 
primary 'Desideri, A.'   6 ? 
primary 'Bolognesi, M.'  7 ? 
# 
loop_
_entity.id 
_entity.type 
_entity.src_method 
_entity.pdbx_description 
_entity.formula_weight 
_entity.pdbx_number_of_molecules 
_entity.pdbx_ec 
_entity.pdbx_mutation 
_entity.pdbx_fragment 
_entity.details 
1 polymer     man 'CU, ZN SUPEROXIDE DISMUTASE' 15760.583 1  1.15.1.1 ? ? ? 
2 non-polymer syn 'ZINC ION'                    65.409    1  ?        ? ? ? 
3 non-polymer syn 'COPPER (II) ION'             63.546    1  ?        ? ? ? 
4 water       nat water                         18.015    75 ?        ? ? ? 
# 
_entity_name_com.entity_id   1 
_entity_name_com.name        SOD 
# 
_entity_poly.entity_id                      1 
_entity_poly.type                           'polypeptide(L)' 
_entity_poly.nstd_linkage                   no 
_entity_poly.nstd_monomer                   no 
_entity_poly.pdbx_seq_one_letter_code       
;ASEKVEMNLVTSQGVGQSIGSVTITETDKGLEFSPDLKALPPGEHGFHIHAKGSCQPATKDGKASAAESAGGHLDPQNTG
KHEGPEGAGHLGDLPALVVNNDGKATDAVIAPRLKSLDEIKDKALMVHVGGDNMSDQPKPLGGGGERYACGVIK
;
_entity_poly.pdbx_seq_one_letter_code_can   
;ASEKVEMNLVTSQGVGQSIGSVTITETDKGLEFSPDLKALPPGEHGFHIHAKGSCQPATKDGKASAAESAGGHLDPQNTG
KHEGPEGAGHLGDLPALVVNNDGKATDAVIAPRLKSLDEIKDKALMVHVGGDNMSDQPKPLGGGGERYACGVIK
;
_entity_poly.pdbx_strand_id                 A 
_entity_poly.pdbx_target_identifier         ? 
# 
loop_
_pdbx_entity_nonpoly.entity_id 
_pdbx_entity_nonpoly.name 
_pdbx_entity_nonpoly.comp_id 
2 'ZINC ION'        ZN  
3 'COPPER (II) ION' CU  
4 water             HOH 
# 
loop_
_entity_poly_seq.entity_id 
_entity_poly_seq.num 
_entity_poly_seq.mon_id 
_entity_poly_seq.hetero 
1 1   ALA n 
1 2   SER n 
1 3   GLU n 
1 4   LYS n 
1 5   VAL n 
1 6   GLU n 
1 7   MET n 
1 8   ASN n 
1 9   LEU n 
1 10  VAL n 
1 11  THR n 
1 12  SER n 
1 13  GLN n 
1 14  GLY n 
1 15  VAL n 
1 16  GLY n 
1 17  GLN n 
1 18  SER n 
1 19  ILE n 
1 20  GLY n 
1 21  SER n 
1 22  VAL n 
1 23  THR n 
1 24  ILE n 
1 25  THR n 
1 26  GLU n 
1 27  THR n 
1 28  ASP n 
1 29  LYS n 
1 30  GLY n 
1 31  LEU n 
1 32  GLU n 
1 33  PHE n 
1 34  SER n 
1 35  PRO n 
1 36  ASP n 
1 37  LEU n 
1 38  LYS n 
1 39  ALA n 
1 40  LEU n 
1 41  PRO n 
1 42  PRO n 
1 43  GLY n 
1 44  GLU n 
1 45  HIS n 
1 46  GLY n 
1 47  PHE n 
1 48  HIS n 
1 49  ILE n 
1 50  HIS n 
1 51  ALA n 
1 52  LYS n 
1 53  GLY n 
1 54  SER n 
1 55  CYS n 
1 56  GLN n 
1 57  PRO n 
1 58  ALA n 
1 59  THR n 
1 60  LYS n 
1 61  ASP n 
1 62  GLY n 
1 63  LYS n 
1 64  ALA n 
1 65  SER n 
1 66  ALA n 
1 67  ALA n 
1 68  GLU n 
1 69  SER n 
1 70  ALA n 
1 71  GLY n 
1 72  GLY n 
1 73  HIS n 
1 74  LEU n 
1 75  ASP n 
1 76  PRO n 
1 77  GLN n 
1 78  ASN n 
1 79  THR n 
1 80  GLY n 
1 81  LYS n 
1 82  HIS n 
1 83  GLU n 
1 84  GLY n 
1 85  PRO n 
1 86  GLU n 
1 87  GLY n 
1 88  ALA n 
1 89  GLY n 
1 90  HIS n 
1 91  LEU n 
1 92  GLY n 
1 93  ASP n 
1 94  LEU n 
1 95  PRO n 
1 96  ALA n 
1 97  LEU n 
1 98  VAL n 
1 99  VAL n 
1 100 ASN n 
1 101 ASN n 
1 102 ASP n 
1 103 GLY n 
1 104 LYS n 
1 105 ALA n 
1 106 THR n 
1 107 ASP n 
1 108 ALA n 
1 109 VAL n 
1 110 ILE n 
1 111 ALA n 
1 112 PRO n 
1 113 ARG n 
1 114 LEU n 
1 115 LYS n 
1 116 SER n 
1 117 LEU n 
1 118 ASP n 
1 119 GLU n 
1 120 ILE n 
1 121 LYS n 
1 122 ASP n 
1 123 LYS n 
1 124 ALA n 
1 125 LEU n 
1 126 MET n 
1 127 VAL n 
1 128 HIS n 
1 129 VAL n 
1 130 GLY n 
1 131 GLY n 
1 132 ASP n 
1 133 ASN n 
1 134 MET n 
1 135 SER n 
1 136 ASP n 
1 137 GLN n 
1 138 PRO n 
1 139 LYS n 
1 140 PRO n 
1 141 LEU n 
1 142 GLY n 
1 143 GLY n 
1 144 GLY n 
1 145 GLY n 
1 146 GLU n 
1 147 ARG n 
1 148 TYR n 
1 149 ALA n 
1 150 CYS n 
1 151 GLY n 
1 152 VAL n 
1 153 ILE n 
1 154 LYS n 
# 
_entity_src_gen.entity_id                          1 
_entity_src_gen.pdbx_src_id                        1 
_entity_src_gen.pdbx_alt_source_flag               sample 
_entity_src_gen.pdbx_seq_type                      ? 
_entity_src_gen.pdbx_beg_seq_num                   ? 
_entity_src_gen.pdbx_end_seq_num                   ? 
_entity_src_gen.gene_src_common_name               ? 
_entity_src_gen.gene_src_genus                     Escherichia 
_entity_src_gen.pdbx_gene_src_gene                 SODC 
_entity_src_gen.gene_src_species                   ? 
_entity_src_gen.gene_src_strain                    'BMH 71-18' 
_entity_src_gen.gene_src_tissue                    ? 
_entity_src_gen.gene_src_tissue_fraction           ? 
_entity_src_gen.gene_src_details                   ? 
_entity_src_gen.pdbx_gene_src_fragment             ? 
_entity_src_gen.pdbx_gene_src_scientific_name      'Escherichia coli' 
_entity_src_gen.pdbx_gene_src_ncbi_taxonomy_id     562 
_entity_src_gen.pdbx_gene_src_variant              ? 
_entity_src_gen.pdbx_gene_src_cell_line            ? 
_entity_src_gen.pdbx_gene_src_atcc                 ? 
_entity_src_gen.pdbx_gene_src_organ                ? 
_entity_src_gen.pdbx_gene_src_organelle            ? 
_entity_src_gen.pdbx_gene_src_cell                 ? 
_entity_src_gen.pdbx_gene_src_cellular_location    PERIPLASM 
_entity_src_gen.host_org_common_name               ? 
_entity_src_gen.pdbx_host_org_scientific_name      'Escherichia coli' 
_entity_src_gen.pdbx_host_org_ncbi_taxonomy_id     562 
_entity_src_gen.host_org_genus                     Escherichia 
_entity_src_gen.pdbx_host_org_gene                 ? 
_entity_src_gen.pdbx_host_org_organ                ? 
_entity_src_gen.host_org_species                   ? 
_entity_src_gen.pdbx_host_org_tissue               ? 
_entity_src_gen.pdbx_host_org_tissue_fraction      ? 
_entity_src_gen.pdbx_host_org_strain               ? 
_entity_src_gen.pdbx_host_org_variant              ? 
_entity_src_gen.pdbx_host_org_cell_line            ? 
_entity_src_gen.pdbx_host_org_atcc                 ? 
_entity_src_gen.pdbx_host_org_culture_collection   ? 
_entity_src_gen.pdbx_host_org_cell                 ? 
_entity_src_gen.pdbx_host_org_organelle            ? 
_entity_src_gen.pdbx_host_org_cellular_location    ? 
_entity_src_gen.pdbx_host_org_vector_type          ? 
_entity_src_gen.pdbx_host_org_vector               ? 
_entity_src_gen.host_org_details                   ? 
_entity_src_gen.expression_system_id               ? 
_entity_src_gen.plasmid_name                       ? 
_entity_src_gen.plasmid_details                    ? 
_entity_src_gen.pdbx_description                   ? 
# 
loop_
_chem_comp.id 
_chem_comp.type 
_chem_comp.mon_nstd_flag 
_chem_comp.name 
_chem_comp.pdbx_synonyms 
_chem_comp.formula 
_chem_comp.formula_weight 
ALA 'L-peptide linking' y ALANINE           ? 'C3 H7 N O2'     89.093  
ARG 'L-peptide linking' y ARGININE          ? 'C6 H15 N4 O2 1' 175.209 
ASN 'L-peptide linking' y ASPARAGINE        ? 'C4 H8 N2 O3'    132.118 
ASP 'L-peptide linking' y 'ASPARTIC ACID'   ? 'C4 H7 N O4'     133.103 
CU  non-polymer         . 'COPPER (II) ION' ? 'Cu 2'           63.546  
CYS 'L-peptide linking' y CYSTEINE          ? 'C3 H7 N O2 S'   121.158 
GLN 'L-peptide linking' y GLUTAMINE         ? 'C5 H10 N2 O3'   146.144 
GLU 'L-peptide linking' y 'GLUTAMIC ACID'   ? 'C5 H9 N O4'     147.129 
GLY 'peptide linking'   y GLYCINE           ? 'C2 H5 N O2'     75.067  
HIS 'L-peptide linking' y HISTIDINE         ? 'C6 H10 N3 O2 1' 156.162 
HOH non-polymer         . WATER             ? 'H2 O'           18.015  
ILE 'L-peptide linking' y ISOLEUCINE        ? 'C6 H13 N O2'    131.173 
LEU 'L-peptide linking' y LEUCINE           ? 'C6 H13 N O2'    131.173 
LYS 'L-peptide linking' y LYSINE            ? 'C6 H15 N2 O2 1' 147.195 
MET 'L-peptide linking' y METHIONINE        ? 'C5 H11 N O2 S'  149.211 
PHE 'L-peptide linking' y PHENYLALANINE     ? 'C9 H11 N O2'    165.189 
PRO 'L-peptide linking' y PROLINE           ? 'C5 H9 N O2'     115.130 
SER 'L-peptide linking' y SERINE            ? 'C3 H7 N O3'     105.093 
THR 'L-peptide linking' y THREONINE         ? 'C4 H9 N O3'     119.119 
TYR 'L-peptide linking' y TYROSINE          ? 'C9 H11 N O3'    181.189 
VAL 'L-peptide linking' y VALINE            ? 'C5 H11 N O2'    117.146 
ZN  non-polymer         . 'ZINC ION'        ? 'Zn 2'           65.409  
# 
loop_
_pdbx_poly_seq_scheme.asym_id 
_pdbx_poly_seq_scheme.entity_id 
_pdbx_poly_seq_scheme.seq_id 
_pdbx_poly_seq_scheme.mon_id 
_pdbx_poly_seq_scheme.ndb_seq_num 
_pdbx_poly_seq_scheme.pdb_seq_num 
_pdbx_poly_seq_scheme.auth_seq_num 
_pdbx_poly_seq_scheme.pdb_mon_id 
_pdbx_poly_seq_scheme.auth_mon_id 
_pdbx_poly_seq_scheme.pdb_strand_id 
_pdbx_poly_seq_scheme.pdb_ins_code 
_pdbx_poly_seq_scheme.hetero 
A 1 1   ALA 1   2   2   ALA ALA A . n 
A 1 2   SER 2   3   3   SER SER A . n 
A 1 3   GLU 3   4   4   GLU GLU A . n 
A 1 4   LYS 4   5   5   LYS LYS A . n 
A 1 5   VAL 5   6   6   VAL VAL A . n 
A 1 6   GLU 6   7   7   GLU GLU A . n 
A 1 7   MET 7   8   8   MET MET A . n 
A 1 8   ASN 8   9   9   ASN ASN A . n 
A 1 9   LEU 9   10  10  LEU LEU A . n 
A 1 10  VAL 10  10  10  VAL VAL A A n 
A 1 11  THR 11  10  10  THR THR A B n 
A 1 12  SER 12  10  10  SER SER A C n 
A 1 13  GLN 13  10  10  GLN GLN A D n 
A 1 14  GLY 14  10  10  GLY GLY A E n 
A 1 15  VAL 15  11  11  VAL VAL A . n 
A 1 16  GLY 16  12  12  GLY GLY A . n 
A 1 17  GLN 17  13  13  GLN GLN A . n 
A 1 18  SER 18  14  14  SER SER A . n 
A 1 19  ILE 19  15  15  ILE ILE A . n 
A 1 20  GLY 20  16  16  GLY GLY A . n 
A 1 21  SER 21  17  17  SER SER A . n 
A 1 22  VAL 22  18  18  VAL VAL A . n 
A 1 23  THR 23  19  19  THR THR A . n 
A 1 24  ILE 24  20  20  ILE ILE A . n 
A 1 25  THR 25  21  21  THR THR A . n 
A 1 26  GLU 26  22  22  GLU GLU A . n 
A 1 27  THR 27  23  23  THR THR A . n 
A 1 28  ASP 28  24  24  ASP ASP A . n 
A 1 29  LYS 29  25  25  LYS LYS A . n 
A 1 30  GLY 30  26  26  GLY GLY A . n 
A 1 31  LEU 31  27  27  LEU LEU A . n 
A 1 32  GLU 32  28  28  GLU GLU A . n 
A 1 33  PHE 33  29  29  PHE PHE A . n 
A 1 34  SER 34  30  30  SER SER A . n 
A 1 35  PRO 35  31  31  PRO PRO A . n 
A 1 36  ASP 36  32  32  ASP ASP A . n 
A 1 37  LEU 37  33  33  LEU LEU A . n 
A 1 38  LYS 38  34  34  LYS LYS A . n 
A 1 39  ALA 39  35  35  ALA ALA A . n 
A 1 40  LEU 40  36  36  LEU LEU A . n 
A 1 41  PRO 41  37  37  PRO PRO A . n 
A 1 42  PRO 42  38  38  PRO PRO A . n 
A 1 43  GLY 43  39  39  GLY GLY A . n 
A 1 44  GLU 44  40  40  GLU GLU A . n 
A 1 45  HIS 45  41  41  HIS HIS A . n 
A 1 46  GLY 46  42  42  GLY GLY A . n 
A 1 47  PHE 47  43  43  PHE PHE A . n 
A 1 48  HIS 48  44  44  HIS HIS A . n 
A 1 49  ILE 49  45  45  ILE ILE A . n 
A 1 50  HIS 50  46  46  HIS HIS A . n 
A 1 51  ALA 51  47  47  ALA ALA A . n 
A 1 52  LYS 52  48  48  LYS LYS A . n 
A 1 53  GLY 53  49  49  GLY GLY A . n 
A 1 54  SER 54  50  50  SER SER A . n 
A 1 55  CYS 55  50  50  CYS CYS A A n 
A 1 56  GLN 56  51  51  GLN GLN A . n 
A 1 57  PRO 57  52  52  PRO PRO A . n 
A 1 58  ALA 58  53  53  ALA ALA A . n 
A 1 59  THR 59  54  54  THR THR A . n 
A 1 60  LYS 60  54  54  LYS LYS A A n 
A 1 61  ASP 61  54  54  ASP ASP A B n 
A 1 62  GLY 62  54  54  GLY GLY A C n 
A 1 63  LYS 63  54  54  LYS LYS A D n 
A 1 64  ALA 64  54  54  ALA ALA A E n 
A 1 65  SER 65  54  54  SER SER A F n 
A 1 66  ALA 66  54  54  ALA ALA A G n 
A 1 67  ALA 67  55  55  ALA ALA A . n 
A 1 68  GLU 68  56  56  GLU GLU A . n 
A 1 69  SER 69  57  57  SER SER A . n 
A 1 70  ALA 70  58  58  ALA ALA A . n 
A 1 71  GLY 71  59  59  GLY GLY A . n 
A 1 72  GLY 72  60  60  GLY GLY A . n 
A 1 73  HIS 73  61  61  HIS HIS A . n 
A 1 74  LEU 74  62  62  LEU LEU A . n 
A 1 75  ASP 75  63  63  ASP ASP A . n 
A 1 76  PRO 76  64  64  PRO PRO A . n 
A 1 77  GLN 77  65  65  GLN GLN A . n 
A 1 78  ASN 78  66  66  ASN ASN A . n 
A 1 79  THR 79  67  67  THR THR A . n 
A 1 80  GLY 80  67  67  GLY GLY A A n 
A 1 81  LYS 81  68  68  LYS LYS A . n 
A 1 82  HIS 82  69  69  HIS HIS A . n 
A 1 83  GLU 83  70  70  GLU GLU A . n 
A 1 84  GLY 84  71  71  GLY GLY A . n 
A 1 85  PRO 85  72  72  PRO PRO A . n 
A 1 86  GLU 86  74  74  GLU GLU A . n 
A 1 87  GLY 87  75  75  GLY GLY A . n 
A 1 88  ALA 88  76  76  ALA ALA A . n 
A 1 89  GLY 89  77  77  GLY GLY A . n 
A 1 90  HIS 90  78  78  HIS HIS A . n 
A 1 91  LEU 91  79  79  LEU LEU A . n 
A 1 92  GLY 92  80  80  GLY GLY A . n 
A 1 93  ASP 93  81  81  ASP ASP A . n 
A 1 94  LEU 94  82  82  LEU LEU A . n 
A 1 95  PRO 95  83  83  PRO PRO A . n 
A 1 96  ALA 96  84  84  ALA ALA A . n 
A 1 97  LEU 97  85  85  LEU LEU A . n 
A 1 98  VAL 98  86  86  VAL VAL A . n 
A 1 99  VAL 99  87  87  VAL VAL A . n 
A 1 100 ASN 100 88  88  ASN ASN A . n 
A 1 101 ASN 101 89  89  ASN ASN A . n 
A 1 102 ASP 102 90  90  ASP ASP A . n 
A 1 103 GLY 103 91  91  GLY GLY A . n 
A 1 104 LYS 104 92  92  LYS LYS A . n 
A 1 105 ALA 105 93  93  ALA ALA A . n 
A 1 106 THR 106 94  94  THR THR A . n 
A 1 107 ASP 107 95  95  ASP ASP A . n 
A 1 108 ALA 108 96  96  ALA ALA A . n 
A 1 109 VAL 109 97  97  VAL VAL A . n 
A 1 110 ILE 110 98  98  ILE ILE A . n 
A 1 111 ALA 111 99  99  ALA ALA A . n 
A 1 112 PRO 112 100 100 PRO PRO A . n 
A 1 113 ARG 113 101 101 ARG ARG A . n 
A 1 114 LEU 114 102 102 LEU LEU A . n 
A 1 115 LYS 115 103 103 LYS LYS A . n 
A 1 116 SER 116 104 104 SER SER A . n 
A 1 117 LEU 117 105 105 LEU LEU A . n 
A 1 118 ASP 118 108 108 ASP ASP A . n 
A 1 119 GLU 119 109 109 GLU GLU A . n 
A 1 120 ILE 120 110 110 ILE ILE A . n 
A 1 121 LYS 121 111 111 LYS LYS A . n 
A 1 122 ASP 122 112 112 ASP ASP A . n 
A 1 123 LYS 123 113 113 LYS LYS A . n 
A 1 124 ALA 124 114 114 ALA ALA A . n 
A 1 125 LEU 125 115 115 LEU LEU A . n 
A 1 126 MET 126 116 116 MET MET A . n 
A 1 127 VAL 127 117 117 VAL VAL A . n 
A 1 128 HIS 128 118 118 HIS HIS A . n 
A 1 129 VAL 129 119 119 VAL VAL A . n 
A 1 130 GLY 130 120 120 GLY GLY A . n 
A 1 131 GLY 131 121 121 GLY GLY A . n 
A 1 132 ASP 132 122 122 ASP ASP A . n 
A 1 133 ASN 133 123 123 ASN ASN A . n 
A 1 134 MET 134 124 124 MET MET A . n 
A 1 135 SER 135 125 125 SER SER A . n 
A 1 136 ASP 136 130 130 ASP ASP A . n 
A 1 137 GLN 137 131 131 GLN GLN A . n 
A 1 138 PRO 138 132 132 PRO PRO A . n 
A 1 139 LYS 139 133 133 LYS LYS A . n 
A 1 140 PRO 140 134 134 PRO PRO A . n 
A 1 141 LEU 141 135 135 LEU LEU A . n 
A 1 142 GLY 142 136 136 GLY GLY A . n 
A 1 143 GLY 143 137 137 GLY GLY A . n 
A 1 144 GLY 144 138 138 GLY GLY A . n 
A 1 145 GLY 145 139 139 GLY GLY A . n 
A 1 146 GLU 146 140 140 GLU GLU A . n 
A 1 147 ARG 147 141 141 ARG ARG A . n 
A 1 148 TYR 148 142 142 TYR TYR A . n 
A 1 149 ALA 149 143 143 ALA ALA A . n 
A 1 150 CYS 150 144 144 CYS CYS A . n 
A 1 151 GLY 151 145 145 GLY GLY A . n 
A 1 152 VAL 152 146 146 VAL VAL A . n 
A 1 153 ILE 153 147 147 ILE ILE A . n 
A 1 154 LYS 154 148 148 LYS LYS A . n 
# 
loop_
_pdbx_nonpoly_scheme.asym_id 
_pdbx_nonpoly_scheme.entity_id 
_pdbx_nonpoly_scheme.mon_id 
_pdbx_nonpoly_scheme.ndb_seq_num 
_pdbx_nonpoly_scheme.pdb_seq_num 
_pdbx_nonpoly_scheme.auth_seq_num 
_pdbx_nonpoly_scheme.pdb_mon_id 
_pdbx_nonpoly_scheme.auth_mon_id 
_pdbx_nonpoly_scheme.pdb_strand_id 
_pdbx_nonpoly_scheme.pdb_ins_code 
B 2 ZN  1  149 149 ZN  ZN  A . 
C 3 CU  1  150 150 CU  CU  A . 
D 4 HOH 1  151 1   HOH HOH A . 
D 4 HOH 2  152 2   HOH HOH A . 
D 4 HOH 3  153 3   HOH HOH A . 
D 4 HOH 4  154 4   HOH HOH A . 
D 4 HOH 5  155 5   HOH HOH A . 
D 4 HOH 6  156 6   HOH HOH A . 
D 4 HOH 7  157 7   HOH HOH A . 
D 4 HOH 8  158 8   HOH HOH A . 
D 4 HOH 9  159 9   HOH HOH A . 
D 4 HOH 10 160 10  HOH HOH A . 
D 4 HOH 11 161 11  HOH HOH A . 
D 4 HOH 12 162 12  HOH HOH A . 
D 4 HOH 13 163 13  HOH HOH A . 
D 4 HOH 14 164 14  HOH HOH A . 
D 4 HOH 15 165 15  HOH HOH A . 
D 4 HOH 16 166 16  HOH HOH A . 
D 4 HOH 17 167 17  HOH HOH A . 
D 4 HOH 18 168 18  HOH HOH A . 
D 4 HOH 19 169 19  HOH HOH A . 
D 4 HOH 20 170 20  HOH HOH A . 
D 4 HOH 21 171 21  HOH HOH A . 
D 4 HOH 22 172 22  HOH HOH A . 
D 4 HOH 23 173 23  HOH HOH A . 
D 4 HOH 24 174 24  HOH HOH A . 
D 4 HOH 25 175 25  HOH HOH A . 
D 4 HOH 26 176 26  HOH HOH A . 
D 4 HOH 27 177 27  HOH HOH A . 
D 4 HOH 28 178 28  HOH HOH A . 
D 4 HOH 29 179 29  HOH HOH A . 
D 4 HOH 30 180 30  HOH HOH A . 
D 4 HOH 31 181 31  HOH HOH A . 
D 4 HOH 32 182 32  HOH HOH A . 
D 4 HOH 33 183 33  HOH HOH A . 
D 4 HOH 34 184 34  HOH HOH A . 
D 4 HOH 35 185 35  HOH HOH A . 
D 4 HOH 36 186 36  HOH HOH A . 
D 4 HOH 37 187 37  HOH HOH A . 
D 4 HOH 38 188 38  HOH HOH A . 
D 4 HOH 39 189 39  HOH HOH A . 
D 4 HOH 40 190 40  HOH HOH A . 
D 4 HOH 41 191 41  HOH HOH A . 
D 4 HOH 42 192 42  HOH HOH A . 
D 4 HOH 43 193 43  HOH HOH A . 
D 4 HOH 44 194 44  HOH HOH A . 
D 4 HOH 45 195 45  HOH HOH A . 
D 4 HOH 46 196 46  HOH HOH A . 
D 4 HOH 47 197 47  HOH HOH A . 
D 4 HOH 48 198 48  HOH HOH A . 
D 4 HOH 49 199 49  HOH HOH A . 
D 4 HOH 50 200 50  HOH HOH A . 
D 4 HOH 51 201 51  HOH HOH A . 
D 4 HOH 52 202 52  HOH HOH A . 
D 4 HOH 53 203 53  HOH HOH A . 
D 4 HOH 54 204 54  HOH HOH A . 
D 4 HOH 55 205 55  HOH HOH A . 
D 4 HOH 56 206 56  HOH HOH A . 
D 4 HOH 57 207 57  HOH HOH A . 
D 4 HOH 58 208 58  HOH HOH A . 
D 4 HOH 59 209 59  HOH HOH A . 
D 4 HOH 60 210 60  HOH HOH A . 
D 4 HOH 61 211 61  HOH HOH A . 
D 4 HOH 62 212 62  HOH HOH A . 
D 4 HOH 63 213 63  HOH HOH A . 
D 4 HOH 64 214 64  HOH HOH A . 
D 4 HOH 65 215 65  HOH HOH A . 
D 4 HOH 66 216 66  HOH HOH A . 
D 4 HOH 67 217 67  HOH HOH A . 
D 4 HOH 68 218 68  HOH HOH A . 
D 4 HOH 69 219 69  HOH HOH A . 
D 4 HOH 70 220 70  HOH HOH A . 
D 4 HOH 71 221 71  HOH HOH A . 
D 4 HOH 72 222 72  HOH HOH A . 
D 4 HOH 73 223 73  HOH HOH A . 
D 4 HOH 74 224 74  HOH HOH A . 
D 4 HOH 75 225 75  HOH HOH A . 
# 
loop_
_pdbx_unobs_or_zero_occ_atoms.id 
_pdbx_unobs_or_zero_occ_atoms.PDB_model_num 
_pdbx_unobs_or_zero_occ_atoms.polymer_flag 
_pdbx_unobs_or_zero_occ_atoms.occupancy_flag 
_pdbx_unobs_or_zero_occ_atoms.auth_asym_id 
_pdbx_unobs_or_zero_occ_atoms.auth_comp_id 
_pdbx_unobs_or_zero_occ_atoms.auth_seq_id 
_pdbx_unobs_or_zero_occ_atoms.PDB_ins_code 
_pdbx_unobs_or_zero_occ_atoms.auth_atom_id 
_pdbx_unobs_or_zero_occ_atoms.label_alt_id 
_pdbx_unobs_or_zero_occ_atoms.label_asym_id 
_pdbx_unobs_or_zero_occ_atoms.label_comp_id 
_pdbx_unobs_or_zero_occ_atoms.label_seq_id 
_pdbx_unobs_or_zero_occ_atoms.label_atom_id 
1  1 Y 0 A GLU 4   ? CG  ? A GLU 3   CG  
2  1 Y 0 A GLU 4   ? CD  ? A GLU 3   CD  
3  1 Y 0 A GLU 4   ? OE1 ? A GLU 3   OE1 
4  1 Y 0 A GLU 4   ? OE2 ? A GLU 3   OE2 
5  1 Y 0 A LYS 5   ? CG  ? A LYS 4   CG  
6  1 Y 0 A LYS 5   ? CD  ? A LYS 4   CD  
7  1 Y 0 A LYS 5   ? CE  ? A LYS 4   CE  
8  1 Y 0 A LYS 5   ? NZ  ? A LYS 4   NZ  
9  1 Y 0 A GLU 7   ? CG  ? A GLU 6   CG  
10 1 Y 0 A GLU 7   ? CD  ? A GLU 6   CD  
11 1 Y 0 A GLU 7   ? OE1 ? A GLU 6   OE1 
12 1 Y 0 A GLU 7   ? OE2 ? A GLU 6   OE2 
13 1 Y 0 A GLN 10  D CG  ? A GLN 13  CG  
14 1 Y 0 A GLN 10  D CD  ? A GLN 13  CD  
15 1 Y 0 A GLN 10  D OE1 ? A GLN 13  OE1 
16 1 Y 0 A GLN 10  D NE2 ? A GLN 13  NE2 
17 1 Y 0 A GLU 40  ? CG  ? A GLU 44  CG  
18 1 Y 0 A GLU 40  ? CD  ? A GLU 44  CD  
19 1 Y 0 A GLU 40  ? OE1 ? A GLU 44  OE1 
20 1 Y 0 A GLU 40  ? OE2 ? A GLU 44  OE2 
21 1 Y 0 A LYS 48  ? CE  ? A LYS 52  CE  
22 1 Y 0 A LYS 48  ? NZ  ? A LYS 52  NZ  
23 1 Y 0 A THR 54  ? CA  ? A THR 59  CA  
24 1 Y 0 A THR 54  ? C   ? A THR 59  C   
25 1 Y 0 A THR 54  ? O   ? A THR 59  O   
26 1 Y 0 A THR 54  ? CB  ? A THR 59  CB  
27 1 Y 0 A THR 54  ? OG1 ? A THR 59  OG1 
28 1 Y 0 A THR 54  ? CG2 ? A THR 59  CG2 
29 1 Y 0 A LYS 54  D CB  ? A LYS 63  CB  
30 1 Y 0 A LYS 54  D CG  ? A LYS 63  CG  
31 1 Y 0 A LYS 54  D CD  ? A LYS 63  CD  
32 1 Y 0 A LYS 54  D CE  ? A LYS 63  CE  
33 1 Y 0 A LYS 54  D NZ  ? A LYS 63  NZ  
34 1 Y 0 A GLN 65  ? CD  ? A GLN 77  CD  
35 1 Y 0 A GLN 65  ? OE1 ? A GLN 77  OE1 
36 1 Y 0 A GLN 65  ? NE2 ? A GLN 77  NE2 
37 1 Y 0 A ASN 66  ? OD1 ? A ASN 78  OD1 
38 1 Y 0 A ASN 89  ? OD1 ? A ASN 101 OD1 
39 1 Y 0 A ASP 108 ? OD2 ? A ASP 118 OD2 
40 1 Y 0 A LYS 113 ? NZ  ? A LYS 123 NZ  
41 1 Y 0 A LYS 133 ? CD  ? A LYS 139 CD  
42 1 Y 0 A LYS 133 ? CE  ? A LYS 139 CE  
43 1 Y 0 A LYS 133 ? NZ  ? A LYS 139 NZ  
44 1 Y 0 A GLU 140 ? CG  ? A GLU 146 CG  
45 1 Y 0 A GLU 140 ? CD  ? A GLU 146 CD  
46 1 Y 0 A GLU 140 ? OE1 ? A GLU 146 OE1 
47 1 Y 0 A GLU 140 ? OE2 ? A GLU 146 OE2 
48 1 Y 0 A LYS 148 ? CG  ? A LYS 154 CG  
49 1 Y 0 A LYS 148 ? CD  ? A LYS 154 CD  
50 1 Y 0 A LYS 148 ? CE  ? A LYS 154 CE  
51 1 Y 0 A LYS 148 ? NZ  ? A LYS 154 NZ  
# 
loop_
_software.name 
_software.classification 
_software.version 
_software.citation_id 
_software.pdbx_ordinal 
MOSFLM   'data reduction' .           ? 1 
ROTAVATA 'data reduction' .           ? 2 
Agrovata 'data reduction' .           ? 3 
AMoRE    phasing          .           ? 4 
TNT      refinement       5B          ? 5 
CCP4     'data scaling'   '(AGROVATA' ? 6 
ROTAVATA 'data scaling'   .           ? 7 
# 
_cell.entry_id           1ESO 
_cell.length_a           33.000 
_cell.length_b           52.400 
_cell.length_c           43.200 
_cell.angle_alpha        90.00 
_cell.angle_beta         111.20 
_cell.angle_gamma        90.00 
_cell.Z_PDB              2 
_cell.pdbx_unique_axis   ? 
# 
_symmetry.entry_id                         1ESO 
_symmetry.space_group_name_H-M             'P 1 21 1' 
_symmetry.pdbx_full_space_group_name_H-M   ? 
_symmetry.cell_setting                     ? 
_symmetry.Int_Tables_number                4 
# 
_exptl.entry_id          1ESO 
_exptl.method            'X-RAY DIFFRACTION' 
_exptl.crystals_number   1 
# 
_exptl_crystal.id                    1 
_exptl_crystal.density_meas          ? 
_exptl_crystal.density_Matthews      2.1 
_exptl_crystal.density_percent_sol   40. 
_exptl_crystal.description           ? 
# 
_exptl_crystal_grow.crystal_id      1 
_exptl_crystal_grow.method          ? 
_exptl_crystal_grow.temp            ? 
_exptl_crystal_grow.temp_details    ? 
_exptl_crystal_grow.pH              8.5 
_exptl_crystal_grow.pdbx_pH_range   ? 
_exptl_crystal_grow.pdbx_details    'PROTEIN WAS CRYSTALLIZED FROM 30% PEG 4000, 0.2 M MGCL2, 0.1 M TRIS, PH 8.5' 
# 
_diffrn.id                     1 
_diffrn.ambient_temp           295 
_diffrn.ambient_temp_details   ? 
_diffrn.crystal_id             1 
# 
_diffrn_detector.diffrn_id              1 
_diffrn_detector.detector               'IMAGE PLATE' 
_diffrn_detector.type                   'RIGAKU RAXIS IIC' 
_diffrn_detector.pdbx_collection_date   1996-04-07 
_diffrn_detector.details                'PINHOLE COLLIMATOR' 
# 
_diffrn_radiation.diffrn_id                        1 
_diffrn_radiation.wavelength_id                    1 
_diffrn_radiation.pdbx_monochromatic_or_laue_m_l   M 
_diffrn_radiation.monochromator                    'GRAPHITE(002)' 
_diffrn_radiation.pdbx_diffrn_protocol             ? 
_diffrn_radiation.pdbx_scattering_type             x-ray 
# 
_diffrn_radiation_wavelength.id           1 
_diffrn_radiation_wavelength.wavelength   1.5418 
_diffrn_radiation_wavelength.wt           1.0 
# 
_diffrn_source.diffrn_id                   1 
_diffrn_source.source                      'ROTATING ANODE' 
_diffrn_source.type                        'RIGAKU RUH2R' 
_diffrn_source.pdbx_synchrotron_site       ? 
_diffrn_source.pdbx_synchrotron_beamline   ? 
_diffrn_source.pdbx_wavelength             1.5418 
_diffrn_source.pdbx_wavelength_list        ? 
# 
_reflns.entry_id                     1ESO 
_reflns.observed_criterion_sigma_I   0.0 
_reflns.observed_criterion_sigma_F   ? 
_reflns.d_resolution_low             26.3 
_reflns.d_resolution_high            2.0 
_reflns.number_obs                   9044 
_reflns.number_all                   ? 
_reflns.percent_possible_obs         96.4 
_reflns.pdbx_Rmerge_I_obs            0.06 
_reflns.pdbx_Rsym_value              0.06 
_reflns.pdbx_netI_over_sigmaI        17. 
_reflns.B_iso_Wilson_estimate        ? 
_reflns.pdbx_redundancy              3.1 
_reflns.pdbx_diffrn_id               1 
_reflns.pdbx_ordinal                 1 
# 
_reflns_shell.d_res_high             2.0 
_reflns_shell.d_res_low              2.1 
_reflns_shell.percent_possible_all   87. 
_reflns_shell.Rmerge_I_obs           0.18 
_reflns_shell.pdbx_Rsym_value        0.07 
_reflns_shell.meanI_over_sigI_obs    3.5 
_reflns_shell.pdbx_redundancy        2.8 
_reflns_shell.pdbx_diffrn_id         ? 
_reflns_shell.pdbx_ordinal           1 
# 
_refine.entry_id                                 1ESO 
_refine.ls_number_reflns_obs                     9057 
_refine.ls_number_reflns_all                     8624 
_refine.pdbx_ls_sigma_I                          ? 
_refine.pdbx_ls_sigma_F                          0.0 
_refine.pdbx_data_cutoff_high_absF               ? 
_refine.pdbx_data_cutoff_low_absF                ? 
_refine.pdbx_data_cutoff_high_rms_absF           ? 
_refine.ls_d_res_low                             26.0 
_refine.ls_d_res_high                            2.0 
_refine.ls_percent_reflns_obs                    96.4 
_refine.ls_R_factor_obs                          ? 
_refine.ls_R_factor_all                          ? 
_refine.ls_R_factor_R_work                       0.168 
_refine.ls_R_factor_R_free                       0.26 
_refine.ls_R_factor_R_free_error                 ? 
_refine.ls_R_factor_R_free_error_details         ? 
_refine.ls_percent_reflns_R_free                 5.0 
_refine.ls_number_reflns_R_free                  433 
_refine.ls_number_parameters                     ? 
_refine.ls_number_restraints                     ? 
_refine.occupancy_min                            ? 
_refine.occupancy_max                            ? 
_refine.B_iso_mean                               ? 
_refine.aniso_B[1][1]                            ? 
_refine.aniso_B[2][2]                            ? 
_refine.aniso_B[3][3]                            ? 
_refine.aniso_B[1][2]                            ? 
_refine.aniso_B[1][3]                            ? 
_refine.aniso_B[2][3]                            ? 
_refine.solvent_model_details                    TNT 
_refine.solvent_model_param_ksol                 0.76 
_refine.solvent_model_param_bsol                 103.3 
_refine.pdbx_ls_cross_valid_method               ? 
_refine.details                                  ? 
_refine.pdbx_starting_model                      
;SUPEROXIDE DISMUTASE FROM P.LEIOGNATHI, SOLVED BY SIRAS IN THE DEPOSITORS' LAB
;
_refine.pdbx_method_to_determine_struct          'MOLECULAR REPLACEMENT' 
_refine.pdbx_isotropic_thermal_model             'TNT BCORREL' 
_refine.pdbx_stereochemistry_target_values       'TNT: ENGH-HUBER' 
_refine.pdbx_stereochem_target_val_spec_case     ? 
_refine.pdbx_R_Free_selection_details            ? 
_refine.pdbx_overall_ESU_R                       ? 
_refine.pdbx_overall_ESU_R_Free                  ? 
_refine.overall_SU_ML                            ? 
_refine.overall_SU_B                             ? 
_refine.pdbx_refine_id                           'X-RAY DIFFRACTION' 
_refine.pdbx_diffrn_id                           1 
_refine.pdbx_TLS_residual_ADP_flag               ? 
_refine.correlation_coeff_Fo_to_Fc               ? 
_refine.correlation_coeff_Fo_to_Fc_free          ? 
_refine.pdbx_solvent_vdw_probe_radii             ? 
_refine.pdbx_solvent_ion_probe_radii             ? 
_refine.pdbx_solvent_shrinkage_radii             ? 
_refine.pdbx_overall_phase_error                 ? 
_refine.overall_SU_R_Cruickshank_DPI             ? 
_refine.pdbx_overall_SU_R_free_Cruickshank_DPI   ? 
_refine.pdbx_overall_SU_R_Blow_DPI               ? 
_refine.pdbx_overall_SU_R_free_Blow_DPI          ? 
# 
_refine_hist.pdbx_refine_id                   'X-RAY DIFFRACTION' 
_refine_hist.cycle_id                         LAST 
_refine_hist.pdbx_number_atoms_protein        1103 
_refine_hist.pdbx_number_atoms_nucleic_acid   0 
_refine_hist.pdbx_number_atoms_ligand         2 
_refine_hist.number_atoms_solvent             75 
_refine_hist.number_atoms_total               1180 
_refine_hist.d_res_high                       2.0 
_refine_hist.d_res_low                        26.0 
# 
loop_
_refine_ls_restr.type 
_refine_ls_restr.dev_ideal 
_refine_ls_restr.dev_ideal_target 
_refine_ls_restr.weight 
_refine_ls_restr.number 
_refine_ls_restr.pdbx_refine_id 
_refine_ls_restr.pdbx_restraint_function 
t_bond_d           0.018 ? 6.0   1125 'X-RAY DIFFRACTION' ? 
t_angle_deg        2.78  ? 10.5  1510 'X-RAY DIFFRACTION' ? 
t_dihedral_angle_d 19.36 ? 0.0   695  'X-RAY DIFFRACTION' ? 
t_incorr_chiral_ct 0     ? ?     ?    'X-RAY DIFFRACTION' ? 
t_pseud_angle      ?     ? ?     ?    'X-RAY DIFFRACTION' ? 
t_trig_c_planes    0.018 ? 8.5   32   'X-RAY DIFFRACTION' ? 
t_gen_planes       0.019 ? 28.0  165  'X-RAY DIFFRACTION' ? 
t_it               4.7   ? 7.0   1125 'X-RAY DIFFRACTION' ? 
t_nbd              0.062 ? 0.062 13   'X-RAY DIFFRACTION' ? 
# 
_pdbx_refine.entry_id                                    1ESO 
_pdbx_refine.R_factor_all_no_cutoff                      ? 
_pdbx_refine.R_factor_obs_no_cutoff                      0.168 
_pdbx_refine.free_R_factor_no_cutoff                     0.263 
_pdbx_refine.free_R_val_test_set_size_perc_no_cutoff     5.0 
_pdbx_refine.free_R_val_test_set_ct_no_cutoff            433 
_pdbx_refine.R_factor_all_4sig_cutoff                    ? 
_pdbx_refine.R_factor_obs_4sig_cutoff                    ? 
_pdbx_refine.free_R_factor_4sig_cutoff                   ? 
_pdbx_refine.free_R_val_test_set_size_perc_4sig_cutoff   ? 
_pdbx_refine.free_R_val_test_set_ct_4sig_cutoff          ? 
_pdbx_refine.number_reflns_obs_4sig_cutoff               ? 
_pdbx_refine.pdbx_refine_id                              'X-RAY DIFFRACTION' 
_pdbx_refine.free_R_error_no_cutoff                      ? 
# 
_struct.entry_id                  1ESO 
_struct.title                     'MONOMERIC CU,ZN SUPEROXIDE DISMUTASE FROM ESCHERICHIA COLI' 
_struct.pdbx_model_details        ? 
_struct.pdbx_CASP_flag            ? 
_struct.pdbx_model_type_details   ? 
# 
_struct_keywords.entry_id        1ESO 
_struct_keywords.pdbx_keywords   OXIDOREDUCTASE 
_struct_keywords.text            
;OXIDOREDUCTASE, CU, ZN SUPEROXIDE DISMUTASE, MONOMERIC SUPEROXIDE DISMUTASE, COPPER ENZYMES, ENZYME EVOLUTION, X-RAY CRYSTAL STRUCTURE
;
# 
loop_
_struct_asym.id 
_struct_asym.pdbx_blank_PDB_chainid_flag 
_struct_asym.pdbx_modified 
_struct_asym.entity_id 
_struct_asym.details 
A N N 1 ? 
B N N 2 ? 
C N N 3 ? 
D N N 4 ? 
# 
_struct_ref.id                         1 
_struct_ref.db_name                    UNP 
_struct_ref.db_code                    SODC_ECOLI 
_struct_ref.entity_id                  1 
_struct_ref.pdbx_db_accession          P53635 
_struct_ref.pdbx_align_begin           1 
_struct_ref.pdbx_seq_one_letter_code   
;MKRFSLAILALVVATGAQAASEKVEMNLVTSQGVGQSIGSVTITETDKGLEFSPDLKALPPGEHGFHIHAKGSCQPATKD
GKASAAESAGGHLDPQNTGKHEGPEGAGHLGDLPALVVNNDGKATDAVIAPRLKSLDEIKDKALMVHVGGDNMSDQPKPL
GGGGERYACGVIK
;
_struct_ref.pdbx_db_isoform            ? 
# 
_struct_ref_seq.align_id                      1 
_struct_ref_seq.ref_id                        1 
_struct_ref_seq.pdbx_PDB_id_code              1ESO 
_struct_ref_seq.pdbx_strand_id                A 
_struct_ref_seq.seq_align_beg                 1 
_struct_ref_seq.pdbx_seq_align_beg_ins_code   ? 
_struct_ref_seq.seq_align_end                 154 
_struct_ref_seq.pdbx_seq_align_end_ins_code   ? 
_struct_ref_seq.pdbx_db_accession             P53635 
_struct_ref_seq.db_align_beg                  20 
_struct_ref_seq.pdbx_db_align_beg_ins_code    ? 
_struct_ref_seq.db_align_end                  173 
_struct_ref_seq.pdbx_db_align_end_ins_code    ? 
_struct_ref_seq.pdbx_auth_seq_align_beg       2 
_struct_ref_seq.pdbx_auth_seq_align_end       148 
# 
_pdbx_struct_assembly.id                   1 
_pdbx_struct_assembly.details              author_defined_assembly 
_pdbx_struct_assembly.method_details       ? 
_pdbx_struct_assembly.oligomeric_details   monomeric 
_pdbx_struct_assembly.oligomeric_count     1 
# 
_pdbx_struct_assembly_gen.assembly_id       1 
_pdbx_struct_assembly_gen.oper_expression   1 
_pdbx_struct_assembly_gen.asym_id_list      A,B,C,D 
# 
_pdbx_struct_oper_list.id                   1 
_pdbx_struct_oper_list.type                 'identity operation' 
_pdbx_struct_oper_list.name                 1_555 
_pdbx_struct_oper_list.symmetry_operation   x,y,z 
_pdbx_struct_oper_list.matrix[1][1]         1.0000000000 
_pdbx_struct_oper_list.matrix[1][2]         0.0000000000 
_pdbx_struct_oper_list.matrix[1][3]         0.0000000000 
_pdbx_struct_oper_list.vector[1]            0.0000000000 
_pdbx_struct_oper_list.matrix[2][1]         0.0000000000 
_pdbx_struct_oper_list.matrix[2][2]         1.0000000000 
_pdbx_struct_oper_list.matrix[2][3]         0.0000000000 
_pdbx_struct_oper_list.vector[2]            0.0000000000 
_pdbx_struct_oper_list.matrix[3][1]         0.0000000000 
_pdbx_struct_oper_list.matrix[3][2]         0.0000000000 
_pdbx_struct_oper_list.matrix[3][3]         1.0000000000 
_pdbx_struct_oper_list.vector[3]            0.0000000000 
# 
_struct_biol.id   1 
# 
loop_
_struct_conf.conf_type_id 
_struct_conf.id 
_struct_conf.pdbx_PDB_helix_id 
_struct_conf.beg_label_comp_id 
_struct_conf.beg_label_asym_id 
_struct_conf.beg_label_seq_id 
_struct_conf.pdbx_beg_PDB_ins_code 
_struct_conf.end_label_comp_id 
_struct_conf.end_label_asym_id 
_struct_conf.end_label_seq_id 
_struct_conf.pdbx_end_PDB_ins_code 
_struct_conf.beg_auth_comp_id 
_struct_conf.beg_auth_asym_id 
_struct_conf.beg_auth_seq_id 
_struct_conf.end_auth_comp_id 
_struct_conf.end_auth_asym_id 
_struct_conf.end_auth_seq_id 
_struct_conf.pdbx_PDB_helix_class 
_struct_conf.details 
_struct_conf.pdbx_PDB_helix_length 
HELX_P HELX_P1 1 ALA A 67  ? GLY A 71  ? ALA A 55  GLY A 59  5 ? 5 
HELX_P HELX_P2 2 SER A 116 ? LYS A 121 ? SER A 104 LYS A 111 5 ? 6 
HELX_P HELX_P3 3 PRO A 140 ? GLY A 143 ? PRO A 134 GLY A 137 5 ? 4 
# 
_struct_conf_type.id          HELX_P 
_struct_conf_type.criteria    ? 
_struct_conf_type.reference   ? 
# 
loop_
_struct_conn.id 
_struct_conn.conn_type_id 
_struct_conn.pdbx_leaving_atom_flag 
_struct_conn.pdbx_PDB_id 
_struct_conn.ptnr1_label_asym_id 
_struct_conn.ptnr1_label_comp_id 
_struct_conn.ptnr1_label_seq_id 
_struct_conn.ptnr1_label_atom_id 
_struct_conn.pdbx_ptnr1_label_alt_id 
_struct_conn.pdbx_ptnr1_PDB_ins_code 
_struct_conn.pdbx_ptnr1_standard_comp_id 
_struct_conn.ptnr1_symmetry 
_struct_conn.ptnr2_label_asym_id 
_struct_conn.ptnr2_label_comp_id 
_struct_conn.ptnr2_label_seq_id 
_struct_conn.ptnr2_label_atom_id 
_struct_conn.pdbx_ptnr2_label_alt_id 
_struct_conn.pdbx_ptnr2_PDB_ins_code 
_struct_conn.ptnr1_auth_asym_id 
_struct_conn.ptnr1_auth_comp_id 
_struct_conn.ptnr1_auth_seq_id 
_struct_conn.ptnr2_auth_asym_id 
_struct_conn.ptnr2_auth_comp_id 
_struct_conn.ptnr2_auth_seq_id 
_struct_conn.ptnr2_symmetry 
_struct_conn.pdbx_ptnr3_label_atom_id 
_struct_conn.pdbx_ptnr3_label_seq_id 
_struct_conn.pdbx_ptnr3_label_comp_id 
_struct_conn.pdbx_ptnr3_label_asym_id 
_struct_conn.pdbx_ptnr3_label_alt_id 
_struct_conn.pdbx_ptnr3_PDB_ins_code 
_struct_conn.details 
_struct_conn.pdbx_dist_value 
_struct_conn.pdbx_value_order 
_struct_conn.pdbx_role 
disulf1 disulf ? ? A CYS 55  SG  ? A ? 1_555 A CYS 150 SG ? ? A CYS 50  A CYS 144 1_555 ? ? ? ? ? ? ? 1.989 ? ? 
metalc1 metalc ? ? A HIS 48  ND1 ? ? ? 1_555 C CU  .   CU ? ? A HIS 44  A CU  150 1_555 ? ? ? ? ? ? ? 2.186 ? ? 
metalc2 metalc ? ? A HIS 50  NE2 ? ? ? 1_555 C CU  .   CU ? ? A HIS 46  A CU  150 1_555 ? ? ? ? ? ? ? 2.092 ? ? 
metalc3 metalc ? ? A HIS 73  ND1 ? ? ? 1_555 B ZN  .   ZN ? ? A HIS 61  A ZN  149 1_555 ? ? ? ? ? ? ? 2.135 ? ? 
metalc4 metalc ? ? A HIS 73  NE2 ? ? ? 1_555 C CU  .   CU ? ? A HIS 61  A CU  150 1_555 ? ? ? ? ? ? ? 2.651 ? ? 
metalc5 metalc ? ? A HIS 82  ND1 ? ? ? 1_555 B ZN  .   ZN ? ? A HIS 69  A ZN  149 1_555 ? ? ? ? ? ? ? 1.978 ? ? 
metalc6 metalc ? ? A HIS 90  ND1 ? ? ? 1_555 B ZN  .   ZN ? ? A HIS 78  A ZN  149 1_555 ? ? ? ? ? ? ? 1.931 ? ? 
metalc7 metalc ? ? A ASP 93  OD1 ? ? ? 1_555 B ZN  .   ZN ? ? A ASP 81  A ZN  149 1_555 ? ? ? ? ? ? ? 2.067 ? ? 
metalc8 metalc ? ? A HIS 128 NE2 ? ? ? 1_555 C CU  .   CU ? ? A HIS 118 A CU  150 1_555 ? ? ? ? ? ? ? 2.112 ? ? 
# 
loop_
_struct_conn_type.id 
_struct_conn_type.criteria 
_struct_conn_type.reference 
disulf ? ? 
metalc ? ? 
# 
loop_
_pdbx_struct_conn_angle.id 
_pdbx_struct_conn_angle.ptnr1_label_atom_id 
_pdbx_struct_conn_angle.ptnr1_label_alt_id 
_pdbx_struct_conn_angle.ptnr1_label_asym_id 
_pdbx_struct_conn_angle.ptnr1_label_comp_id 
_pdbx_struct_conn_angle.ptnr1_label_seq_id 
_pdbx_struct_conn_angle.ptnr1_auth_atom_id 
_pdbx_struct_conn_angle.ptnr1_auth_asym_id 
_pdbx_struct_conn_angle.ptnr1_auth_comp_id 
_pdbx_struct_conn_angle.ptnr1_auth_seq_id 
_pdbx_struct_conn_angle.ptnr1_PDB_ins_code 
_pdbx_struct_conn_angle.ptnr1_symmetry 
_pdbx_struct_conn_angle.ptnr2_label_atom_id 
_pdbx_struct_conn_angle.ptnr2_label_alt_id 
_pdbx_struct_conn_angle.ptnr2_label_asym_id 
_pdbx_struct_conn_angle.ptnr2_label_comp_id 
_pdbx_struct_conn_angle.ptnr2_label_seq_id 
_pdbx_struct_conn_angle.ptnr2_auth_atom_id 
_pdbx_struct_conn_angle.ptnr2_auth_asym_id 
_pdbx_struct_conn_angle.ptnr2_auth_comp_id 
_pdbx_struct_conn_angle.ptnr2_auth_seq_id 
_pdbx_struct_conn_angle.ptnr2_PDB_ins_code 
_pdbx_struct_conn_angle.ptnr2_symmetry 
_pdbx_struct_conn_angle.ptnr3_label_atom_id 
_pdbx_struct_conn_angle.ptnr3_label_alt_id 
_pdbx_struct_conn_angle.ptnr3_label_asym_id 
_pdbx_struct_conn_angle.ptnr3_label_comp_id 
_pdbx_struct_conn_angle.ptnr3_label_seq_id 
_pdbx_struct_conn_angle.ptnr3_auth_atom_id 
_pdbx_struct_conn_angle.ptnr3_auth_asym_id 
_pdbx_struct_conn_angle.ptnr3_auth_comp_id 
_pdbx_struct_conn_angle.ptnr3_auth_seq_id 
_pdbx_struct_conn_angle.ptnr3_PDB_ins_code 
_pdbx_struct_conn_angle.ptnr3_symmetry 
_pdbx_struct_conn_angle.value 
_pdbx_struct_conn_angle.value_esd 
1  ND1 ? A HIS 48 ? A HIS 44 ? 1_555 CU ? C CU . ? A CU 150 ? 1_555 NE2 ? A HIS 50  ? A HIS 46  ? 1_555 148.8 ? 
2  ND1 ? A HIS 48 ? A HIS 44 ? 1_555 CU ? C CU . ? A CU 150 ? 1_555 NE2 ? A HIS 73  ? A HIS 61  ? 1_555 72.7  ? 
3  NE2 ? A HIS 50 ? A HIS 46 ? 1_555 CU ? C CU . ? A CU 150 ? 1_555 NE2 ? A HIS 73  ? A HIS 61  ? 1_555 96.8  ? 
4  ND1 ? A HIS 48 ? A HIS 44 ? 1_555 CU ? C CU . ? A CU 150 ? 1_555 NE2 ? A HIS 128 ? A HIS 118 ? 1_555 97.6  ? 
5  NE2 ? A HIS 50 ? A HIS 46 ? 1_555 CU ? C CU . ? A CU 150 ? 1_555 NE2 ? A HIS 128 ? A HIS 118 ? 1_555 111.7 ? 
6  NE2 ? A HIS 73 ? A HIS 61 ? 1_555 CU ? C CU . ? A CU 150 ? 1_555 NE2 ? A HIS 128 ? A HIS 118 ? 1_555 126.6 ? 
7  ND1 ? A HIS 73 ? A HIS 61 ? 1_555 ZN ? B ZN . ? A ZN 149 ? 1_555 ND1 ? A HIS 82  ? A HIS 69  ? 1_555 108.8 ? 
8  ND1 ? A HIS 73 ? A HIS 61 ? 1_555 ZN ? B ZN . ? A ZN 149 ? 1_555 ND1 ? A HIS 90  ? A HIS 78  ? 1_555 107.4 ? 
9  ND1 ? A HIS 82 ? A HIS 69 ? 1_555 ZN ? B ZN . ? A ZN 149 ? 1_555 ND1 ? A HIS 90  ? A HIS 78  ? 1_555 113.3 ? 
10 ND1 ? A HIS 73 ? A HIS 61 ? 1_555 ZN ? B ZN . ? A ZN 149 ? 1_555 OD1 ? A ASP 93  ? A ASP 81  ? 1_555 115.3 ? 
11 ND1 ? A HIS 82 ? A HIS 69 ? 1_555 ZN ? B ZN . ? A ZN 149 ? 1_555 OD1 ? A ASP 93  ? A ASP 81  ? 1_555 106.9 ? 
12 ND1 ? A HIS 90 ? A HIS 78 ? 1_555 ZN ? B ZN . ? A ZN 149 ? 1_555 OD1 ? A ASP 93  ? A ASP 81  ? 1_555 105.4 ? 
# 
_pdbx_modification_feature.ordinal                            1 
_pdbx_modification_feature.label_comp_id                      CYS 
_pdbx_modification_feature.label_asym_id                      A 
_pdbx_modification_feature.label_seq_id                       55 
_pdbx_modification_feature.label_alt_id                       ? 
_pdbx_modification_feature.modified_residue_label_comp_id     CYS 
_pdbx_modification_feature.modified_residue_label_asym_id     A 
_pdbx_modification_feature.modified_residue_label_seq_id      150 
_pdbx_modification_feature.modified_residue_label_alt_id      ? 
_pdbx_modification_feature.auth_comp_id                       CYS 
_pdbx_modification_feature.auth_asym_id                       A 
_pdbx_modification_feature.auth_seq_id                        50 
_pdbx_modification_feature.PDB_ins_code                       A 
_pdbx_modification_feature.symmetry                           1_555 
_pdbx_modification_feature.modified_residue_auth_comp_id      CYS 
_pdbx_modification_feature.modified_residue_auth_asym_id      A 
_pdbx_modification_feature.modified_residue_auth_seq_id       144 
_pdbx_modification_feature.modified_residue_PDB_ins_code      ? 
_pdbx_modification_feature.modified_residue_symmetry          1_555 
_pdbx_modification_feature.comp_id_linking_atom               SG 
_pdbx_modification_feature.modified_residue_id_linking_atom   SG 
_pdbx_modification_feature.modified_residue_id                . 
_pdbx_modification_feature.ref_pcm_id                         . 
_pdbx_modification_feature.ref_comp_id                        . 
_pdbx_modification_feature.type                               None 
_pdbx_modification_feature.category                           'Disulfide bridge' 
# 
_struct_mon_prot_cis.pdbx_id                1 
_struct_mon_prot_cis.label_comp_id          GLN 
_struct_mon_prot_cis.label_seq_id           137 
_struct_mon_prot_cis.label_asym_id          A 
_struct_mon_prot_cis.label_alt_id           . 
_struct_mon_prot_cis.pdbx_PDB_ins_code      ? 
_struct_mon_prot_cis.auth_comp_id           GLN 
_struct_mon_prot_cis.auth_seq_id            131 
_struct_mon_prot_cis.auth_asym_id           A 
_struct_mon_prot_cis.pdbx_label_comp_id_2   PRO 
_struct_mon_prot_cis.pdbx_label_seq_id_2    138 
_struct_mon_prot_cis.pdbx_label_asym_id_2   A 
_struct_mon_prot_cis.pdbx_PDB_ins_code_2    ? 
_struct_mon_prot_cis.pdbx_auth_comp_id_2    PRO 
_struct_mon_prot_cis.pdbx_auth_seq_id_2     132 
_struct_mon_prot_cis.pdbx_auth_asym_id_2    A 
_struct_mon_prot_cis.pdbx_PDB_model_num     1 
_struct_mon_prot_cis.pdbx_omega_angle       2.33 
# 
loop_
_struct_sheet.id 
_struct_sheet.type 
_struct_sheet.number_strands 
_struct_sheet.details 
A ? 4 ? 
B ? 2 ? 
C ? 2 ? 
# 
loop_
_struct_sheet_order.sheet_id 
_struct_sheet_order.range_id_1 
_struct_sheet_order.range_id_2 
_struct_sheet_order.offset 
_struct_sheet_order.sense 
A 1 2 ? anti-parallel 
A 2 3 ? anti-parallel 
A 3 4 ? anti-parallel 
B 1 2 ? anti-parallel 
C 1 2 ? anti-parallel 
# 
loop_
_struct_sheet_range.sheet_id 
_struct_sheet_range.id 
_struct_sheet_range.beg_label_comp_id 
_struct_sheet_range.beg_label_asym_id 
_struct_sheet_range.beg_label_seq_id 
_struct_sheet_range.pdbx_beg_PDB_ins_code 
_struct_sheet_range.end_label_comp_id 
_struct_sheet_range.end_label_asym_id 
_struct_sheet_range.end_label_seq_id 
_struct_sheet_range.pdbx_end_PDB_ins_code 
_struct_sheet_range.beg_auth_comp_id 
_struct_sheet_range.beg_auth_asym_id 
_struct_sheet_range.beg_auth_seq_id 
_struct_sheet_range.end_auth_comp_id 
_struct_sheet_range.end_auth_asym_id 
_struct_sheet_range.end_auth_seq_id 
A 1 VAL A 109 ? ALA A 111 ? VAL A 97  ALA A 99  
A 2 GLY A 30  ? LEU A 37  ? GLY A 26  LEU A 33  
A 3 GLY A 14  E THR A 27  ? GLY A 10  THR A 23  
A 4 SER A 2   ? THR A 11  B SER A 3   THR A 10  
B 1 GLY A 43  ? HIS A 50  ? GLY A 39  HIS A 46  
B 2 LEU A 97  ? VAL A 99  ? LEU A 85  VAL A 87  
C 1 LYS A 123 ? HIS A 128 ? LYS A 113 HIS A 118 
C 2 ARG A 147 ? ILE A 153 ? ARG A 141 ILE A 147 
# 
loop_
_pdbx_struct_sheet_hbond.sheet_id 
_pdbx_struct_sheet_hbond.range_id_1 
_pdbx_struct_sheet_hbond.range_id_2 
_pdbx_struct_sheet_hbond.range_1_label_atom_id 
_pdbx_struct_sheet_hbond.range_1_label_comp_id 
_pdbx_struct_sheet_hbond.range_1_label_asym_id 
_pdbx_struct_sheet_hbond.range_1_label_seq_id 
_pdbx_struct_sheet_hbond.range_1_PDB_ins_code 
_pdbx_struct_sheet_hbond.range_1_auth_atom_id 
_pdbx_struct_sheet_hbond.range_1_auth_comp_id 
_pdbx_struct_sheet_hbond.range_1_auth_asym_id 
_pdbx_struct_sheet_hbond.range_1_auth_seq_id 
_pdbx_struct_sheet_hbond.range_2_label_atom_id 
_pdbx_struct_sheet_hbond.range_2_label_comp_id 
_pdbx_struct_sheet_hbond.range_2_label_asym_id 
_pdbx_struct_sheet_hbond.range_2_label_seq_id 
_pdbx_struct_sheet_hbond.range_2_PDB_ins_code 
_pdbx_struct_sheet_hbond.range_2_auth_atom_id 
_pdbx_struct_sheet_hbond.range_2_auth_comp_id 
_pdbx_struct_sheet_hbond.range_2_auth_asym_id 
_pdbx_struct_sheet_hbond.range_2_auth_seq_id 
A 1 2 O VAL A 109 ? O VAL A 97  N PHE A 33  ? N PHE A 29  
A 2 3 O GLY A 30  ? O GLY A 26  N THR A 27  ? N THR A 23  
A 3 4 O ILE A 19  ? O ILE A 15  N MET A 7   ? N MET A 8   
B 1 2 O GLY A 43  ? O GLY A 39  N VAL A 99  ? N VAL A 87  
C 1 2 O LYS A 123 ? O LYS A 113 N ILE A 153 ? N ILE A 147 
# 
loop_
_struct_site.id 
_struct_site.pdbx_evidence_code 
_struct_site.pdbx_auth_asym_id 
_struct_site.pdbx_auth_comp_id 
_struct_site.pdbx_auth_seq_id 
_struct_site.pdbx_auth_ins_code 
_struct_site.pdbx_num_residues 
_struct_site.details 
CUL Unknown  ? ?  ?   ? 4 'CU LIGANDS.'                       
ZNL Unknown  ? ?  ?   ? 4 'ZN LIGANDS.'                       
AC1 Software A ZN 149 ? 4 'BINDING SITE FOR RESIDUE ZN A 149' 
AC2 Software A CU 150 ? 4 'BINDING SITE FOR RESIDUE CU A 150' 
# 
loop_
_struct_site_gen.id 
_struct_site_gen.site_id 
_struct_site_gen.pdbx_num_res 
_struct_site_gen.label_comp_id 
_struct_site_gen.label_asym_id 
_struct_site_gen.label_seq_id 
_struct_site_gen.pdbx_auth_ins_code 
_struct_site_gen.auth_comp_id 
_struct_site_gen.auth_asym_id 
_struct_site_gen.auth_seq_id 
_struct_site_gen.label_atom_id 
_struct_site_gen.label_alt_id 
_struct_site_gen.symmetry 
_struct_site_gen.details 
1  CUL 4 HIS A 48  ? HIS A 44  . ? 1_555 ? 
2  CUL 4 HIS A 50  ? HIS A 46  . ? 1_555 ? 
3  CUL 4 HIS A 73  ? HIS A 61  . ? 1_555 ? 
4  CUL 4 HIS A 128 ? HIS A 118 . ? 1_555 ? 
5  ZNL 4 HIS A 73  ? HIS A 61  . ? 1_555 ? 
6  ZNL 4 HIS A 82  ? HIS A 69  . ? 1_555 ? 
7  ZNL 4 HIS A 90  ? HIS A 78  . ? 1_555 ? 
8  ZNL 4 ASP A 93  ? ASP A 81  . ? 1_555 ? 
9  AC1 4 HIS A 73  ? HIS A 61  . ? 1_555 ? 
10 AC1 4 HIS A 82  ? HIS A 69  . ? 1_555 ? 
11 AC1 4 HIS A 90  ? HIS A 78  . ? 1_555 ? 
12 AC1 4 ASP A 93  ? ASP A 81  . ? 1_555 ? 
13 AC2 4 HIS A 48  ? HIS A 44  . ? 1_555 ? 
14 AC2 4 HIS A 50  ? HIS A 46  . ? 1_555 ? 
15 AC2 4 HIS A 73  ? HIS A 61  . ? 1_555 ? 
16 AC2 4 HIS A 128 ? HIS A 118 . ? 1_555 ? 
# 
_pdbx_entry_details.entry_id                   1ESO 
_pdbx_entry_details.compound_details           ? 
_pdbx_entry_details.source_details             ? 
_pdbx_entry_details.nonpolymer_details         ? 
_pdbx_entry_details.sequence_details           ? 
_pdbx_entry_details.has_ligand_of_interest     ? 
_pdbx_entry_details.has_protein_modification   Y 
# 
_pdbx_validate_rmsd_angle.id                         1 
_pdbx_validate_rmsd_angle.PDB_model_num              1 
_pdbx_validate_rmsd_angle.auth_atom_id_1             CG 
_pdbx_validate_rmsd_angle.auth_asym_id_1             A 
_pdbx_validate_rmsd_angle.auth_comp_id_1             MET 
_pdbx_validate_rmsd_angle.auth_seq_id_1              124 
_pdbx_validate_rmsd_angle.PDB_ins_code_1             ? 
_pdbx_validate_rmsd_angle.label_alt_id_1             ? 
_pdbx_validate_rmsd_angle.auth_atom_id_2             SD 
_pdbx_validate_rmsd_angle.auth_asym_id_2             A 
_pdbx_validate_rmsd_angle.auth_comp_id_2             MET 
_pdbx_validate_rmsd_angle.auth_seq_id_2              124 
_pdbx_validate_rmsd_angle.PDB_ins_code_2             ? 
_pdbx_validate_rmsd_angle.label_alt_id_2             ? 
_pdbx_validate_rmsd_angle.auth_atom_id_3             CE 
_pdbx_validate_rmsd_angle.auth_asym_id_3             A 
_pdbx_validate_rmsd_angle.auth_comp_id_3             MET 
_pdbx_validate_rmsd_angle.auth_seq_id_3              124 
_pdbx_validate_rmsd_angle.PDB_ins_code_3             ? 
_pdbx_validate_rmsd_angle.label_alt_id_3             ? 
_pdbx_validate_rmsd_angle.angle_value                110.21 
_pdbx_validate_rmsd_angle.angle_target_value         100.20 
_pdbx_validate_rmsd_angle.angle_deviation            10.01 
_pdbx_validate_rmsd_angle.angle_standard_deviation   1.60 
_pdbx_validate_rmsd_angle.linker_flag                N 
# 
loop_
_pdbx_validate_torsion.id 
_pdbx_validate_torsion.PDB_model_num 
_pdbx_validate_torsion.auth_comp_id 
_pdbx_validate_torsion.auth_asym_id 
_pdbx_validate_torsion.auth_seq_id 
_pdbx_validate_torsion.PDB_ins_code 
_pdbx_validate_torsion.label_alt_id 
_pdbx_validate_torsion.phi 
_pdbx_validate_torsion.psi 
1 1 ASP A 54 B ? 124.07  61.43   
2 1 LYS A 54 D ? 161.97  -170.12 
3 1 ASP A 63 ? ? -158.82 67.95   
# 
loop_
_pdbx_unobs_or_zero_occ_residues.id 
_pdbx_unobs_or_zero_occ_residues.PDB_model_num 
_pdbx_unobs_or_zero_occ_residues.polymer_flag 
_pdbx_unobs_or_zero_occ_residues.occupancy_flag 
_pdbx_unobs_or_zero_occ_residues.auth_asym_id 
_pdbx_unobs_or_zero_occ_residues.auth_comp_id 
_pdbx_unobs_or_zero_occ_residues.auth_seq_id 
_pdbx_unobs_or_zero_occ_residues.PDB_ins_code 
_pdbx_unobs_or_zero_occ_residues.label_asym_id 
_pdbx_unobs_or_zero_occ_residues.label_comp_id 
_pdbx_unobs_or_zero_occ_residues.label_seq_id 
1 1 Y 0 A LYS 54 A A LYS 60 
2 1 Y 0 A ASP 54 B A ASP 61 
3 1 Y 0 A GLY 54 C A GLY 62 
# 
loop_
_chem_comp_atom.comp_id 
_chem_comp_atom.atom_id 
_chem_comp_atom.type_symbol 
_chem_comp_atom.pdbx_aromatic_flag 
_chem_comp_atom.pdbx_stereo_config 
_chem_comp_atom.pdbx_ordinal 
ALA N    N  N N 1   
ALA CA   C  N S 2   
ALA C    C  N N 3   
ALA O    O  N N 4   
ALA CB   C  N N 5   
ALA OXT  O  N N 6   
ALA H    H  N N 7   
ALA H2   H  N N 8   
ALA HA   H  N N 9   
ALA HB1  H  N N 10  
ALA HB2  H  N N 11  
ALA HB3  H  N N 12  
ALA HXT  H  N N 13  
ARG N    N  N N 14  
ARG CA   C  N S 15  
ARG C    C  N N 16  
ARG O    O  N N 17  
ARG CB   C  N N 18  
ARG CG   C  N N 19  
ARG CD   C  N N 20  
ARG NE   N  N N 21  
ARG CZ   C  N N 22  
ARG NH1  N  N N 23  
ARG NH2  N  N N 24  
ARG OXT  O  N N 25  
ARG H    H  N N 26  
ARG H2   H  N N 27  
ARG HA   H  N N 28  
ARG HB2  H  N N 29  
ARG HB3  H  N N 30  
ARG HG2  H  N N 31  
ARG HG3  H  N N 32  
ARG HD2  H  N N 33  
ARG HD3  H  N N 34  
ARG HE   H  N N 35  
ARG HH11 H  N N 36  
ARG HH12 H  N N 37  
ARG HH21 H  N N 38  
ARG HH22 H  N N 39  
ARG HXT  H  N N 40  
ASN N    N  N N 41  
ASN CA   C  N S 42  
ASN C    C  N N 43  
ASN O    O  N N 44  
ASN CB   C  N N 45  
ASN CG   C  N N 46  
ASN OD1  O  N N 47  
ASN ND2  N  N N 48  
ASN OXT  O  N N 49  
ASN H    H  N N 50  
ASN H2   H  N N 51  
ASN HA   H  N N 52  
ASN HB2  H  N N 53  
ASN HB3  H  N N 54  
ASN HD21 H  N N 55  
ASN HD22 H  N N 56  
ASN HXT  H  N N 57  
ASP N    N  N N 58  
ASP CA   C  N S 59  
ASP C    C  N N 60  
ASP O    O  N N 61  
ASP CB   C  N N 62  
ASP CG   C  N N 63  
ASP OD1  O  N N 64  
ASP OD2  O  N N 65  
ASP OXT  O  N N 66  
ASP H    H  N N 67  
ASP H2   H  N N 68  
ASP HA   H  N N 69  
ASP HB2  H  N N 70  
ASP HB3  H  N N 71  
ASP HD2  H  N N 72  
ASP HXT  H  N N 73  
CU  CU   CU N N 74  
CYS N    N  N N 75  
CYS CA   C  N R 76  
CYS C    C  N N 77  
CYS O    O  N N 78  
CYS CB   C  N N 79  
CYS SG   S  N N 80  
CYS OXT  O  N N 81  
CYS H    H  N N 82  
CYS H2   H  N N 83  
CYS HA   H  N N 84  
CYS HB2  H  N N 85  
CYS HB3  H  N N 86  
CYS HG   H  N N 87  
CYS HXT  H  N N 88  
GLN N    N  N N 89  
GLN CA   C  N S 90  
GLN C    C  N N 91  
GLN O    O  N N 92  
GLN CB   C  N N 93  
GLN CG   C  N N 94  
GLN CD   C  N N 95  
GLN OE1  O  N N 96  
GLN NE2  N  N N 97  
GLN OXT  O  N N 98  
GLN H    H  N N 99  
GLN H2   H  N N 100 
GLN HA   H  N N 101 
GLN HB2  H  N N 102 
GLN HB3  H  N N 103 
GLN HG2  H  N N 104 
GLN HG3  H  N N 105 
GLN HE21 H  N N 106 
GLN HE22 H  N N 107 
GLN HXT  H  N N 108 
GLU N    N  N N 109 
GLU CA   C  N S 110 
GLU C    C  N N 111 
GLU O    O  N N 112 
GLU CB   C  N N 113 
GLU CG   C  N N 114 
GLU CD   C  N N 115 
GLU OE1  O  N N 116 
GLU OE2  O  N N 117 
GLU OXT  O  N N 118 
GLU H    H  N N 119 
GLU H2   H  N N 120 
GLU HA   H  N N 121 
GLU HB2  H  N N 122 
GLU HB3  H  N N 123 
GLU HG2  H  N N 124 
GLU HG3  H  N N 125 
GLU HE2  H  N N 126 
GLU HXT  H  N N 127 
GLY N    N  N N 128 
GLY CA   C  N N 129 
GLY C    C  N N 130 
GLY O    O  N N 131 
GLY OXT  O  N N 132 
GLY H    H  N N 133 
GLY H2   H  N N 134 
GLY HA2  H  N N 135 
GLY HA3  H  N N 136 
GLY HXT  H  N N 137 
HIS N    N  N N 138 
HIS CA   C  N S 139 
HIS C    C  N N 140 
HIS O    O  N N 141 
HIS CB   C  N N 142 
HIS CG   C  Y N 143 
HIS ND1  N  Y N 144 
HIS CD2  C  Y N 145 
HIS CE1  C  Y N 146 
HIS NE2  N  Y N 147 
HIS OXT  O  N N 148 
HIS H    H  N N 149 
HIS H2   H  N N 150 
HIS HA   H  N N 151 
HIS HB2  H  N N 152 
HIS HB3  H  N N 153 
HIS HD1  H  N N 154 
HIS HD2  H  N N 155 
HIS HE1  H  N N 156 
HIS HE2  H  N N 157 
HIS HXT  H  N N 158 
HOH O    O  N N 159 
HOH H1   H  N N 160 
HOH H2   H  N N 161 
ILE N    N  N N 162 
ILE CA   C  N S 163 
ILE C    C  N N 164 
ILE O    O  N N 165 
ILE CB   C  N S 166 
ILE CG1  C  N N 167 
ILE CG2  C  N N 168 
ILE CD1  C  N N 169 
ILE OXT  O  N N 170 
ILE H    H  N N 171 
ILE H2   H  N N 172 
ILE HA   H  N N 173 
ILE HB   H  N N 174 
ILE HG12 H  N N 175 
ILE HG13 H  N N 176 
ILE HG21 H  N N 177 
ILE HG22 H  N N 178 
ILE HG23 H  N N 179 
ILE HD11 H  N N 180 
ILE HD12 H  N N 181 
ILE HD13 H  N N 182 
ILE HXT  H  N N 183 
LEU N    N  N N 184 
LEU CA   C  N S 185 
LEU C    C  N N 186 
LEU O    O  N N 187 
LEU CB   C  N N 188 
LEU CG   C  N N 189 
LEU CD1  C  N N 190 
LEU CD2  C  N N 191 
LEU OXT  O  N N 192 
LEU H    H  N N 193 
LEU H2   H  N N 194 
LEU HA   H  N N 195 
LEU HB2  H  N N 196 
LEU HB3  H  N N 197 
LEU HG   H  N N 198 
LEU HD11 H  N N 199 
LEU HD12 H  N N 200 
LEU HD13 H  N N 201 
LEU HD21 H  N N 202 
LEU HD22 H  N N 203 
LEU HD23 H  N N 204 
LEU HXT  H  N N 205 
LYS N    N  N N 206 
LYS CA   C  N S 207 
LYS C    C  N N 208 
LYS O    O  N N 209 
LYS CB   C  N N 210 
LYS CG   C  N N 211 
LYS CD   C  N N 212 
LYS CE   C  N N 213 
LYS NZ   N  N N 214 
LYS OXT  O  N N 215 
LYS H    H  N N 216 
LYS H2   H  N N 217 
LYS HA   H  N N 218 
LYS HB2  H  N N 219 
LYS HB3  H  N N 220 
LYS HG2  H  N N 221 
LYS HG3  H  N N 222 
LYS HD2  H  N N 223 
LYS HD3  H  N N 224 
LYS HE2  H  N N 225 
LYS HE3  H  N N 226 
LYS HZ1  H  N N 227 
LYS HZ2  H  N N 228 
LYS HZ3  H  N N 229 
LYS HXT  H  N N 230 
MET N    N  N N 231 
MET CA   C  N S 232 
MET C    C  N N 233 
MET O    O  N N 234 
MET CB   C  N N 235 
MET CG   C  N N 236 
MET SD   S  N N 237 
MET CE   C  N N 238 
MET OXT  O  N N 239 
MET H    H  N N 240 
MET H2   H  N N 241 
MET HA   H  N N 242 
MET HB2  H  N N 243 
MET HB3  H  N N 244 
MET HG2  H  N N 245 
MET HG3  H  N N 246 
MET HE1  H  N N 247 
MET HE2  H  N N 248 
MET HE3  H  N N 249 
MET HXT  H  N N 250 
PHE N    N  N N 251 
PHE CA   C  N S 252 
PHE C    C  N N 253 
PHE O    O  N N 254 
PHE CB   C  N N 255 
PHE CG   C  Y N 256 
PHE CD1  C  Y N 257 
PHE CD2  C  Y N 258 
PHE CE1  C  Y N 259 
PHE CE2  C  Y N 260 
PHE CZ   C  Y N 261 
PHE OXT  O  N N 262 
PHE H    H  N N 263 
PHE H2   H  N N 264 
PHE HA   H  N N 265 
PHE HB2  H  N N 266 
PHE HB3  H  N N 267 
PHE HD1  H  N N 268 
PHE HD2  H  N N 269 
PHE HE1  H  N N 270 
PHE HE2  H  N N 271 
PHE HZ   H  N N 272 
PHE HXT  H  N N 273 
PRO N    N  N N 274 
PRO CA   C  N S 275 
PRO C    C  N N 276 
PRO O    O  N N 277 
PRO CB   C  N N 278 
PRO CG   C  N N 279 
PRO CD   C  N N 280 
PRO OXT  O  N N 281 
PRO H    H  N N 282 
PRO HA   H  N N 283 
PRO HB2  H  N N 284 
PRO HB3  H  N N 285 
PRO HG2  H  N N 286 
PRO HG3  H  N N 287 
PRO HD2  H  N N 288 
PRO HD3  H  N N 289 
PRO HXT  H  N N 290 
SER N    N  N N 291 
SER CA   C  N S 292 
SER C    C  N N 293 
SER O    O  N N 294 
SER CB   C  N N 295 
SER OG   O  N N 296 
SER OXT  O  N N 297 
SER H    H  N N 298 
SER H2   H  N N 299 
SER HA   H  N N 300 
SER HB2  H  N N 301 
SER HB3  H  N N 302 
SER HG   H  N N 303 
SER HXT  H  N N 304 
THR N    N  N N 305 
THR CA   C  N S 306 
THR C    C  N N 307 
THR O    O  N N 308 
THR CB   C  N R 309 
THR OG1  O  N N 310 
THR CG2  C  N N 311 
THR OXT  O  N N 312 
THR H    H  N N 313 
THR H2   H  N N 314 
THR HA   H  N N 315 
THR HB   H  N N 316 
THR HG1  H  N N 317 
THR HG21 H  N N 318 
THR HG22 H  N N 319 
THR HG23 H  N N 320 
THR HXT  H  N N 321 
TYR N    N  N N 322 
TYR CA   C  N S 323 
TYR C    C  N N 324 
TYR O    O  N N 325 
TYR CB   C  N N 326 
TYR CG   C  Y N 327 
TYR CD1  C  Y N 328 
TYR CD2  C  Y N 329 
TYR CE1  C  Y N 330 
TYR CE2  C  Y N 331 
TYR CZ   C  Y N 332 
TYR OH   O  N N 333 
TYR OXT  O  N N 334 
TYR H    H  N N 335 
TYR H2   H  N N 336 
TYR HA   H  N N 337 
TYR HB2  H  N N 338 
TYR HB3  H  N N 339 
TYR HD1  H  N N 340 
TYR HD2  H  N N 341 
TYR HE1  H  N N 342 
TYR HE2  H  N N 343 
TYR HH   H  N N 344 
TYR HXT  H  N N 345 
VAL N    N  N N 346 
VAL CA   C  N S 347 
VAL C    C  N N 348 
VAL O    O  N N 349 
VAL CB   C  N N 350 
VAL CG1  C  N N 351 
VAL CG2  C  N N 352 
VAL OXT  O  N N 353 
VAL H    H  N N 354 
VAL H2   H  N N 355 
VAL HA   H  N N 356 
VAL HB   H  N N 357 
VAL HG11 H  N N 358 
VAL HG12 H  N N 359 
VAL HG13 H  N N 360 
VAL HG21 H  N N 361 
VAL HG22 H  N N 362 
VAL HG23 H  N N 363 
VAL HXT  H  N N 364 
ZN  ZN   ZN N N 365 
# 
loop_
_chem_comp_bond.comp_id 
_chem_comp_bond.atom_id_1 
_chem_comp_bond.atom_id_2 
_chem_comp_bond.value_order 
_chem_comp_bond.pdbx_aromatic_flag 
_chem_comp_bond.pdbx_stereo_config 
_chem_comp_bond.pdbx_ordinal 
ALA N   CA   sing N N 1   
ALA N   H    sing N N 2   
ALA N   H2   sing N N 3   
ALA CA  C    sing N N 4   
ALA CA  CB   sing N N 5   
ALA CA  HA   sing N N 6   
ALA C   O    doub N N 7   
ALA C   OXT  sing N N 8   
ALA CB  HB1  sing N N 9   
ALA CB  HB2  sing N N 10  
ALA CB  HB3  sing N N 11  
ALA OXT HXT  sing N N 12  
ARG N   CA   sing N N 13  
ARG N   H    sing N N 14  
ARG N   H2   sing N N 15  
ARG CA  C    sing N N 16  
ARG CA  CB   sing N N 17  
ARG CA  HA   sing N N 18  
ARG C   O    doub N N 19  
ARG C   OXT  sing N N 20  
ARG CB  CG   sing N N 21  
ARG CB  HB2  sing N N 22  
ARG CB  HB3  sing N N 23  
ARG CG  CD   sing N N 24  
ARG CG  HG2  sing N N 25  
ARG CG  HG3  sing N N 26  
ARG CD  NE   sing N N 27  
ARG CD  HD2  sing N N 28  
ARG CD  HD3  sing N N 29  
ARG NE  CZ   sing N N 30  
ARG NE  HE   sing N N 31  
ARG CZ  NH1  sing N N 32  
ARG CZ  NH2  doub N N 33  
ARG NH1 HH11 sing N N 34  
ARG NH1 HH12 sing N N 35  
ARG NH2 HH21 sing N N 36  
ARG NH2 HH22 sing N N 37  
ARG OXT HXT  sing N N 38  
ASN N   CA   sing N N 39  
ASN N   H    sing N N 40  
ASN N   H2   sing N N 41  
ASN CA  C    sing N N 42  
ASN CA  CB   sing N N 43  
ASN CA  HA   sing N N 44  
ASN C   O    doub N N 45  
ASN C   OXT  sing N N 46  
ASN CB  CG   sing N N 47  
ASN CB  HB2  sing N N 48  
ASN CB  HB3  sing N N 49  
ASN CG  OD1  doub N N 50  
ASN CG  ND2  sing N N 51  
ASN ND2 HD21 sing N N 52  
ASN ND2 HD22 sing N N 53  
ASN OXT HXT  sing N N 54  
ASP N   CA   sing N N 55  
ASP N   H    sing N N 56  
ASP N   H2   sing N N 57  
ASP CA  C    sing N N 58  
ASP CA  CB   sing N N 59  
ASP CA  HA   sing N N 60  
ASP C   O    doub N N 61  
ASP C   OXT  sing N N 62  
ASP CB  CG   sing N N 63  
ASP CB  HB2  sing N N 64  
ASP CB  HB3  sing N N 65  
ASP CG  OD1  doub N N 66  
ASP CG  OD2  sing N N 67  
ASP OD2 HD2  sing N N 68  
ASP OXT HXT  sing N N 69  
CYS N   CA   sing N N 70  
CYS N   H    sing N N 71  
CYS N   H2   sing N N 72  
CYS CA  C    sing N N 73  
CYS CA  CB   sing N N 74  
CYS CA  HA   sing N N 75  
CYS C   O    doub N N 76  
CYS C   OXT  sing N N 77  
CYS CB  SG   sing N N 78  
CYS CB  HB2  sing N N 79  
CYS CB  HB3  sing N N 80  
CYS SG  HG   sing N N 81  
CYS OXT HXT  sing N N 82  
GLN N   CA   sing N N 83  
GLN N   H    sing N N 84  
GLN N   H2   sing N N 85  
GLN CA  C    sing N N 86  
GLN CA  CB   sing N N 87  
GLN CA  HA   sing N N 88  
GLN C   O    doub N N 89  
GLN C   OXT  sing N N 90  
GLN CB  CG   sing N N 91  
GLN CB  HB2  sing N N 92  
GLN CB  HB3  sing N N 93  
GLN CG  CD   sing N N 94  
GLN CG  HG2  sing N N 95  
GLN CG  HG3  sing N N 96  
GLN CD  OE1  doub N N 97  
GLN CD  NE2  sing N N 98  
GLN NE2 HE21 sing N N 99  
GLN NE2 HE22 sing N N 100 
GLN OXT HXT  sing N N 101 
GLU N   CA   sing N N 102 
GLU N   H    sing N N 103 
GLU N   H2   sing N N 104 
GLU CA  C    sing N N 105 
GLU CA  CB   sing N N 106 
GLU CA  HA   sing N N 107 
GLU C   O    doub N N 108 
GLU C   OXT  sing N N 109 
GLU CB  CG   sing N N 110 
GLU CB  HB2  sing N N 111 
GLU CB  HB3  sing N N 112 
GLU CG  CD   sing N N 113 
GLU CG  HG2  sing N N 114 
GLU CG  HG3  sing N N 115 
GLU CD  OE1  doub N N 116 
GLU CD  OE2  sing N N 117 
GLU OE2 HE2  sing N N 118 
GLU OXT HXT  sing N N 119 
GLY N   CA   sing N N 120 
GLY N   H    sing N N 121 
GLY N   H2   sing N N 122 
GLY CA  C    sing N N 123 
GLY CA  HA2  sing N N 124 
GLY CA  HA3  sing N N 125 
GLY C   O    doub N N 126 
GLY C   OXT  sing N N 127 
GLY OXT HXT  sing N N 128 
HIS N   CA   sing N N 129 
HIS N   H    sing N N 130 
HIS N   H2   sing N N 131 
HIS CA  C    sing N N 132 
HIS CA  CB   sing N N 133 
HIS CA  HA   sing N N 134 
HIS C   O    doub N N 135 
HIS C   OXT  sing N N 136 
HIS CB  CG   sing N N 137 
HIS CB  HB2  sing N N 138 
HIS CB  HB3  sing N N 139 
HIS CG  ND1  sing Y N 140 
HIS CG  CD2  doub Y N 141 
HIS ND1 CE1  doub Y N 142 
HIS ND1 HD1  sing N N 143 
HIS CD2 NE2  sing Y N 144 
HIS CD2 HD2  sing N N 145 
HIS CE1 NE2  sing Y N 146 
HIS CE1 HE1  sing N N 147 
HIS NE2 HE2  sing N N 148 
HIS OXT HXT  sing N N 149 
HOH O   H1   sing N N 150 
HOH O   H2   sing N N 151 
ILE N   CA   sing N N 152 
ILE N   H    sing N N 153 
ILE N   H2   sing N N 154 
ILE CA  C    sing N N 155 
ILE CA  CB   sing N N 156 
ILE CA  HA   sing N N 157 
ILE C   O    doub N N 158 
ILE C   OXT  sing N N 159 
ILE CB  CG1  sing N N 160 
ILE CB  CG2  sing N N 161 
ILE CB  HB   sing N N 162 
ILE CG1 CD1  sing N N 163 
ILE CG1 HG12 sing N N 164 
ILE CG1 HG13 sing N N 165 
ILE CG2 HG21 sing N N 166 
ILE CG2 HG22 sing N N 167 
ILE CG2 HG23 sing N N 168 
ILE CD1 HD11 sing N N 169 
ILE CD1 HD12 sing N N 170 
ILE CD1 HD13 sing N N 171 
ILE OXT HXT  sing N N 172 
LEU N   CA   sing N N 173 
LEU N   H    sing N N 174 
LEU N   H2   sing N N 175 
LEU CA  C    sing N N 176 
LEU CA  CB   sing N N 177 
LEU CA  HA   sing N N 178 
LEU C   O    doub N N 179 
LEU C   OXT  sing N N 180 
LEU CB  CG   sing N N 181 
LEU CB  HB2  sing N N 182 
LEU CB  HB3  sing N N 183 
LEU CG  CD1  sing N N 184 
LEU CG  CD2  sing N N 185 
LEU CG  HG   sing N N 186 
LEU CD1 HD11 sing N N 187 
LEU CD1 HD12 sing N N 188 
LEU CD1 HD13 sing N N 189 
LEU CD2 HD21 sing N N 190 
LEU CD2 HD22 sing N N 191 
LEU CD2 HD23 sing N N 192 
LEU OXT HXT  sing N N 193 
LYS N   CA   sing N N 194 
LYS N   H    sing N N 195 
LYS N   H2   sing N N 196 
LYS CA  C    sing N N 197 
LYS CA  CB   sing N N 198 
LYS CA  HA   sing N N 199 
LYS C   O    doub N N 200 
LYS C   OXT  sing N N 201 
LYS CB  CG   sing N N 202 
LYS CB  HB2  sing N N 203 
LYS CB  HB3  sing N N 204 
LYS CG  CD   sing N N 205 
LYS CG  HG2  sing N N 206 
LYS CG  HG3  sing N N 207 
LYS CD  CE   sing N N 208 
LYS CD  HD2  sing N N 209 
LYS CD  HD3  sing N N 210 
LYS CE  NZ   sing N N 211 
LYS CE  HE2  sing N N 212 
LYS CE  HE3  sing N N 213 
LYS NZ  HZ1  sing N N 214 
LYS NZ  HZ2  sing N N 215 
LYS NZ  HZ3  sing N N 216 
LYS OXT HXT  sing N N 217 
MET N   CA   sing N N 218 
MET N   H    sing N N 219 
MET N   H2   sing N N 220 
MET CA  C    sing N N 221 
MET CA  CB   sing N N 222 
MET CA  HA   sing N N 223 
MET C   O    doub N N 224 
MET C   OXT  sing N N 225 
MET CB  CG   sing N N 226 
MET CB  HB2  sing N N 227 
MET CB  HB3  sing N N 228 
MET CG  SD   sing N N 229 
MET CG  HG2  sing N N 230 
MET CG  HG3  sing N N 231 
MET SD  CE   sing N N 232 
MET CE  HE1  sing N N 233 
MET CE  HE2  sing N N 234 
MET CE  HE3  sing N N 235 
MET OXT HXT  sing N N 236 
PHE N   CA   sing N N 237 
PHE N   H    sing N N 238 
PHE N   H2   sing N N 239 
PHE CA  C    sing N N 240 
PHE CA  CB   sing N N 241 
PHE CA  HA   sing N N 242 
PHE C   O    doub N N 243 
PHE C   OXT  sing N N 244 
PHE CB  CG   sing N N 245 
PHE CB  HB2  sing N N 246 
PHE CB  HB3  sing N N 247 
PHE CG  CD1  doub Y N 248 
PHE CG  CD2  sing Y N 249 
PHE CD1 CE1  sing Y N 250 
PHE CD1 HD1  sing N N 251 
PHE CD2 CE2  doub Y N 252 
PHE CD2 HD2  sing N N 253 
PHE CE1 CZ   doub Y N 254 
PHE CE1 HE1  sing N N 255 
PHE CE2 CZ   sing Y N 256 
PHE CE2 HE2  sing N N 257 
PHE CZ  HZ   sing N N 258 
PHE OXT HXT  sing N N 259 
PRO N   CA   sing N N 260 
PRO N   CD   sing N N 261 
PRO N   H    sing N N 262 
PRO CA  C    sing N N 263 
PRO CA  CB   sing N N 264 
PRO CA  HA   sing N N 265 
PRO C   O    doub N N 266 
PRO C   OXT  sing N N 267 
PRO CB  CG   sing N N 268 
PRO CB  HB2  sing N N 269 
PRO CB  HB3  sing N N 270 
PRO CG  CD   sing N N 271 
PRO CG  HG2  sing N N 272 
PRO CG  HG3  sing N N 273 
PRO CD  HD2  sing N N 274 
PRO CD  HD3  sing N N 275 
PRO OXT HXT  sing N N 276 
SER N   CA   sing N N 277 
SER N   H    sing N N 278 
SER N   H2   sing N N 279 
SER CA  C    sing N N 280 
SER CA  CB   sing N N 281 
SER CA  HA   sing N N 282 
SER C   O    doub N N 283 
SER C   OXT  sing N N 284 
SER CB  OG   sing N N 285 
SER CB  HB2  sing N N 286 
SER CB  HB3  sing N N 287 
SER OG  HG   sing N N 288 
SER OXT HXT  sing N N 289 
THR N   CA   sing N N 290 
THR N   H    sing N N 291 
THR N   H2   sing N N 292 
THR CA  C    sing N N 293 
THR CA  CB   sing N N 294 
THR CA  HA   sing N N 295 
THR C   O    doub N N 296 
THR C   OXT  sing N N 297 
THR CB  OG1  sing N N 298 
THR CB  CG2  sing N N 299 
THR CB  HB   sing N N 300 
THR OG1 HG1  sing N N 301 
THR CG2 HG21 sing N N 302 
THR CG2 HG22 sing N N 303 
THR CG2 HG23 sing N N 304 
THR OXT HXT  sing N N 305 
TYR N   CA   sing N N 306 
TYR N   H    sing N N 307 
TYR N   H2   sing N N 308 
TYR CA  C    sing N N 309 
TYR CA  CB   sing N N 310 
TYR CA  HA   sing N N 311 
TYR C   O    doub N N 312 
TYR C   OXT  sing N N 313 
TYR CB  CG   sing N N 314 
TYR CB  HB2  sing N N 315 
TYR CB  HB3  sing N N 316 
TYR CG  CD1  doub Y N 317 
TYR CG  CD2  sing Y N 318 
TYR CD1 CE1  sing Y N 319 
TYR CD1 HD1  sing N N 320 
TYR CD2 CE2  doub Y N 321 
TYR CD2 HD2  sing N N 322 
TYR CE1 CZ   doub Y N 323 
TYR CE1 HE1  sing N N 324 
TYR CE2 CZ   sing Y N 325 
TYR CE2 HE2  sing N N 326 
TYR CZ  OH   sing N N 327 
TYR OH  HH   sing N N 328 
TYR OXT HXT  sing N N 329 
VAL N   CA   sing N N 330 
VAL N   H    sing N N 331 
VAL N   H2   sing N N 332 
VAL CA  C    sing N N 333 
VAL CA  CB   sing N N 334 
VAL CA  HA   sing N N 335 
VAL C   O    doub N N 336 
VAL C   OXT  sing N N 337 
VAL CB  CG1  sing N N 338 
VAL CB  CG2  sing N N 339 
VAL CB  HB   sing N N 340 
VAL CG1 HG11 sing N N 341 
VAL CG1 HG12 sing N N 342 
VAL CG1 HG13 sing N N 343 
VAL CG2 HG21 sing N N 344 
VAL CG2 HG22 sing N N 345 
VAL CG2 HG23 sing N N 346 
VAL OXT HXT  sing N N 347 
# 
_pdbx_initial_refinement_model.accession_code   ? 
_pdbx_initial_refinement_model.id               1 
_pdbx_initial_refinement_model.entity_id_list   ? 
_pdbx_initial_refinement_model.type             'experimental model' 
_pdbx_initial_refinement_model.source_name      Other 
_pdbx_initial_refinement_model.details          
;SUPEROXIDE DISMUTASE FROM P.LEIOGNATHI, SOLVED BY SIRAS IN THE DEPOSITORS' LAB
;
# 
_atom_sites.entry_id                    1ESO 
_atom_sites.fract_transf_matrix[1][1]   -0.02735229 
_atom_sites.fract_transf_matrix[1][2]   -0.01727404 
_atom_sites.fract_transf_matrix[1][3]   -0.00314457 
_atom_sites.fract_transf_matrix[2][1]   0.00302970 
_atom_sites.fract_transf_matrix[2][2]   -0.00137650 
_atom_sites.fract_transf_matrix[2][3]   -0.01879163 
_atom_sites.fract_transf_matrix[3][1]   0.00439634 
_atom_sites.fract_transf_matrix[3][2]   -0.02430853 
_atom_sites.fract_transf_matrix[3][3]   0.00248942 
_atom_sites.fract_transf_vector[1]      0.382297 
_atom_sites.fract_transf_vector[2]      0.001938 
_atom_sites.fract_transf_vector[3]      0.246206 
# 
loop_
_atom_type.symbol 
C  
CU 
N  
O  
S  
ZN 
# 
loop_
_atom_site.group_PDB 
_atom_site.id 
_atom_site.type_symbol 
_atom_site.label_atom_id 
_atom_site.label_alt_id 
_atom_site.label_comp_id 
_atom_site.label_asym_id 
_atom_site.label_entity_id 
_atom_site.label_seq_id 
_atom_site.pdbx_PDB_ins_code 
_atom_site.Cartn_x 
_atom_site.Cartn_y 
_atom_site.Cartn_z 
_atom_site.occupancy 
_atom_site.B_iso_or_equiv 
_atom_site.pdbx_formal_charge 
_atom_site.auth_seq_id 
_atom_site.auth_comp_id 
_atom_site.auth_asym_id 
_atom_site.auth_atom_id 
_atom_site.pdbx_PDB_model_num 
ATOM   1    N  N   . ALA A 1 1   ? 4.482   19.954  -2.961  1.00 29.53  ? 2   ALA A N   1 
ATOM   2    C  CA  . ALA A 1 1   ? 3.076   19.758  -2.788  1.00 34.47  ? 2   ALA A CA  1 
ATOM   3    C  C   . ALA A 1 1   ? 2.901   18.455  -2.008  1.00 29.75  ? 2   ALA A C   1 
ATOM   4    O  O   . ALA A 1 1   ? 3.730   17.540  -2.097  1.00 23.81  ? 2   ALA A O   1 
ATOM   5    C  CB  . ALA A 1 1   ? 2.421   19.635  -4.138  1.00 43.33  ? 2   ALA A CB  1 
ATOM   6    N  N   . SER A 1 2   ? 1.842   18.377  -1.241  1.00 27.61  ? 3   SER A N   1 
ATOM   7    C  CA  . SER A 1 2   ? 1.557   17.167  -0.458  1.00 34.75  ? 3   SER A CA  1 
ATOM   8    C  C   . SER A 1 2   ? 0.057   16.931  -0.410  1.00 42.89  ? 3   SER A C   1 
ATOM   9    O  O   . SER A 1 2   ? -0.739  17.791  -0.803  1.00 38.03  ? 3   SER A O   1 
ATOM   10   C  CB  . SER A 1 2   ? 2.107   17.302  0.962   1.00 39.76  ? 3   SER A CB  1 
ATOM   11   O  OG  . SER A 1 2   ? 1.904   18.619  1.442   1.00 41.75  ? 3   SER A OG  1 
ATOM   12   N  N   . GLU A 1 3   ? -0.284  15.765  0.077   1.00 31.33  ? 4   GLU A N   1 
ATOM   13   C  CA  . GLU A 1 3   ? -1.677  15.334  0.170   1.00 24.52  ? 4   GLU A CA  1 
ATOM   14   C  C   . GLU A 1 3   ? -1.825  14.352  1.326   1.00 22.62  ? 4   GLU A C   1 
ATOM   15   O  O   . GLU A 1 3   ? -0.983  13.470  1.528   1.00 25.71  ? 4   GLU A O   1 
ATOM   16   C  CB  . GLU A 1 3   ? -2.060  14.653  -1.147  1.00 26.94  ? 4   GLU A CB  1 
ATOM   17   C  CG  . GLU A 1 3   ? -3.560  14.435  -1.307  0.00 37.70  ? 4   GLU A CG  1 
ATOM   18   C  CD  . GLU A 1 3   ? -4.351  15.741  -1.388  0.00 58.23  ? 4   GLU A CD  1 
ATOM   19   O  OE1 . GLU A 1 3   ? -3.810  16.847  -1.005  0.00 52.15  ? 4   GLU A OE1 1 
ATOM   20   O  OE2 . GLU A 1 3   ? -5.560  15.733  -1.835  0.00 51.89  ? 4   GLU A OE2 1 
ATOM   21   N  N   . LYS A 1 4   ? -2.895  14.519  2.077   1.00 23.36  ? 5   LYS A N   1 
ATOM   22   C  CA  . LYS A 1 4   ? -3.189  13.630  3.210   1.00 28.74  ? 5   LYS A CA  1 
ATOM   23   C  C   . LYS A 1 4   ? -4.219  12.579  2.778   1.00 24.43  ? 5   LYS A C   1 
ATOM   24   O  O   . LYS A 1 4   ? -5.281  12.917  2.240   1.00 31.91  ? 5   LYS A O   1 
ATOM   25   C  CB  . LYS A 1 4   ? -3.752  14.431  4.390   1.00 28.86  ? 5   LYS A CB  1 
ATOM   26   C  CG  . LYS A 1 4   ? -2.835  15.570  4.847   0.00 44.22  ? 5   LYS A CG  1 
ATOM   27   C  CD  . LYS A 1 4   ? -3.213  16.140  6.219   0.00 55.06  ? 5   LYS A CD  1 
ATOM   28   C  CE  . LYS A 1 4   ? -2.118  17.026  6.821   0.00 66.44  ? 5   LYS A CE  1 
ATOM   29   N  NZ  . LYS A 1 4   ? -2.542  17.716  8.048   0.00 75.63  ? 5   LYS A NZ  1 
ATOM   30   N  N   . VAL A 1 5   ? -3.865  11.328  3.021   1.00 16.93  ? 6   VAL A N   1 
ATOM   31   C  CA  . VAL A 1 5   ? -4.730  10.173  2.707   1.00 17.00  ? 6   VAL A CA  1 
ATOM   32   C  C   . VAL A 1 5   ? -5.196  9.504   3.992   1.00 21.22  ? 6   VAL A C   1 
ATOM   33   O  O   . VAL A 1 5   ? -4.390  9.022   4.793   1.00 25.57  ? 6   VAL A O   1 
ATOM   34   C  CB  . VAL A 1 5   ? -3.959  9.091   1.939   1.00 19.84  ? 6   VAL A CB  1 
ATOM   35   C  CG1 . VAL A 1 5   ? -4.864  7.967   1.423   1.00 21.78  ? 6   VAL A CG1 1 
ATOM   36   C  CG2 . VAL A 1 5   ? -3.215  9.621   0.718   1.00 23.00  ? 6   VAL A CG2 1 
ATOM   37   N  N   . GLU A 1 6   ? -6.495  9.467   4.206   1.00 20.36  ? 7   GLU A N   1 
ATOM   38   C  CA  . GLU A 1 6   ? -7.020  8.790   5.398   1.00 26.00  ? 7   GLU A CA  1 
ATOM   39   C  C   . GLU A 1 6   ? -7.112  7.292   5.103   1.00 26.15  ? 7   GLU A C   1 
ATOM   40   O  O   . GLU A 1 6   ? -7.562  6.881   4.025   1.00 26.87  ? 7   GLU A O   1 
ATOM   41   C  CB  . GLU A 1 6   ? -8.385  9.339   5.804   1.00 28.57  ? 7   GLU A CB  1 
ATOM   42   C  CG  . GLU A 1 6   ? -8.698  9.057   7.280   0.00 39.14  ? 7   GLU A CG  1 
ATOM   43   C  CD  . GLU A 1 6   ? -9.557  10.137  7.938   0.00 59.93  ? 7   GLU A CD  1 
ATOM   44   O  OE1 . GLU A 1 6   ? -10.703 10.442  7.431   0.00 54.30  ? 7   GLU A OE1 1 
ATOM   45   O  OE2 . GLU A 1 6   ? -9.141  10.739  9.001   0.00 54.04  ? 7   GLU A OE2 1 
ATOM   46   N  N   . MET A 1 7   ? -6.673  6.516   6.075   1.00 20.10  ? 8   MET A N   1 
ATOM   47   C  CA  . MET A 1 7   ? -6.633  5.049   5.966   1.00 19.52  ? 8   MET A CA  1 
ATOM   48   C  C   . MET A 1 7   ? -7.691  4.407   6.877   1.00 27.94  ? 8   MET A C   1 
ATOM   49   O  O   . MET A 1 7   ? -8.009  4.926   7.955   1.00 21.85  ? 8   MET A O   1 
ATOM   50   C  CB  . MET A 1 7   ? -5.240  4.561   6.361   1.00 22.96  ? 8   MET A CB  1 
ATOM   51   C  CG  . MET A 1 7   ? -4.133  5.206   5.523   1.00 22.01  ? 8   MET A CG  1 
ATOM   52   S  SD  . MET A 1 7   ? -3.974  4.466   3.914   1.00 23.85  ? 8   MET A SD  1 
ATOM   53   C  CE  . MET A 1 7   ? -3.365  2.802   4.080   1.00 17.34  ? 8   MET A CE  1 
ATOM   54   N  N   . ASN A 1 8   ? -8.212  3.277   6.409   1.00 19.21  ? 9   ASN A N   1 
ATOM   55   C  CA  . ASN A 1 8   ? -9.251  2.511   7.131   1.00 17.13  ? 9   ASN A CA  1 
ATOM   56   C  C   . ASN A 1 8   ? -8.977  1.014   7.095   1.00 17.66  ? 9   ASN A C   1 
ATOM   57   O  O   . ASN A 1 8   ? -8.300  0.507   6.193   1.00 20.94  ? 9   ASN A O   1 
ATOM   58   C  CB  . ASN A 1 8   ? -10.618 2.643   6.450   1.00 24.12  ? 9   ASN A CB  1 
ATOM   59   C  CG  . ASN A 1 8   ? -11.233 4.030   6.556   1.00 34.61  ? 9   ASN A CG  1 
ATOM   60   O  OD1 . ASN A 1 8   ? -11.872 4.335   7.560   1.00 34.69  ? 9   ASN A OD1 1 
ATOM   61   N  ND2 . ASN A 1 8   ? -11.070 4.898   5.578   1.00 16.66  ? 9   ASN A ND2 1 
ATOM   62   N  N   . LEU A 1 9   ? -9.521  0.335   8.083   1.00 18.18  ? 10  LEU A N   1 
ATOM   63   C  CA  . LEU A 1 9   ? -9.449  -1.122  8.130   1.00 19.92  ? 10  LEU A CA  1 
ATOM   64   C  C   . LEU A 1 9   ? -10.396 -1.660  7.063   1.00 17.21  ? 10  LEU A C   1 
ATOM   65   O  O   . LEU A 1 9   ? -11.419 -1.034  6.749   1.00 21.05  ? 10  LEU A O   1 
ATOM   66   C  CB  . LEU A 1 9   ? -9.940  -1.659  9.478   1.00 18.01  ? 10  LEU A CB  1 
ATOM   67   C  CG  . LEU A 1 9   ? -8.975  -1.436  10.643  1.00 25.37  ? 10  LEU A CG  1 
ATOM   68   C  CD1 . LEU A 1 9   ? -9.466  -2.083  11.945  1.00 24.38  ? 10  LEU A CD1 1 
ATOM   69   C  CD2 . LEU A 1 9   ? -7.581  -2.010  10.398  1.00 29.25  ? 10  LEU A CD2 1 
ATOM   70   N  N   . VAL A 1 10  A -10.042 -2.798  6.521   1.00 19.36  ? 10  VAL A N   1 
ATOM   71   C  CA  . VAL A 1 10  A -10.880 -3.471  5.524   1.00 20.46  ? 10  VAL A CA  1 
ATOM   72   C  C   . VAL A 1 10  A -10.993 -4.949  5.862   1.00 21.08  ? 10  VAL A C   1 
ATOM   73   O  O   . VAL A 1 10  A -10.029 -5.569  6.330   1.00 19.09  ? 10  VAL A O   1 
ATOM   74   C  CB  . VAL A 1 10  A -10.289 -3.353  4.115   1.00 17.72  ? 10  VAL A CB  1 
ATOM   75   C  CG1 . VAL A 1 10  A -10.344 -1.933  3.553   1.00 21.24  ? 10  VAL A CG1 1 
ATOM   76   C  CG2 . VAL A 1 10  A -8.824  -3.780  4.042   1.00 18.39  ? 10  VAL A CG2 1 
ATOM   77   N  N   . THR A 1 11  B -12.179 -5.447  5.623   1.00 21.03  ? 10  THR A N   1 
ATOM   78   C  CA  . THR A 1 11  B -12.506 -6.862  5.798   1.00 24.32  ? 10  THR A CA  1 
ATOM   79   C  C   . THR A 1 11  B -13.248 -7.311  4.558   1.00 28.69  ? 10  THR A C   1 
ATOM   80   O  O   . THR A 1 11  B -13.531 -6.509  3.661   1.00 24.29  ? 10  THR A O   1 
ATOM   81   C  CB  . THR A 1 11  B -13.391 -7.076  7.026   1.00 23.05  ? 10  THR A CB  1 
ATOM   82   O  OG1 . THR A 1 11  B -14.643 -6.441  6.834   1.00 28.38  ? 10  THR A OG1 1 
ATOM   83   C  CG2 . THR A 1 11  B -12.780 -6.525  8.312   1.00 28.00  ? 10  THR A CG2 1 
ATOM   84   N  N   . SER A 1 12  C -13.557 -8.575  4.527   1.00 33.50  ? 10  SER A N   1 
ATOM   85   C  CA  . SER A 1 12  C -14.246 -9.162  3.383   1.00 33.10  ? 10  SER A CA  1 
ATOM   86   C  C   . SER A 1 12  C -15.700 -8.680  3.298   1.00 33.04  ? 10  SER A C   1 
ATOM   87   O  O   . SER A 1 12  C -16.434 -9.038  2.368   1.00 32.03  ? 10  SER A O   1 
ATOM   88   C  CB  . SER A 1 12  C -14.257 -10.682 3.507   1.00 31.09  ? 10  SER A CB  1 
ATOM   89   O  OG  . SER A 1 12  C -14.911 -11.064 4.709   1.00 48.34  ? 10  SER A OG  1 
ATOM   90   N  N   . GLN A 1 13  D -16.108 -7.863  4.257   1.00 32.42  ? 10  GLN A N   1 
ATOM   91   C  CA  . GLN A 1 13  D -17.509 -7.402  4.312   1.00 30.75  ? 10  GLN A CA  1 
ATOM   92   C  C   . GLN A 1 13  D -17.651 -5.872  4.106   1.00 46.22  ? 10  GLN A C   1 
ATOM   93   O  O   . GLN A 1 13  D -18.765 -5.337  4.039   1.00 41.83  ? 10  GLN A O   1 
ATOM   94   C  CB  . GLN A 1 13  D -18.132 -7.813  5.651   1.00 32.24  ? 10  GLN A CB  1 
ATOM   95   C  CG  . GLN A 1 13  D -17.978 -9.317  5.926   0.00 53.06  ? 10  GLN A CG  1 
ATOM   96   C  CD  . GLN A 1 13  D -18.882 -9.840  7.049   0.00 80.13  ? 10  GLN A CD  1 
ATOM   97   O  OE1 . GLN A 1 13  D -19.113 -9.137  8.030   0.00 53.27  ? 10  GLN A OE1 1 
ATOM   98   N  NE2 . GLN A 1 13  D -19.406 -11.050 6.967   0.00 70.54  ? 10  GLN A NE2 1 
ATOM   99   N  N   . GLY A 1 14  E -16.539 -5.148  3.996   1.00 38.91  ? 10  GLY A N   1 
ATOM   100  C  CA  . GLY A 1 14  E -16.596 -3.672  3.760   1.00 27.63  ? 10  GLY A CA  1 
ATOM   101  C  C   . GLY A 1 14  E -15.376 -2.953  4.356   1.00 32.44  ? 10  GLY A C   1 
ATOM   102  O  O   . GLY A 1 14  E -14.332 -3.556  4.610   1.00 29.28  ? 10  GLY A O   1 
ATOM   103  N  N   . VAL A 1 15  ? -15.511 -1.644  4.569   1.00 25.84  ? 11  VAL A N   1 
ATOM   104  C  CA  . VAL A 1 15  ? -14.414 -0.860  5.174   1.00 27.12  ? 11  VAL A CA  1 
ATOM   105  C  C   . VAL A 1 15  ? -14.841 -0.391  6.574   1.00 26.97  ? 11  VAL A C   1 
ATOM   106  O  O   . VAL A 1 15  ? -15.947 0.150   6.762   1.00 34.62  ? 11  VAL A O   1 
ATOM   107  C  CB  . VAL A 1 15  ? -13.975 0.289   4.252   1.00 34.26  ? 11  VAL A CB  1 
ATOM   108  C  CG1 . VAL A 1 15  ? -14.578 0.205   2.849   1.00 27.80  ? 11  VAL A CG1 1 
ATOM   109  C  CG2 . VAL A 1 15  ? -14.324 1.677   4.781   1.00 32.87  ? 11  VAL A CG2 1 
ATOM   110  N  N   . GLY A 1 16  ? -13.913 -0.646  7.488   1.00 29.83  ? 12  GLY A N   1 
ATOM   111  C  CA  . GLY A 1 16  ? -14.078 -0.419  8.931   1.00 27.92  ? 12  GLY A CA  1 
ATOM   112  C  C   . GLY A 1 16  ? -13.587 0.957   9.387   1.00 35.49  ? 12  GLY A C   1 
ATOM   113  O  O   . GLY A 1 16  ? -13.554 1.920   8.610   1.00 25.34  ? 12  GLY A O   1 
ATOM   114  N  N   . GLN A 1 17  ? -13.230 0.971   10.662  1.00 18.80  ? 13  GLN A N   1 
ATOM   115  C  CA  . GLN A 1 17  ? -12.794 2.176   11.374  1.00 26.21  ? 13  GLN A CA  1 
ATOM   116  C  C   . GLN A 1 17  ? -11.539 2.774   10.750  1.00 26.41  ? 13  GLN A C   1 
ATOM   117  O  O   . GLN A 1 17  ? -10.712 2.068   10.160  1.00 20.49  ? 13  GLN A O   1 
ATOM   118  C  CB  . GLN A 1 17  ? -12.512 1.845   12.848  1.00 29.96  ? 13  GLN A CB  1 
ATOM   119  C  CG  . GLN A 1 17  ? -11.170 1.137   13.093  1.00 16.77  ? 13  GLN A CG  1 
ATOM   120  C  CD  . GLN A 1 17  ? -10.753 1.161   14.570  1.00 47.20  ? 13  GLN A CD  1 
ATOM   121  O  OE1 . GLN A 1 17  ? -9.731  1.756   14.917  1.00 48.54  ? 13  GLN A OE1 1 
ATOM   122  N  NE2 . GLN A 1 17  ? -11.485 0.537   15.475  1.00 32.42  ? 13  GLN A NE2 1 
ATOM   123  N  N   . SER A 1 18  ? -11.453 4.080   10.896  1.00 23.34  ? 14  SER A N   1 
ATOM   124  C  CA  . SER A 1 18  ? -10.293 4.838   10.441  1.00 25.43  ? 14  SER A CA  1 
ATOM   125  C  C   . SER A 1 18  ? -9.173  4.583   11.437  1.00 24.51  ? 14  SER A C   1 
ATOM   126  O  O   . SER A 1 18  ? -9.394  4.562   12.654  1.00 28.64  ? 14  SER A O   1 
ATOM   127  C  CB  . SER A 1 18  ? -10.616 6.331   10.400  1.00 33.02  ? 14  SER A CB  1 
ATOM   128  O  OG  . SER A 1 18  ? -9.462  7.080   10.756  1.00 44.66  ? 14  SER A OG  1 
ATOM   129  N  N   . ILE A 1 19  ? -7.985  4.383   10.918  1.00 23.30  ? 15  ILE A N   1 
ATOM   130  C  CA  . ILE A 1 19  ? -6.829  4.096   11.771  1.00 15.58  ? 15  ILE A CA  1 
ATOM   131  C  C   . ILE A 1 19  ? -5.742  5.158   11.630  1.00 22.49  ? 15  ILE A C   1 
ATOM   132  O  O   . ILE A 1 19  ? -4.579  4.927   11.973  1.00 30.89  ? 15  ILE A O   1 
ATOM   133  C  CB  . ILE A 1 19  ? -6.205  2.755   11.401  1.00 22.83  ? 15  ILE A CB  1 
ATOM   134  C  CG1 . ILE A 1 19  ? -5.878  2.647   9.914   1.00 24.19  ? 15  ILE A CG1 1 
ATOM   135  C  CG2 . ILE A 1 19  ? -7.106  1.565   11.725  1.00 20.82  ? 15  ILE A CG2 1 
ATOM   136  C  CD1 . ILE A 1 19  ? -4.812  1.594   9.614   1.00 20.45  ? 15  ILE A CD1 1 
ATOM   137  N  N   . GLY A 1 20  ? -6.116  6.313   11.129  1.00 15.99  ? 16  GLY A N   1 
ATOM   138  C  CA  . GLY A 1 20  ? -5.155  7.418   10.970  1.00 19.31  ? 16  GLY A CA  1 
ATOM   139  C  C   . GLY A 1 20  ? -4.983  7.779   9.498   1.00 36.08  ? 16  GLY A C   1 
ATOM   140  O  O   . GLY A 1 20  ? -5.850  7.504   8.660   1.00 32.77  ? 16  GLY A O   1 
ATOM   141  N  N   . SER A 1 21  ? -3.850  8.392   9.204   1.00 34.20  ? 17  SER A N   1 
ATOM   142  C  CA  . SER A 1 21  ? -3.564  8.852   7.842   1.00 25.16  ? 17  SER A CA  1 
ATOM   143  C  C   . SER A 1 21  ? -2.074  8.824   7.524   1.00 29.35  ? 17  SER A C   1 
ATOM   144  O  O   . SER A 1 21  ? -1.230  8.659   8.413   1.00 26.84  ? 17  SER A O   1 
ATOM   145  C  CB  . SER A 1 21  ? -4.027  10.299  7.683   1.00 30.58  ? 17  SER A CB  1 
ATOM   146  O  OG  . SER A 1 21  ? -3.220  11.153  8.485   1.00 32.62  ? 17  SER A OG  1 
ATOM   147  N  N   . VAL A 1 22  ? -1.831  8.993   6.243   1.00 25.66  ? 18  VAL A N   1 
ATOM   148  C  CA  . VAL A 1 22  ? -0.487  9.068   5.667   1.00 19.59  ? 18  VAL A CA  1 
ATOM   149  C  C   . VAL A 1 22  ? -0.412  10.301  4.784   1.00 24.09  ? 18  VAL A C   1 
ATOM   150  O  O   . VAL A 1 22  ? -1.285  10.547  3.948   1.00 26.51  ? 18  VAL A O   1 
ATOM   151  C  CB  . VAL A 1 22  ? -0.217  7.862   4.758   1.00 19.92  ? 18  VAL A CB  1 
ATOM   152  C  CG1 . VAL A 1 22  ? 1.226   7.816   4.243   1.00 20.43  ? 18  VAL A CG1 1 
ATOM   153  C  CG2 . VAL A 1 22  ? -0.461  6.519   5.439   1.00 15.28  ? 18  VAL A CG2 1 
ATOM   154  N  N   . THR A 1 23  ? 0.609   11.106  4.958   1.00 23.53  ? 19  THR A N   1 
ATOM   155  C  CA  . THR A 1 23  ? 0.755   12.262  4.069   1.00 25.41  ? 19  THR A CA  1 
ATOM   156  C  C   . THR A 1 23  ? 1.966   12.047  3.175   1.00 29.12  ? 19  THR A C   1 
ATOM   157  O  O   . THR A 1 23  ? 3.037   11.618  3.638   1.00 27.71  ? 19  THR A O   1 
ATOM   158  C  CB  . THR A 1 23  ? 0.843   13.585  4.832   1.00 32.07  ? 19  THR A CB  1 
ATOM   159  O  OG1 . THR A 1 23  ? 2.107   14.190  4.623   1.00 32.36  ? 19  THR A OG1 1 
ATOM   160  C  CG2 . THR A 1 23  ? 0.631   13.440  6.333   1.00 12.70  ? 19  THR A CG2 1 
ATOM   161  N  N   . ILE A 1 24  ? 1.706   12.352  1.931   1.00 24.94  ? 20  ILE A N   1 
ATOM   162  C  CA  . ILE A 1 24  ? 2.652   12.206  0.837   1.00 19.56  ? 20  ILE A CA  1 
ATOM   163  C  C   . ILE A 1 24  ? 3.113   13.580  0.383   1.00 25.00  ? 20  ILE A C   1 
ATOM   164  O  O   . ILE A 1 24  ? 2.300   14.476  0.121   1.00 25.80  ? 20  ILE A O   1 
ATOM   165  C  CB  . ILE A 1 24  ? 1.948   11.475  -0.295  1.00 22.93  ? 20  ILE A CB  1 
ATOM   166  C  CG1 . ILE A 1 24  ? 1.142   10.279  0.215   1.00 20.83  ? 20  ILE A CG1 1 
ATOM   167  C  CG2 . ILE A 1 24  ? 2.911   10.939  -1.348  1.00 27.09  ? 20  ILE A CG2 1 
ATOM   168  C  CD1 . ILE A 1 24  ? 0.411   9.528   -0.894  1.00 23.28  ? 20  ILE A CD1 1 
ATOM   169  N  N   . THR A 1 25  ? 4.414   13.706  0.298   1.00 20.12  ? 21  THR A N   1 
ATOM   170  C  CA  . THR A 1 25  ? 5.045   14.962  -0.085  1.00 14.29  ? 21  THR A CA  1 
ATOM   171  C  C   . THR A 1 25  ? 6.089   14.735  -1.166  1.00 10.46  ? 21  THR A C   1 
ATOM   172  O  O   . THR A 1 25  ? 6.844   13.757  -1.134  1.00 20.34  ? 21  THR A O   1 
ATOM   173  C  CB  . THR A 1 25  ? 5.746   15.569  1.129   1.00 31.82  ? 21  THR A CB  1 
ATOM   174  O  OG1 . THR A 1 25  ? 4.869   15.572  2.245   1.00 27.29  ? 21  THR A OG1 1 
ATOM   175  C  CG2 . THR A 1 25  ? 6.204   17.008  0.897   1.00 28.24  ? 21  THR A CG2 1 
ATOM   176  N  N   . GLU A 1 26  ? 6.102   15.651  -2.104  1.00 20.17  ? 22  GLU A N   1 
ATOM   177  C  CA  . GLU A 1 26  ? 7.082   15.630  -3.185  1.00 17.45  ? 22  GLU A CA  1 
ATOM   178  C  C   . GLU A 1 26  ? 8.390   16.210  -2.653  1.00 23.78  ? 22  GLU A C   1 
ATOM   179  O  O   . GLU A 1 26  ? 8.427   17.332  -2.134  1.00 24.90  ? 22  GLU A O   1 
ATOM   180  C  CB  . GLU A 1 26  ? 6.597   16.485  -4.357  1.00 19.95  ? 22  GLU A CB  1 
ATOM   181  C  CG  . GLU A 1 26  ? 5.476   15.830  -5.164  1.00 19.54  ? 22  GLU A CG  1 
ATOM   182  C  CD  . GLU A 1 26  ? 4.695   16.833  -6.014  1.00 34.17  ? 22  GLU A CD  1 
ATOM   183  O  OE1 . GLU A 1 26  ? 4.716   18.087  -5.711  1.00 32.75  ? 22  GLU A OE1 1 
ATOM   184  O  OE2 . GLU A 1 26  ? 4.016   16.425  -7.031  1.00 26.48  ? 22  GLU A OE2 1 
ATOM   185  N  N   . THR A 1 27  ? 9.447   15.432  -2.770  1.00 22.71  ? 23  THR A N   1 
ATOM   186  C  CA  . THR A 1 27  ? 10.784  15.873  -2.334  1.00 25.19  ? 23  THR A CA  1 
ATOM   187  C  C   . THR A 1 27  ? 11.774  15.692  -3.471  1.00 25.13  ? 23  THR A C   1 
ATOM   188  O  O   . THR A 1 27  ? 11.465  15.081  -4.500  1.00 28.61  ? 23  THR A O   1 
ATOM   189  C  CB  . THR A 1 27  ? 11.269  15.068  -1.126  1.00 25.65  ? 23  THR A CB  1 
ATOM   190  O  OG1 . THR A 1 27  ? 11.760  13.805  -1.549  1.00 26.01  ? 23  THR A OG1 1 
ATOM   191  C  CG2 . THR A 1 27  ? 10.177  14.818  -0.090  1.00 21.72  ? 23  THR A CG2 1 
ATOM   192  N  N   . ASP A 1 28  ? 12.950  16.225  -3.259  1.00 19.18  ? 24  ASP A N   1 
ATOM   193  C  CA  . ASP A 1 28  ? 14.017  16.155  -4.253  1.00 23.18  ? 24  ASP A CA  1 
ATOM   194  C  C   . ASP A 1 28  ? 14.398  14.713  -4.568  1.00 35.26  ? 24  ASP A C   1 
ATOM   195  O  O   . ASP A 1 28  ? 14.932  14.413  -5.638  1.00 34.79  ? 24  ASP A O   1 
ATOM   196  C  CB  . ASP A 1 28  ? 15.293  16.804  -3.731  1.00 21.37  ? 24  ASP A CB  1 
ATOM   197  C  CG  . ASP A 1 28  ? 15.197  18.316  -3.599  1.00 37.07  ? 24  ASP A CG  1 
ATOM   198  O  OD1 . ASP A 1 28  ? 14.239  18.951  -4.177  1.00 49.17  ? 24  ASP A OD1 1 
ATOM   199  O  OD2 . ASP A 1 28  ? 16.076  18.950  -2.905  1.00 65.50  ? 24  ASP A OD2 1 
ATOM   200  N  N   . LYS A 1 29  ? 14.122  13.823  -3.636  1.00 25.57  ? 25  LYS A N   1 
ATOM   201  C  CA  . LYS A 1 29  ? 14.559  12.426  -3.784  1.00 31.66  ? 25  LYS A CA  1 
ATOM   202  C  C   . LYS A 1 29  ? 13.390  11.459  -4.040  1.00 26.26  ? 25  LYS A C   1 
ATOM   203  O  O   . LYS A 1 29  ? 13.523  10.237  -3.872  1.00 26.07  ? 25  LYS A O   1 
ATOM   204  C  CB  . LYS A 1 29  ? 15.275  11.979  -2.511  1.00 29.28  ? 25  LYS A CB  1 
ATOM   205  C  CG  . LYS A 1 29  ? 16.602  12.708  -2.285  1.00 39.86  ? 25  LYS A CG  1 
ATOM   206  C  CD  . LYS A 1 29  ? 17.819  11.877  -2.699  1.00 50.04  ? 25  LYS A CD  1 
ATOM   207  C  CE  . LYS A 1 29  ? 19.141  12.629  -2.533  1.00 47.28  ? 25  LYS A CE  1 
ATOM   208  N  NZ  . LYS A 1 29  ? 20.283  11.921  -3.130  1.00 49.42  ? 25  LYS A NZ  1 
ATOM   209  N  N   . GLY A 1 30  ? 12.266  12.017  -4.451  1.00 24.59  ? 26  GLY A N   1 
ATOM   210  C  CA  . GLY A 1 30  ? 11.055  11.227  -4.757  1.00 27.60  ? 26  GLY A CA  1 
ATOM   211  C  C   . GLY A 1 30  ? 9.963   11.495  -3.717  1.00 35.71  ? 26  GLY A C   1 
ATOM   212  O  O   . GLY A 1 30  ? 10.103  12.375  -2.858  1.00 25.90  ? 26  GLY A O   1 
ATOM   213  N  N   . LEU A 1 31  ? 8.900   10.717  -3.833  1.00 25.92  ? 27  LEU A N   1 
ATOM   214  C  CA  . LEU A 1 31  ? 7.731   10.815  -2.941  1.00 20.70  ? 27  LEU A CA  1 
ATOM   215  C  C   . LEU A 1 31  ? 8.045   10.199  -1.574  1.00 17.38  ? 27  LEU A C   1 
ATOM   216  O  O   . LEU A 1 31  ? 8.580   9.085   -1.482  1.00 20.35  ? 27  LEU A O   1 
ATOM   217  C  CB  . LEU A 1 31  ? 6.549   10.044  -3.539  1.00 16.30  ? 27  LEU A CB  1 
ATOM   218  C  CG  . LEU A 1 31  ? 5.512   10.947  -4.210  1.00 25.31  ? 27  LEU A CG  1 
ATOM   219  C  CD1 . LEU A 1 31  ? 6.141   12.099  -4.995  1.00 22.36  ? 27  LEU A CD1 1 
ATOM   220  C  CD2 . LEU A 1 31  ? 4.629   10.197  -5.212  1.00 20.11  ? 27  LEU A CD2 1 
ATOM   221  N  N   . GLU A 1 32  ? 7.701   10.946  -0.539  1.00 21.47  ? 28  GLU A N   1 
ATOM   222  C  CA  . GLU A 1 32  ? 7.890   10.498  0.851   1.00 24.81  ? 28  GLU A CA  1 
ATOM   223  C  C   . GLU A 1 32  ? 6.535   10.218  1.496   1.00 16.47  ? 28  GLU A C   1 
ATOM   224  O  O   . GLU A 1 32  ? 5.619   11.050  1.440   1.00 18.80  ? 28  GLU A O   1 
ATOM   225  C  CB  . GLU A 1 32  ? 8.593   11.561  1.696   1.00 27.06  ? 28  GLU A CB  1 
ATOM   226  C  CG  . GLU A 1 32  ? 8.633   11.183  3.183   1.00 27.68  ? 28  GLU A CG  1 
ATOM   227  C  CD  . GLU A 1 32  ? 8.864   12.374  4.114   1.00 71.50  ? 28  GLU A CD  1 
ATOM   228  O  OE1 . GLU A 1 32  ? 10.057  12.832  4.289   1.00 36.64  ? 28  GLU A OE1 1 
ATOM   229  O  OE2 . GLU A 1 32  ? 7.868   12.920  4.727   1.00 68.84  ? 28  GLU A OE2 1 
ATOM   230  N  N   . PHE A 1 33  ? 6.452   9.047   2.091   1.00 15.86  ? 29  PHE A N   1 
ATOM   231  C  CA  . PHE A 1 33  ? 5.237   8.591   2.779   1.00 17.55  ? 29  PHE A CA  1 
ATOM   232  C  C   . PHE A 1 33  ? 5.490   8.586   4.295   1.00 19.52  ? 29  PHE A C   1 
ATOM   233  O  O   . PHE A 1 33  ? 6.222   7.730   4.816   1.00 19.53  ? 29  PHE A O   1 
ATOM   234  C  CB  . PHE A 1 33  ? 4.861   7.193   2.277   1.00 13.68  ? 29  PHE A CB  1 
ATOM   235  C  CG  . PHE A 1 33  ? 4.512   7.174   0.781   1.00 20.36  ? 29  PHE A CG  1 
ATOM   236  C  CD1 . PHE A 1 33  ? 5.519   7.344   -0.179  1.00 28.69  ? 29  PHE A CD1 1 
ATOM   237  C  CD2 . PHE A 1 33  ? 3.185   6.990   0.369   1.00 18.77  ? 29  PHE A CD2 1 
ATOM   238  C  CE1 . PHE A 1 33  ? 5.200   7.333   -1.544  1.00 23.78  ? 29  PHE A CE1 1 
ATOM   239  C  CE2 . PHE A 1 33  ? 2.866   6.979   -0.995  1.00 24.25  ? 29  PHE A CE2 1 
ATOM   240  C  CZ  . PHE A 1 33  ? 3.872   7.151   -1.951  1.00 20.27  ? 29  PHE A CZ  1 
ATOM   241  N  N   . SER A 1 34  ? 4.865   9.561   4.946   1.00 14.45  ? 30  SER A N   1 
ATOM   242  C  CA  . SER A 1 34  ? 4.979   9.782   6.405   1.00 22.29  ? 30  SER A CA  1 
ATOM   243  C  C   . SER A 1 34  ? 3.704   9.323   7.131   1.00 23.91  ? 30  SER A C   1 
ATOM   244  O  O   . SER A 1 34  ? 2.752   10.102  7.300   1.00 19.92  ? 30  SER A O   1 
ATOM   245  C  CB  . SER A 1 34  ? 5.192   11.270  6.686   1.00 24.68  ? 30  SER A CB  1 
ATOM   246  O  OG  . SER A 1 34  ? 5.216   11.502  8.085   1.00 58.99  ? 30  SER A OG  1 
ATOM   247  N  N   . PRO A 1 35  ? 3.642   8.055   7.561   1.00 13.92  ? 31  PRO A N   1 
ATOM   248  C  CA  . PRO A 1 35  ? 2.480   7.511   8.263   1.00 9.51   ? 31  PRO A CA  1 
ATOM   249  C  C   . PRO A 1 35  ? 2.276   8.078   9.656   1.00 24.24  ? 31  PRO A C   1 
ATOM   250  O  O   . PRO A 1 35  ? 3.274   8.535   10.294  1.00 19.95  ? 31  PRO A O   1 
ATOM   251  C  CB  . PRO A 1 35  ? 2.807   6.050   8.447   1.00 17.34  ? 31  PRO A CB  1 
ATOM   252  C  CG  . PRO A 1 35  ? 4.200   5.812   7.891   1.00 24.05  ? 31  PRO A CG  1 
ATOM   253  C  CD  . PRO A 1 35  ? 4.734   7.102   7.350   1.00 13.07  ? 31  PRO A CD  1 
ATOM   254  N  N   . ASP A 1 36  ? 1.014   8.008   10.060  1.00 21.23  ? 32  ASP A N   1 
ATOM   255  C  CA  . ASP A 1 36  ? 0.530   8.345   11.418  1.00 21.94  ? 32  ASP A CA  1 
ATOM   256  C  C   . ASP A 1 36  ? -0.638  7.405   11.699  1.00 20.31  ? 32  ASP A C   1 
ATOM   257  O  O   . ASP A 1 36  ? -1.796  7.834   11.804  1.00 20.82  ? 32  ASP A O   1 
ATOM   258  C  CB  . ASP A 1 36  ? 0.064   9.803   11.532  1.00 20.31  ? 32  ASP A CB  1 
ATOM   259  C  CG  . ASP A 1 36  ? -0.291  10.188  12.982  1.00 33.56  ? 32  ASP A CG  1 
ATOM   260  O  OD1 . ASP A 1 36  ? -0.029  9.371   13.952  1.00 29.53  ? 32  ASP A OD1 1 
ATOM   261  O  OD2 . ASP A 1 36  ? -0.849  11.324  13.241  1.00 43.24  ? 32  ASP A OD2 1 
ATOM   262  N  N   . LEU A 1 37  ? -0.273  6.136   11.796  1.00 19.43  ? 33  LEU A N   1 
ATOM   263  C  CA  . LEU A 1 37  ? -1.235  5.041   11.959  1.00 23.33  ? 33  LEU A CA  1 
ATOM   264  C  C   . LEU A 1 37  ? -1.101  4.336   13.312  1.00 18.13  ? 33  LEU A C   1 
ATOM   265  O  O   . LEU A 1 37  ? -0.015  4.306   13.915  1.00 23.42  ? 33  LEU A O   1 
ATOM   266  C  CB  . LEU A 1 37  ? -1.020  4.016   10.850  1.00 17.14  ? 33  LEU A CB  1 
ATOM   267  C  CG  . LEU A 1 37  ? -0.941  4.667   9.469   1.00 22.13  ? 33  LEU A CG  1 
ATOM   268  C  CD1 . LEU A 1 37  ? -0.363  3.739   8.401   1.00 24.28  ? 33  LEU A CD1 1 
ATOM   269  C  CD2 . LEU A 1 37  ? -2.308  5.109   8.942   1.00 25.07  ? 33  LEU A CD2 1 
ATOM   270  N  N   . LYS A 1 38  ? -2.247  3.793   13.696  1.00 23.69  ? 34  LYS A N   1 
ATOM   271  C  CA  . LYS A 1 38  ? -2.451  3.060   14.953  1.00 26.01  ? 34  LYS A CA  1 
ATOM   272  C  C   . LYS A 1 38  ? -3.317  1.814   14.695  1.00 28.21  ? 34  LYS A C   1 
ATOM   273  O  O   . LYS A 1 38  ? -3.826  1.612   13.585  1.00 23.74  ? 34  LYS A O   1 
ATOM   274  C  CB  . LYS A 1 38  ? -3.211  3.953   15.939  1.00 22.01  ? 34  LYS A CB  1 
ATOM   275  C  CG  . LYS A 1 38  ? -4.616  4.308   15.437  1.00 34.34  ? 34  LYS A CG  1 
ATOM   276  C  CD  . LYS A 1 38  ? -5.263  5.467   16.196  1.00 55.02  ? 34  LYS A CD  1 
ATOM   277  C  CE  . LYS A 1 38  ? -6.793  5.426   16.151  1.00 55.76  ? 34  LYS A CE  1 
ATOM   278  N  NZ  . LYS A 1 38  ? -7.414  5.896   17.397  1.00 65.21  ? 34  LYS A NZ  1 
ATOM   279  N  N   . ALA A 1 39  ? -3.449  1.018   15.744  1.00 26.30  ? 35  ALA A N   1 
ATOM   280  C  CA  . ALA A 1 39  ? -4.288  -0.204  15.755  1.00 26.53  ? 35  ALA A CA  1 
ATOM   281  C  C   . ALA A 1 39  ? -3.936  -1.186  14.620  1.00 21.43  ? 35  ALA A C   1 
ATOM   282  O  O   . ALA A 1 39  ? -4.827  -1.744  13.960  1.00 22.29  ? 35  ALA A O   1 
ATOM   283  C  CB  . ALA A 1 39  ? -5.763  0.176   15.590  1.00 27.85  ? 35  ALA A CB  1 
ATOM   284  N  N   . LEU A 1 40  ? -2.644  -1.384  14.434  1.00 20.12  ? 36  LEU A N   1 
ATOM   285  C  CA  . LEU A 1 40  ? -2.096  -2.302  13.408  1.00 24.58  ? 36  LEU A CA  1 
ATOM   286  C  C   . LEU A 1 40  ? -1.343  -3.451  14.090  1.00 24.15  ? 36  LEU A C   1 
ATOM   287  O  O   . LEU A 1 40  ? -0.691  -3.259  15.125  1.00 23.77  ? 36  LEU A O   1 
ATOM   288  C  CB  . LEU A 1 40  ? -1.066  -1.563  12.544  1.00 20.05  ? 36  LEU A CB  1 
ATOM   289  C  CG  . LEU A 1 40  ? -1.538  -1.248  11.124  1.00 37.60  ? 36  LEU A CG  1 
ATOM   290  C  CD1 . LEU A 1 40  ? -3.035  -1.466  10.922  1.00 29.63  ? 36  LEU A CD1 1 
ATOM   291  C  CD2 . LEU A 1 40  ? -1.269  0.207   10.724  1.00 34.78  ? 36  LEU A CD2 1 
ATOM   292  N  N   . PRO A 1 41  ? -1.374  -4.704  13.596  1.00 20.03  ? 37  PRO A N   1 
ATOM   293  C  CA  . PRO A 1 41  ? -0.587  -5.762  14.215  1.00 16.99  ? 37  PRO A CA  1 
ATOM   294  C  C   . PRO A 1 41  ? 0.887   -5.411  14.134  1.00 29.47  ? 37  PRO A C   1 
ATOM   295  O  O   . PRO A 1 41  ? 1.371   -5.030  13.022  1.00 23.29  ? 37  PRO A O   1 
ATOM   296  C  CB  . PRO A 1 41  ? -0.916  -6.988  13.397  1.00 14.90  ? 37  PRO A CB  1 
ATOM   297  C  CG  . PRO A 1 41  ? -1.895  -6.574  12.309  1.00 18.78  ? 37  PRO A CG  1 
ATOM   298  C  CD  . PRO A 1 41  ? -2.179  -5.106  12.440  1.00 23.99  ? 37  PRO A CD  1 
ATOM   299  N  N   . PRO A 1 42  ? 1.671   -5.499  15.234  1.00 33.36  ? 38  PRO A N   1 
ATOM   300  C  CA  . PRO A 1 42  ? 3.099   -5.168  15.194  1.00 20.11  ? 38  PRO A CA  1 
ATOM   301  C  C   . PRO A 1 42  ? 3.835   -6.054  14.206  1.00 30.21  ? 38  PRO A C   1 
ATOM   302  O  O   . PRO A 1 42  ? 3.398   -7.222  13.976  1.00 26.61  ? 38  PRO A O   1 
ATOM   303  C  CB  . PRO A 1 42  ? 3.567   -5.400  16.613  1.00 22.96  ? 38  PRO A CB  1 
ATOM   304  C  CG  . PRO A 1 42  ? 2.371   -5.860  17.433  1.00 28.21  ? 38  PRO A CG  1 
ATOM   305  C  CD  . PRO A 1 42  ? 1.166   -5.921  16.542  1.00 32.37  ? 38  PRO A CD  1 
ATOM   306  N  N   . GLY A 1 43  ? 4.915   -5.501  13.651  1.00 26.66  ? 39  GLY A N   1 
ATOM   307  C  CA  . GLY A 1 43  ? 5.770   -6.201  12.661  1.00 27.59  ? 39  GLY A CA  1 
ATOM   308  C  C   . GLY A 1 43  ? 5.863   -5.381  11.364  1.00 25.54  ? 39  GLY A C   1 
ATOM   309  O  O   . GLY A 1 43  ? 5.460   -4.214  11.314  1.00 16.83  ? 39  GLY A O   1 
ATOM   310  N  N   . GLU A 1 44  ? 6.398   -6.018  10.331  1.00 18.21  ? 40  GLU A N   1 
ATOM   311  C  CA  . GLU A 1 44  ? 6.558   -5.383  9.007   1.00 24.16  ? 40  GLU A CA  1 
ATOM   312  C  C   . GLU A 1 44  ? 5.402   -5.803  8.101   1.00 28.97  ? 40  GLU A C   1 
ATOM   313  O  O   . GLU A 1 44  ? 4.941   -6.954  8.143   1.00 26.60  ? 40  GLU A O   1 
ATOM   314  C  CB  . GLU A 1 44  ? 7.904   -5.777  8.409   1.00 27.41  ? 40  GLU A CB  1 
ATOM   315  C  CG  . GLU A 1 44  ? 9.069   -5.225  9.230   0.00 36.99  ? 40  GLU A CG  1 
ATOM   316  C  CD  . GLU A 1 44  ? 10.430  -5.416  8.567   0.00 57.51  ? 40  GLU A CD  1 
ATOM   317  O  OE1 . GLU A 1 44  ? 10.513  -6.003  7.424   0.00 52.09  ? 40  GLU A OE1 1 
ATOM   318  O  OE2 . GLU A 1 44  ? 11.496  -4.992  9.158   0.00 51.83  ? 40  GLU A OE2 1 
ATOM   319  N  N   . HIS A 1 45  ? 4.963   -4.851  7.295   1.00 22.54  ? 41  HIS A N   1 
ATOM   320  C  CA  . HIS A 1 45  ? 3.805   -5.052  6.420   1.00 15.46  ? 41  HIS A CA  1 
ATOM   321  C  C   . HIS A 1 45  ? 4.014   -4.510  5.016   1.00 22.26  ? 41  HIS A C   1 
ATOM   322  O  O   . HIS A 1 45  ? 4.616   -3.441  4.827   1.00 25.01  ? 41  HIS A O   1 
ATOM   323  C  CB  . HIS A 1 45  ? 2.603   -4.322  6.999   1.00 17.59  ? 41  HIS A CB  1 
ATOM   324  C  CG  . HIS A 1 45  ? 2.124   -4.977  8.278   1.00 23.47  ? 41  HIS A CG  1 
ATOM   325  N  ND1 . HIS A 1 45  ? 2.470   -4.485  9.529   1.00 26.69  ? 41  HIS A ND1 1 
ATOM   326  C  CD2 . HIS A 1 45  ? 1.354   -6.067  8.482   1.00 24.52  ? 41  HIS A CD2 1 
ATOM   327  C  CE1 . HIS A 1 45  ? 1.917   -5.267  10.436  1.00 21.04  ? 41  HIS A CE1 1 
ATOM   328  N  NE2 . HIS A 1 45  ? 1.247   -6.216  9.827   1.00 25.87  ? 41  HIS A NE2 1 
ATOM   329  N  N   . GLY A 1 46  ? 3.487   -5.290  4.088   1.00 20.58  ? 42  GLY A N   1 
ATOM   330  C  CA  . GLY A 1 46  ? 3.488   -4.944  2.671   1.00 19.10  ? 42  GLY A CA  1 
ATOM   331  C  C   . GLY A 1 46  ? 2.763   -3.612  2.528   1.00 21.82  ? 42  GLY A C   1 
ATOM   332  O  O   . GLY A 1 46  ? 1.671   -3.425  3.083   1.00 18.27  ? 42  GLY A O   1 
ATOM   333  N  N   . PHE A 1 47  ? 3.401   -2.742  1.792   1.00 16.74  ? 43  PHE A N   1 
ATOM   334  C  CA  . PHE A 1 47  ? 2.936   -1.369  1.565   1.00 16.71  ? 43  PHE A CA  1 
ATOM   335  C  C   . PHE A 1 47  ? 3.046   -1.057  0.069   1.00 23.09  ? 43  PHE A C   1 
ATOM   336  O  O   . PHE A 1 47  ? 4.144   -0.846  -0.459  1.00 21.90  ? 43  PHE A O   1 
ATOM   337  C  CB  . PHE A 1 47  ? 3.860   -0.458  2.380   1.00 13.92  ? 43  PHE A CB  1 
ATOM   338  C  CG  . PHE A 1 47  ? 3.335   0.947   2.664   1.00 11.75  ? 43  PHE A CG  1 
ATOM   339  C  CD1 . PHE A 1 47  ? 1.969   1.175   2.882   1.00 19.27  ? 43  PHE A CD1 1 
ATOM   340  C  CD2 . PHE A 1 47  ? 4.245   2.008   2.717   1.00 14.40  ? 43  PHE A CD2 1 
ATOM   341  C  CE1 . PHE A 1 47  ? 1.516   2.476   3.152   1.00 24.06  ? 43  PHE A CE1 1 
ATOM   342  C  CE2 . PHE A 1 47  ? 3.792   3.305   2.988   1.00 18.67  ? 43  PHE A CE2 1 
ATOM   343  C  CZ  . PHE A 1 47  ? 2.428   3.539   3.206   1.00 20.00  ? 43  PHE A CZ  1 
ATOM   344  N  N   . HIS A 1 48  ? 1.906   -1.034  -0.608  1.00 17.60  ? 44  HIS A N   1 
ATOM   345  C  CA  . HIS A 1 48  ? 1.888   -0.777  -2.061  1.00 17.89  ? 44  HIS A CA  1 
ATOM   346  C  C   . HIS A 1 48  ? 0.693   0.071   -2.501  1.00 21.37  ? 44  HIS A C   1 
ATOM   347  O  O   . HIS A 1 48  ? -0.333  0.142   -1.813  1.00 29.53  ? 44  HIS A O   1 
ATOM   348  C  CB  . HIS A 1 48  ? 1.751   -2.086  -2.855  1.00 11.35  ? 44  HIS A CB  1 
ATOM   349  C  CG  . HIS A 1 48  ? 2.460   -3.290  -2.226  1.00 12.74  ? 44  HIS A CG  1 
ATOM   350  N  ND1 . HIS A 1 48  ? 1.759   -4.409  -1.778  1.00 17.49  ? 44  HIS A ND1 1 
ATOM   351  C  CD2 . HIS A 1 48  ? 3.773   -3.546  -1.985  1.00 14.76  ? 44  HIS A CD2 1 
ATOM   352  C  CE1 . HIS A 1 48  ? 2.632   -5.277  -1.301  1.00 13.48  ? 44  HIS A CE1 1 
ATOM   353  N  NE2 . HIS A 1 48  ? 3.837   -4.778  -1.416  1.00 14.65  ? 44  HIS A NE2 1 
ATOM   354  N  N   . ILE A 1 49  ? 0.891   0.687   -3.655  1.00 17.15  ? 45  ILE A N   1 
ATOM   355  C  CA  . ILE A 1 49  ? -0.151  1.460   -4.340  1.00 18.85  ? 45  ILE A CA  1 
ATOM   356  C  C   . ILE A 1 49  ? -0.778  0.521   -5.374  1.00 17.38  ? 45  ILE A C   1 
ATOM   357  O  O   . ILE A 1 49  ? -0.076  -0.091  -6.190  1.00 24.39  ? 45  ILE A O   1 
ATOM   358  C  CB  . ILE A 1 49  ? 0.463   2.684   -5.044  1.00 26.48  ? 45  ILE A CB  1 
ATOM   359  C  CG1 . ILE A 1 49  ? 1.203   3.633   -4.095  1.00 28.84  ? 45  ILE A CG1 1 
ATOM   360  C  CG2 . ILE A 1 49  ? -0.580  3.555   -5.752  1.00 18.83  ? 45  ILE A CG2 1 
ATOM   361  C  CD1 . ILE A 1 49  ? 1.708   4.903   -4.790  1.00 28.91  ? 45  ILE A CD1 1 
ATOM   362  N  N   . HIS A 1 50  ? -2.089  0.387   -5.326  1.00 15.34  ? 46  HIS A N   1 
ATOM   363  C  CA  . HIS A 1 50  ? -2.800  -0.513  -6.255  1.00 11.36  ? 46  HIS A CA  1 
ATOM   364  C  C   . HIS A 1 50  ? -3.368  0.316   -7.429  1.00 27.24  ? 46  HIS A C   1 
ATOM   365  O  O   . HIS A 1 50  ? -3.452  1.548   -7.357  1.00 23.95  ? 46  HIS A O   1 
ATOM   366  C  CB  . HIS A 1 50  ? -3.836  -1.322  -5.472  1.00 9.64   ? 46  HIS A CB  1 
ATOM   367  C  CG  . HIS A 1 50  ? -3.175  -2.458  -4.666  1.00 15.39  ? 46  HIS A CG  1 
ATOM   368  N  ND1 . HIS A 1 50  ? -3.509  -3.798  -4.855  1.00 19.91  ? 46  HIS A ND1 1 
ATOM   369  C  CD2 . HIS A 1 50  ? -2.214  -2.449  -3.697  1.00 20.24  ? 46  HIS A CD2 1 
ATOM   370  C  CE1 . HIS A 1 50  ? -2.772  -4.532  -4.035  1.00 16.91  ? 46  HIS A CE1 1 
ATOM   371  N  NE2 . HIS A 1 50  ? -1.996  -3.743  -3.337  1.00 20.72  ? 46  HIS A NE2 1 
ATOM   372  N  N   . ALA A 1 51  ? -3.741  -0.402  -8.481  1.00 23.40  ? 47  ALA A N   1 
ATOM   373  C  CA  . ALA A 1 51  ? -4.173  0.180   -9.783  1.00 24.96  ? 47  ALA A CA  1 
ATOM   374  C  C   . ALA A 1 51  ? -5.490  0.993   -9.755  1.00 25.61  ? 47  ALA A C   1 
ATOM   375  O  O   . ALA A 1 51  ? -5.676  1.938   -10.538 1.00 27.33  ? 47  ALA A O   1 
ATOM   376  C  CB  . ALA A 1 51  ? -4.385  -0.927  -10.814 1.00 33.83  ? 47  ALA A CB  1 
ATOM   377  N  N   . LYS A 1 52  ? -6.420  0.640   -8.888  1.00 21.18  ? 48  LYS A N   1 
ATOM   378  C  CA  . LYS A 1 52  ? -7.728  1.340   -8.844  1.00 18.03  ? 48  LYS A CA  1 
ATOM   379  C  C   . LYS A 1 52  ? -7.947  2.036   -7.500  1.00 16.20  ? 48  LYS A C   1 
ATOM   380  O  O   . LYS A 1 52  ? -7.525  1.542   -6.448  1.00 23.83  ? 48  LYS A O   1 
ATOM   381  C  CB  . LYS A 1 52  ? -8.862  0.343   -9.073  1.00 29.09  ? 48  LYS A CB  1 
ATOM   382  C  CG  . LYS A 1 52  ? -8.637  -0.536  -10.305 1.00 27.82  ? 48  LYS A CG  1 
ATOM   383  C  CD  . LYS A 1 52  ? -9.940  -1.069  -10.904 1.00 50.42  ? 48  LYS A CD  1 
ATOM   384  C  CE  . LYS A 1 52  ? -11.187 -0.495  -10.231 0.00 61.93  ? 48  LYS A CE  1 
ATOM   385  N  NZ  . LYS A 1 52  ? -12.218 -1.509  -9.972  0.00 71.93  ? 48  LYS A NZ  1 
ATOM   386  N  N   . GLY A 1 53  ? -8.621  3.171   -7.581  1.00 15.36  ? 49  GLY A N   1 
ATOM   387  C  CA  . GLY A 1 53  ? -8.923  4.004   -6.408  1.00 20.63  ? 49  GLY A CA  1 
ATOM   388  C  C   . GLY A 1 53  ? -10.223 3.547   -5.735  1.00 26.71  ? 49  GLY A C   1 
ATOM   389  O  O   . GLY A 1 53  ? -11.227 4.273   -5.719  1.00 24.26  ? 49  GLY A O   1 
ATOM   390  N  N   . SER A 1 54  ? -10.171 2.343   -5.183  1.00 27.50  ? 50  SER A N   1 
ATOM   391  C  CA  . SER A 1 54  ? -11.327 1.759   -4.483  1.00 25.96  ? 50  SER A CA  1 
ATOM   392  C  C   . SER A 1 54  ? -10.899 0.776   -3.377  1.00 29.39  ? 50  SER A C   1 
ATOM   393  O  O   . SER A 1 54  ? -10.008 -0.065  -3.537  1.00 21.69  ? 50  SER A O   1 
ATOM   394  C  CB  . SER A 1 54  ? -12.226 0.992   -5.452  1.00 28.33  ? 50  SER A CB  1 
ATOM   395  O  OG  . SER A 1 54  ? -13.343 0.455   -4.746  1.00 30.35  ? 50  SER A OG  1 
ATOM   396  N  N   . CYS A 1 55  A -11.550 0.863   -2.229  1.00 21.11  ? 50  CYS A N   1 
ATOM   397  C  CA  . CYS A 1 55  A -11.177 -0.077  -1.162  1.00 25.73  ? 50  CYS A CA  1 
ATOM   398  C  C   . CYS A 1 55  A -12.322 -1.102  -0.933  1.00 25.91  ? 50  CYS A C   1 
ATOM   399  O  O   . CYS A 1 55  A -12.407 -1.775  0.070   1.00 26.78  ? 50  CYS A O   1 
ATOM   400  C  CB  . CYS A 1 55  A -10.903 0.731   0.161   1.00 23.98  ? 50  CYS A CB  1 
ATOM   401  S  SG  . CYS A 1 55  A -9.406  1.806   0.153   1.00 20.29  ? 50  CYS A SG  1 
ATOM   402  N  N   . GLN A 1 56  ? -13.246 -1.204  -1.844  1.00 20.16  ? 51  GLN A N   1 
ATOM   403  C  CA  . GLN A 1 56  ? -14.364 -2.073  -1.635  1.00 22.55  ? 51  GLN A CA  1 
ATOM   404  C  C   . GLN A 1 56  ? -13.991 -3.521  -1.872  1.00 23.87  ? 51  GLN A C   1 
ATOM   405  O  O   . GLN A 1 56  ? -13.063 -3.822  -2.634  1.00 23.94  ? 51  GLN A O   1 
ATOM   406  C  CB  . GLN A 1 56  ? -15.564 -1.706  -2.575  1.00 23.28  ? 51  GLN A CB  1 
ATOM   407  C  CG  . GLN A 1 56  ? -15.948 -0.224  -2.520  1.00 18.35  ? 51  GLN A CG  1 
ATOM   408  C  CD  . GLN A 1 56  ? -16.461 0.210   -1.144  1.00 52.31  ? 51  GLN A CD  1 
ATOM   409  O  OE1 . GLN A 1 56  ? -16.092 1.279   -0.659  1.00 45.85  ? 51  GLN A OE1 1 
ATOM   410  N  NE2 . GLN A 1 56  ? -17.303 -0.559  -0.479  1.00 31.76  ? 51  GLN A NE2 1 
ATOM   411  N  N   . PRO A 1 57  ? -14.673 -4.463  -1.209  1.00 26.99  ? 52  PRO A N   1 
ATOM   412  C  CA  . PRO A 1 57  ? -14.397 -5.873  -1.394  1.00 30.87  ? 52  PRO A CA  1 
ATOM   413  C  C   . PRO A 1 57  ? -14.863 -6.322  -2.749  1.00 20.34  ? 52  PRO A C   1 
ATOM   414  O  O   . PRO A 1 57  ? -15.681 -5.605  -3.394  1.00 23.79  ? 52  PRO A O   1 
ATOM   415  C  CB  . PRO A 1 57  ? -15.267 -6.559  -0.375  1.00 31.14  ? 52  PRO A CB  1 
ATOM   416  C  CG  . PRO A 1 57  ? -16.118 -5.498  0.299   1.00 32.88  ? 52  PRO A CG  1 
ATOM   417  C  CD  . PRO A 1 57  ? -15.755 -4.156  -0.270  1.00 26.88  ? 52  PRO A CD  1 
ATOM   418  N  N   . ALA A 1 58  ? -14.381 -7.476  -3.158  1.00 24.02  ? 53  ALA A N   1 
ATOM   419  C  CA  . ALA A 1 58  ? -14.808 -8.112  -4.419  1.00 27.32  ? 53  ALA A CA  1 
ATOM   420  C  C   . ALA A 1 58  ? -14.671 -9.627  -4.254  1.00 30.74  ? 53  ALA A C   1 
ATOM   421  O  O   . ALA A 1 58  ? -13.769 -10.105 -3.546  1.00 32.78  ? 53  ALA A O   1 
ATOM   422  C  CB  . ALA A 1 58  ? -13.977 -7.605  -5.592  1.00 25.55  ? 53  ALA A CB  1 
ATOM   423  N  N   . THR A 1 59  ? -15.568 -10.339 -4.915  1.00 40.06  ? 54  THR A N   1 
ATOM   424  C  CA  . THR A 1 59  ? -15.655 -11.808 -4.816  0.00 39.64  ? 54  THR A CA  1 
ATOM   425  C  C   . THR A 1 59  ? -14.825 -12.516 -5.884  0.00 43.54  ? 54  THR A C   1 
ATOM   426  O  O   . THR A 1 59  ? -15.367 -13.106 -6.834  0.00 43.12  ? 54  THR A O   1 
ATOM   427  C  CB  . THR A 1 59  ? -17.106 -12.255 -4.950  0.00 48.21  ? 54  THR A CB  1 
ATOM   428  O  OG1 . THR A 1 59  ? -17.886 -11.654 -3.926  0.00 47.95  ? 54  THR A OG1 1 
ATOM   429  C  CG2 . THR A 1 59  ? -17.272 -13.771 -4.826  0.00 46.97  ? 54  THR A CG2 1 
ATOM   430  N  N   . LYS A 1 60  A -13.536 -12.442 -5.666  0.00 40.43  ? 54  LYS A N   1 
ATOM   431  C  CA  . LYS A 1 60  A -12.543 -13.083 -6.517  0.00 40.44  ? 54  LYS A CA  1 
ATOM   432  C  C   . LYS A 1 60  A -11.469 -13.710 -5.622  0.00 44.76  ? 54  LYS A C   1 
ATOM   433  O  O   . LYS A 1 60  A -10.670 -12.989 -5.000  0.00 44.27  ? 54  LYS A O   1 
ATOM   434  C  CB  . LYS A 1 60  A -11.937 -12.055 -7.474  0.00 42.91  ? 54  LYS A CB  1 
ATOM   435  C  CG  . LYS A 1 60  A -12.988 -11.389 -8.368  0.00 57.26  ? 54  LYS A CG  1 
ATOM   436  C  CD  . LYS A 1 60  A -12.376 -10.540 -9.483  0.00 67.18  ? 54  LYS A CD  1 
ATOM   437  C  CE  . LYS A 1 60  A -13.422 -9.966  -10.442 0.00 77.83  ? 54  LYS A CE  1 
ATOM   438  N  NZ  . LYS A 1 60  A -12.831 -9.133  -11.500 0.00 86.94  ? 54  LYS A NZ  1 
ATOM   439  N  N   . ASP A 1 61  B -11.535 -15.034 -5.599  0.00 41.92  ? 54  ASP A N   1 
ATOM   440  C  CA  . ASP A 1 61  B -10.618 -15.922 -4.851  0.00 42.14  ? 54  ASP A CA  1 
ATOM   441  C  C   . ASP A 1 61  B -11.403 -16.840 -3.899  0.00 47.94  ? 54  ASP A C   1 
ATOM   442  O  O   . ASP A 1 61  B -11.227 -16.795 -2.671  0.00 47.31  ? 54  ASP A O   1 
ATOM   443  C  CB  . ASP A 1 61  B -9.596  -15.120 -4.052  0.00 43.80  ? 54  ASP A CB  1 
ATOM   444  C  CG  . ASP A 1 61  B -8.515  -14.493 -4.935  0.00 52.88  ? 54  ASP A CG  1 
ATOM   445  O  OD1 . ASP A 1 61  B -8.045  -15.139 -5.949  0.00 53.24  ? 54  ASP A OD1 1 
ATOM   446  O  OD2 . ASP A 1 61  B -8.085  -13.310 -4.664  0.00 58.63  ? 54  ASP A OD2 1 
ATOM   447  N  N   . GLY A 1 62  C -12.247 -17.643 -4.518  0.00 46.54  ? 54  GLY A N   1 
ATOM   448  C  CA  . GLY A 1 62  C -13.074 -18.648 -3.832  0.00 47.59  ? 54  GLY A CA  1 
ATOM   449  C  C   . GLY A 1 62  C -14.037 -18.009 -2.827  0.00 54.96  ? 54  GLY A C   1 
ATOM   450  O  O   . GLY A 1 62  C -14.620 -18.703 -1.979  0.00 54.61  ? 54  GLY A O   1 
ATOM   451  N  N   . LYS A 1 63  D -14.189 -16.699 -2.937  1.00 54.25  ? 54  LYS A N   1 
ATOM   452  C  CA  . LYS A 1 63  D -15.102 -15.945 -2.059  1.00 48.02  ? 54  LYS A CA  1 
ATOM   453  C  C   . LYS A 1 63  D -14.789 -14.447 -2.065  1.00 38.56  ? 54  LYS A C   1 
ATOM   454  O  O   . LYS A 1 63  D -14.002 -13.957 -2.887  1.00 45.79  ? 54  LYS A O   1 
ATOM   455  C  CB  . LYS A 1 63  D -14.981 -16.441 -0.617  0.00 50.09  ? 54  LYS A CB  1 
ATOM   456  C  CG  . LYS A 1 63  D -16.198 -17.249 -0.170  0.00 65.87  ? 54  LYS A CG  1 
ATOM   457  C  CD  . LYS A 1 63  D -15.971 -17.993 1.143   0.00 76.39  ? 54  LYS A CD  1 
ATOM   458  C  CE  . LYS A 1 63  D -16.425 -19.453 1.089   0.00 86.55  ? 54  LYS A CE  1 
ATOM   459  N  NZ  . LYS A 1 63  D -16.656 -20.030 2.420   0.00 95.29  ? 54  LYS A NZ  1 
ATOM   460  N  N   . ALA A 1 64  E -15.447 -13.772 -1.139  1.00 37.35  ? 54  ALA A N   1 
ATOM   461  C  CA  . ALA A 1 64  E -15.278 -12.333 -0.926  1.00 40.11  ? 54  ALA A CA  1 
ATOM   462  C  C   . ALA A 1 64  E -13.854 -12.092 -0.433  1.00 36.19  ? 54  ALA A C   1 
ATOM   463  O  O   . ALA A 1 64  E -13.300 -12.904 0.314   1.00 28.44  ? 54  ALA A O   1 
ATOM   464  C  CB  . ALA A 1 64  E -16.281 -11.849 0.131   1.00 39.47  ? 54  ALA A CB  1 
ATOM   465  N  N   . SER A 1 65  F -13.271 -10.989 -0.867  1.00 33.98  ? 54  SER A N   1 
ATOM   466  C  CA  . SER A 1 65  F -11.896 -10.626 -0.462  1.00 32.10  ? 54  SER A CA  1 
ATOM   467  C  C   . SER A 1 65  F -11.818 -9.132  -0.165  1.00 24.97  ? 54  SER A C   1 
ATOM   468  O  O   . SER A 1 65  F -12.326 -8.304  -0.933  1.00 22.09  ? 54  SER A O   1 
ATOM   469  C  CB  . SER A 1 65  F -10.894 -10.970 -1.567  1.00 39.74  ? 54  SER A CB  1 
ATOM   470  O  OG  . SER A 1 65  F -9.587  -11.082 -1.015  1.00 45.35  ? 54  SER A OG  1 
ATOM   471  N  N   . ALA A 1 66  G -11.174 -8.837  0.950   1.00 23.25  ? 54  ALA A N   1 
ATOM   472  C  CA  . ALA A 1 66  G -11.014 -7.459  1.438   1.00 24.51  ? 54  ALA A CA  1 
ATOM   473  C  C   . ALA A 1 66  G -10.302 -6.585  0.392   1.00 17.95  ? 54  ALA A C   1 
ATOM   474  O  O   . ALA A 1 66  G -9.243  -6.957  -0.133  1.00 19.36  ? 54  ALA A O   1 
ATOM   475  C  CB  . ALA A 1 66  G -10.197 -7.452  2.735   1.00 22.41  ? 54  ALA A CB  1 
ATOM   476  N  N   . ALA A 1 67  ? -10.938 -5.450  0.134   1.00 19.83  ? 55  ALA A N   1 
ATOM   477  C  CA  . ALA A 1 67  ? -10.449 -4.404  -0.791  1.00 25.66  ? 55  ALA A CA  1 
ATOM   478  C  C   . ALA A 1 67  ? -9.967  -4.982  -2.120  1.00 33.01  ? 55  ALA A C   1 
ATOM   479  O  O   . ALA A 1 67  ? -9.067  -4.448  -2.777  1.00 21.19  ? 55  ALA A O   1 
ATOM   480  C  CB  . ALA A 1 67  ? -9.268  -3.662  -0.164  1.00 23.52  ? 55  ALA A CB  1 
ATOM   481  N  N   . GLU A 1 68  ? -10.572 -6.055  -2.525  1.00 20.40  ? 56  GLU A N   1 
ATOM   482  C  CA  . GLU A 1 68  ? -10.183 -6.703  -3.767  1.00 19.10  ? 56  GLU A CA  1 
ATOM   483  C  C   . GLU A 1 68  ? -10.512 -5.792  -4.977  1.00 28.26  ? 56  GLU A C   1 
ATOM   484  O  O   . GLU A 1 68  ? -9.975  -5.956  -6.078  1.00 25.38  ? 56  GLU A O   1 
ATOM   485  C  CB  . GLU A 1 68  ? -10.905 -8.037  -3.860  1.00 19.47  ? 56  GLU A CB  1 
ATOM   486  C  CG  . GLU A 1 68  ? -10.523 -8.841  -5.093  1.00 42.39  ? 56  GLU A CG  1 
ATOM   487  C  CD  . GLU A 1 68  ? -9.032  -9.173  -5.180  1.00 52.90  ? 56  GLU A CD  1 
ATOM   488  O  OE1 . GLU A 1 68  ? -8.319  -9.255  -4.110  1.00 37.21  ? 56  GLU A OE1 1 
ATOM   489  O  OE2 . GLU A 1 68  ? -8.497  -9.375  -6.337  1.00 41.78  ? 56  GLU A OE2 1 
ATOM   490  N  N   . SER A 1 69  ? -11.385 -4.827  -4.760  1.00 27.52  ? 57  SER A N   1 
ATOM   491  C  CA  . SER A 1 69  ? -11.827 -3.900  -5.823  1.00 21.15  ? 57  SER A CA  1 
ATOM   492  C  C   . SER A 1 69  ? -10.681 -3.034  -6.380  1.00 28.80  ? 57  SER A C   1 
ATOM   493  O  O   . SER A 1 69  ? -10.784 -2.461  -7.473  1.00 25.09  ? 57  SER A O   1 
ATOM   494  C  CB  . SER A 1 69  ? -12.855 -2.917  -5.270  1.00 24.72  ? 57  SER A CB  1 
ATOM   495  O  OG  . SER A 1 69  ? -14.163 -3.406  -5.489  1.00 49.46  ? 57  SER A OG  1 
ATOM   496  N  N   . ALA A 1 70  ? -9.599  -2.940  -5.630  1.00 25.54  ? 58  ALA A N   1 
ATOM   497  C  CA  . ALA A 1 70  ? -8.471  -2.056  -5.996  1.00 22.05  ? 58  ALA A CA  1 
ATOM   498  C  C   . ALA A 1 70  ? -7.560  -2.646  -7.085  1.00 30.06  ? 58  ALA A C   1 
ATOM   499  O  O   . ALA A 1 70  ? -6.665  -1.968  -7.605  1.00 28.47  ? 58  ALA A O   1 
ATOM   500  C  CB  . ALA A 1 70  ? -7.601  -1.767  -4.777  1.00 22.51  ? 58  ALA A CB  1 
ATOM   501  N  N   . GLY A 1 71  ? -7.778  -3.900  -7.423  1.00 18.69  ? 59  GLY A N   1 
ATOM   502  C  CA  . GLY A 1 71  ? -6.969  -4.573  -8.464  1.00 19.67  ? 59  GLY A CA  1 
ATOM   503  C  C   . GLY A 1 71  ? -5.557  -4.895  -7.936  1.00 30.36  ? 59  GLY A C   1 
ATOM   504  O  O   . GLY A 1 71  ? -5.317  -4.926  -6.722  1.00 27.98  ? 59  GLY A O   1 
ATOM   505  N  N   . GLY A 1 72  ? -4.650  -5.131  -8.881  1.00 18.46  ? 60  GLY A N   1 
ATOM   506  C  CA  . GLY A 1 72  ? -3.244  -5.492  -8.582  1.00 15.71  ? 60  GLY A CA  1 
ATOM   507  C  C   . GLY A 1 72  ? -2.404  -4.243  -8.276  1.00 26.83  ? 60  GLY A C   1 
ATOM   508  O  O   . GLY A 1 72  ? -2.926  -3.142  -8.071  1.00 26.67  ? 60  GLY A O   1 
ATOM   509  N  N   . HIS A 1 73  ? -1.099  -4.441  -8.245  1.00 21.68  ? 61  HIS A N   1 
ATOM   510  C  CA  . HIS A 1 73  ? -0.149  -3.355  -7.972  1.00 22.58  ? 61  HIS A CA  1 
ATOM   511  C  C   . HIS A 1 73  ? -0.028  -2.448  -9.203  1.00 29.06  ? 61  HIS A C   1 
ATOM   512  O  O   . HIS A 1 73  ? 0.048   -2.927  -10.340 1.00 28.33  ? 61  HIS A O   1 
ATOM   513  C  CB  . HIS A 1 73  ? 1.228   -3.934  -7.649  1.00 16.72  ? 61  HIS A CB  1 
ATOM   514  C  CG  . HIS A 1 73  ? 1.283   -4.635  -6.293  1.00 23.66  ? 61  HIS A CG  1 
ATOM   515  N  ND1 . HIS A 1 73  ? 2.444   -5.242  -5.829  1.00 18.47  ? 61  HIS A ND1 1 
ATOM   516  C  CD2 . HIS A 1 73  ? 0.343   -4.816  -5.327  1.00 22.13  ? 61  HIS A CD2 1 
ATOM   517  C  CE1 . HIS A 1 73  ? 2.190   -5.756  -4.640  1.00 25.42  ? 61  HIS A CE1 1 
ATOM   518  N  NE2 . HIS A 1 73  ? 0.941   -5.510  -4.325  1.00 22.94  ? 61  HIS A NE2 1 
ATOM   519  N  N   . LEU A 1 74  ? -0.016  -1.152  -8.942  1.00 19.80  ? 62  LEU A N   1 
ATOM   520  C  CA  . LEU A 1 74  ? 0.130   -0.121  -9.990  1.00 18.44  ? 62  LEU A CA  1 
ATOM   521  C  C   . LEU A 1 74  ? 1.361   -0.441  -10.842 1.00 28.34  ? 62  LEU A C   1 
ATOM   522  O  O   . LEU A 1 74  ? 2.470   -0.614  -10.329 1.00 22.63  ? 62  LEU A O   1 
ATOM   523  C  CB  . LEU A 1 74  ? 0.330   1.236   -9.327  1.00 14.61  ? 62  LEU A CB  1 
ATOM   524  C  CG  . LEU A 1 74  ? 0.706   2.325   -10.317 1.00 26.17  ? 62  LEU A CG  1 
ATOM   525  C  CD1 . LEU A 1 74  ? -0.480  2.743   -11.185 1.00 18.40  ? 62  LEU A CD1 1 
ATOM   526  C  CD2 . LEU A 1 74  ? 1.217   3.591   -9.631  1.00 27.10  ? 62  LEU A CD2 1 
ATOM   527  N  N   . ASP A 1 75  ? 1.180   -0.503  -12.143 1.00 15.33  ? 63  ASP A N   1 
ATOM   528  C  CA  . ASP A 1 75  ? 2.280   -0.901  -13.032 1.00 16.04  ? 63  ASP A CA  1 
ATOM   529  C  C   . ASP A 1 75  ? 2.005   -0.404  -14.444 1.00 26.31  ? 63  ASP A C   1 
ATOM   530  O  O   . ASP A 1 75  ? 1.772   -1.203  -15.361 1.00 22.98  ? 63  ASP A O   1 
ATOM   531  C  CB  . ASP A 1 75  ? 2.329   -2.419  -12.979 1.00 14.70  ? 63  ASP A CB  1 
ATOM   532  C  CG  . ASP A 1 75  ? 3.419   -3.067  -13.807 1.00 20.64  ? 63  ASP A CG  1 
ATOM   533  O  OD1 . ASP A 1 75  ? 4.481   -2.413  -14.105 1.00 40.41  ? 63  ASP A OD1 1 
ATOM   534  O  OD2 . ASP A 1 75  ? 3.263   -4.287  -14.189 1.00 26.74  ? 63  ASP A OD2 1 
ATOM   535  N  N   . PRO A 1 76  ? 2.031   0.907   -14.669 1.00 28.61  ? 64  PRO A N   1 
ATOM   536  C  CA  . PRO A 1 76  ? 1.691   1.471   -15.961 1.00 29.88  ? 64  PRO A CA  1 
ATOM   537  C  C   . PRO A 1 76  ? 2.627   1.048   -17.084 1.00 37.75  ? 64  PRO A C   1 
ATOM   538  O  O   . PRO A 1 76  ? 2.287   1.287   -18.280 1.00 31.58  ? 64  PRO A O   1 
ATOM   539  C  CB  . PRO A 1 76  ? 1.810   2.959   -15.757 1.00 32.50  ? 64  PRO A CB  1 
ATOM   540  C  CG  . PRO A 1 76  ? 2.267   3.200   -14.329 1.00 31.41  ? 64  PRO A CG  1 
ATOM   541  C  CD  . PRO A 1 76  ? 2.409   1.878   -13.640 1.00 18.86  ? 64  PRO A CD  1 
ATOM   542  N  N   . GLN A 1 77  ? 3.776   0.457   -16.738 1.00 36.22  ? 65  GLN A N   1 
ATOM   543  C  CA  . GLN A 1 77  ? 4.804   0.039   -17.749 1.00 39.43  ? 65  GLN A CA  1 
ATOM   544  C  C   . GLN A 1 77  ? 4.675   -1.456  -18.056 1.00 38.12  ? 65  GLN A C   1 
ATOM   545  O  O   . GLN A 1 77  ? 5.412   -2.001  -18.894 1.00 35.43  ? 65  GLN A O   1 
ATOM   546  C  CB  . GLN A 1 77  ? 6.222   0.322   -17.222 1.00 40.68  ? 65  GLN A CB  1 
ATOM   547  C  CG  . GLN A 1 77  ? 6.661   1.777   -17.426 1.00 55.86  ? 65  GLN A CG  1 
ATOM   548  C  CD  . GLN A 1 77  ? 7.984   2.115   -16.728 0.00 75.52  ? 65  GLN A CD  1 
ATOM   549  O  OE1 . GLN A 1 77  ? 8.888   1.281   -16.676 0.00 71.25  ? 65  GLN A OE1 1 
ATOM   550  N  NE2 . GLN A 1 77  ? 8.158   3.306   -16.180 0.00 67.89  ? 65  GLN A NE2 1 
ATOM   551  N  N   . ASN A 1 78  ? 3.738   -2.051  -17.349 1.00 24.89  ? 66  ASN A N   1 
ATOM   552  C  CA  . ASN A 1 78  ? 3.384   -3.471  -17.480 1.00 31.38  ? 66  ASN A CA  1 
ATOM   553  C  C   . ASN A 1 78  ? 4.635   -4.360  -17.469 1.00 33.74  ? 66  ASN A C   1 
ATOM   554  O  O   . ASN A 1 78  ? 4.866   -5.158  -18.390 1.00 33.08  ? 66  ASN A O   1 
ATOM   555  C  CB  . ASN A 1 78  ? 2.588   -3.669  -18.768 1.00 43.95  ? 66  ASN A CB  1 
ATOM   556  C  CG  . ASN A 1 78  ? 1.196   -3.042  -18.672 1.00 48.64  ? 66  ASN A CG  1 
ATOM   557  O  OD1 . ASN A 1 78  ? 0.777   -2.321  -19.575 0.00 70.55  ? 66  ASN A OD1 1 
ATOM   558  N  ND2 . ASN A 1 78  ? 0.447   -3.272  -17.608 1.00 41.29  ? 66  ASN A ND2 1 
ATOM   559  N  N   . THR A 1 79  ? 5.404   -4.196  -16.403 1.00 24.40  ? 67  THR A N   1 
ATOM   560  C  CA  . THR A 1 79  ? 6.636   -4.970  -16.174 1.00 27.76  ? 67  THR A CA  1 
ATOM   561  C  C   . THR A 1 79  ? 6.263   -6.402  -15.751 1.00 28.73  ? 67  THR A C   1 
ATOM   562  O  O   . THR A 1 79  ? 7.023   -7.357  -15.956 1.00 39.51  ? 67  THR A O   1 
ATOM   563  C  CB  . THR A 1 79  ? 7.465   -4.315  -15.069 1.00 43.39  ? 67  THR A CB  1 
ATOM   564  O  OG1 . THR A 1 79  ? 6.943   -4.667  -13.797 1.00 29.95  ? 67  THR A OG1 1 
ATOM   565  C  CG2 . THR A 1 79  ? 7.473   -2.787  -15.155 1.00 42.14  ? 67  THR A CG2 1 
ATOM   566  N  N   . GLY A 1 80  A 5.094   -6.515  -15.154 1.00 19.08  ? 67  GLY A N   1 
ATOM   567  C  CA  . GLY A 1 80  A 4.548   -7.806  -14.706 1.00 21.20  ? 67  GLY A CA  1 
ATOM   568  C  C   . GLY A 1 80  A 5.343   -8.401  -13.524 1.00 35.51  ? 67  GLY A C   1 
ATOM   569  O  O   . GLY A 1 80  A 5.069   -9.511  -13.059 1.00 31.58  ? 67  GLY A O   1 
ATOM   570  N  N   . LYS A 1 81  ? 6.331   -7.682  -12.996 1.00 24.12  ? 68  LYS A N   1 
ATOM   571  C  CA  . LYS A 1 81  ? 7.130   -8.234  -11.866 1.00 26.57  ? 68  LYS A CA  1 
ATOM   572  C  C   . LYS A 1 81  ? 7.026   -7.407  -10.582 1.00 22.40  ? 68  LYS A C   1 
ATOM   573  O  O   . LYS A 1 81  ? 6.844   -6.184  -10.614 1.00 21.32  ? 68  LYS A O   1 
ATOM   574  C  CB  . LYS A 1 81  ? 8.639   -8.247  -12.144 1.00 18.35  ? 68  LYS A CB  1 
ATOM   575  C  CG  . LYS A 1 81  ? 9.085   -9.013  -13.393 1.00 28.48  ? 68  LYS A CG  1 
ATOM   576  C  CD  . LYS A 1 81  ? 10.245  -8.298  -14.114 1.00 40.16  ? 68  LYS A CD  1 
ATOM   577  C  CE  . LYS A 1 81  ? 11.586  -9.049  -14.068 1.00 48.66  ? 68  LYS A CE  1 
ATOM   578  N  NZ  . LYS A 1 81  ? 12.734  -8.212  -14.468 1.00 79.37  ? 68  LYS A NZ  1 
ATOM   579  N  N   . HIS A 1 82  ? 7.173   -8.119  -9.473  1.00 19.47  ? 69  HIS A N   1 
ATOM   580  C  CA  . HIS A 1 82  ? 7.187   -7.503  -8.143  1.00 19.31  ? 69  HIS A CA  1 
ATOM   581  C  C   . HIS A 1 82  ? 8.616   -7.485  -7.616  1.00 19.43  ? 69  HIS A C   1 
ATOM   582  O  O   . HIS A 1 82  ? 9.164   -8.517  -7.201  1.00 22.73  ? 69  HIS A O   1 
ATOM   583  C  CB  . HIS A 1 82  ? 6.334   -8.278  -7.153  1.00 20.56  ? 69  HIS A CB  1 
ATOM   584  C  CG  . HIS A 1 82  ? 6.309   -7.563  -5.812  1.00 22.63  ? 69  HIS A CG  1 
ATOM   585  N  ND1 . HIS A 1 82  ? 5.578   -6.396  -5.627  1.00 15.38  ? 69  HIS A ND1 1 
ATOM   586  C  CD2 . HIS A 1 82  ? 6.917   -7.833  -4.630  1.00 19.26  ? 69  HIS A CD2 1 
ATOM   587  C  CE1 . HIS A 1 82  ? 5.748   -6.003  -4.380  1.00 14.09  ? 69  HIS A CE1 1 
ATOM   588  N  NE2 . HIS A 1 82  ? 6.544   -6.850  -3.770  1.00 15.65  ? 69  HIS A NE2 1 
ATOM   589  N  N   . GLU A 1 83  ? 9.214   -6.300  -7.620  1.00 27.30  ? 70  GLU A N   1 
ATOM   590  C  CA  . GLU A 1 83  ? 10.628  -6.193  -7.242  1.00 21.08  ? 70  GLU A CA  1 
ATOM   591  C  C   . GLU A 1 83  ? 10.990  -5.155  -6.151  1.00 28.46  ? 70  GLU A C   1 
ATOM   592  O  O   . GLU A 1 83  ? 12.159  -5.021  -5.759  1.00 25.27  ? 70  GLU A O   1 
ATOM   593  C  CB  . GLU A 1 83  ? 11.486  -5.831  -8.457  1.00 23.19  ? 70  GLU A CB  1 
ATOM   594  C  CG  . GLU A 1 83  ? 11.283  -6.770  -9.648  1.00 24.62  ? 70  GLU A CG  1 
ATOM   595  C  CD  . GLU A 1 83  ? 12.396  -6.653  -10.695 1.00 69.76  ? 70  GLU A CD  1 
ATOM   596  O  OE1 . GLU A 1 83  ? 13.205  -5.648  -10.668 1.00 35.93  ? 70  GLU A OE1 1 
ATOM   597  O  OE2 . GLU A 1 83  ? 12.526  -7.560  -11.602 1.00 56.84  ? 70  GLU A OE2 1 
ATOM   598  N  N   . GLY A 1 84  ? 10.037  -4.405  -5.646  1.00 19.50  ? 71  GLY A N   1 
ATOM   599  C  CA  . GLY A 1 84  ? 10.332  -3.437  -4.556  1.00 18.38  ? 71  GLY A CA  1 
ATOM   600  C  C   . GLY A 1 84  ? 10.587  -2.014  -5.089  1.00 21.21  ? 71  GLY A C   1 
ATOM   601  O  O   . GLY A 1 84  ? 10.650  -1.792  -6.308  1.00 31.48  ? 71  GLY A O   1 
ATOM   602  N  N   . PRO A 1 85  ? 10.743  -1.022  -4.182  1.00 19.52  ? 72  PRO A N   1 
ATOM   603  C  CA  . PRO A 1 85  ? 10.922  0.385   -4.556  1.00 20.52  ? 72  PRO A CA  1 
ATOM   604  C  C   . PRO A 1 85  ? 12.186  0.658   -5.341  1.00 23.72  ? 72  PRO A C   1 
ATOM   605  O  O   . PRO A 1 85  ? 12.229  1.677   -6.105  1.00 25.22  ? 72  PRO A O   1 
ATOM   606  C  CB  . PRO A 1 85  ? 11.006  1.116   -3.237  1.00 20.28  ? 72  PRO A CB  1 
ATOM   607  C  CG  . PRO A 1 85  ? 10.893  0.087   -2.124  1.00 21.09  ? 72  PRO A CG  1 
ATOM   608  C  CD  . PRO A 1 85  ? 10.737  -1.271  -2.736  1.00 24.88  ? 72  PRO A CD  1 
ATOM   609  N  N   . GLU A 1 86  ? 13.170  -0.199  -5.161  1.00 18.10  ? 74  GLU A N   1 
ATOM   610  C  CA  . GLU A 1 86  ? 14.497  -0.021  -5.785  1.00 25.43  ? 74  GLU A CA  1 
ATOM   611  C  C   . GLU A 1 86  ? 14.739  -1.000  -6.940  1.00 42.96  ? 74  GLU A C   1 
ATOM   612  O  O   . GLU A 1 86  ? 15.867  -1.122  -7.446  1.00 41.68  ? 74  GLU A O   1 
ATOM   613  C  CB  . GLU A 1 86  ? 15.582  -0.242  -4.736  1.00 23.23  ? 74  GLU A CB  1 
ATOM   614  C  CG  . GLU A 1 86  ? 15.507  0.764   -3.588  1.00 43.08  ? 74  GLU A CG  1 
ATOM   615  C  CD  . GLU A 1 86  ? 16.342  2.014   -3.852  1.00 62.15  ? 74  GLU A CD  1 
ATOM   616  O  OE1 . GLU A 1 86  ? 17.170  2.033   -4.840  1.00 46.77  ? 74  GLU A OE1 1 
ATOM   617  O  OE2 . GLU A 1 86  ? 16.219  3.044   -3.089  1.00 60.20  ? 74  GLU A OE2 1 
ATOM   618  N  N   . GLY A 1 87  ? 13.677  -1.675  -7.334  1.00 35.85  ? 75  GLY A N   1 
ATOM   619  C  CA  . GLY A 1 87  ? 13.718  -2.657  -8.434  1.00 31.76  ? 75  GLY A CA  1 
ATOM   620  C  C   . GLY A 1 87  ? 13.290  -1.986  -9.744  1.00 35.96  ? 75  GLY A C   1 
ATOM   621  O  O   . GLY A 1 87  ? 13.312  -0.753  -9.868  1.00 35.30  ? 75  GLY A O   1 
ATOM   622  N  N   . ALA A 1 88  ? 12.902  -2.825  -10.692 1.00 31.80  ? 76  ALA A N   1 
ATOM   623  C  CA  . ALA A 1 88  ? 12.450  -2.373  -12.021 1.00 35.90  ? 76  ALA A CA  1 
ATOM   624  C  C   . ALA A 1 88  ? 11.106  -3.020  -12.380 1.00 36.50  ? 76  ALA A C   1 
ATOM   625  O  O   . ALA A 1 88  ? 10.824  -3.293  -13.556 1.00 28.00  ? 76  ALA A O   1 
ATOM   626  C  CB  . ALA A 1 88  ? 13.475  -2.762  -13.090 1.00 38.57  ? 76  ALA A CB  1 
ATOM   627  N  N   . GLY A 1 89  ? 10.309  -3.244  -11.348 1.00 25.86  ? 77  GLY A N   1 
ATOM   628  C  CA  . GLY A 1 89  ? 8.983   -3.876  -11.481 1.00 27.34  ? 77  GLY A CA  1 
ATOM   629  C  C   . GLY A 1 89  ? 7.868   -2.844  -11.283 1.00 32.30  ? 77  GLY A C   1 
ATOM   630  O  O   . GLY A 1 89  ? 7.996   -1.679  -11.694 1.00 32.54  ? 77  GLY A O   1 
ATOM   631  N  N   . HIS A 1 90  ? 6.794   -3.312  -10.655 1.00 19.71  ? 78  HIS A N   1 
ATOM   632  C  CA  . HIS A 1 90  ? 5.621   -2.469  -10.366 1.00 17.38  ? 78  HIS A CA  1 
ATOM   633  C  C   . HIS A 1 90  ? 6.075   -1.127  -9.807  1.00 20.08  ? 78  HIS A C   1 
ATOM   634  O  O   . HIS A 1 90  ? 6.859   -1.064  -8.850  1.00 22.73  ? 78  HIS A O   1 
ATOM   635  C  CB  . HIS A 1 90  ? 4.718   -3.081  -9.286  1.00 15.93  ? 78  HIS A CB  1 
ATOM   636  C  CG  . HIS A 1 90  ? 4.294   -4.534  -9.525  1.00 19.90  ? 78  HIS A CG  1 
ATOM   637  N  ND1 . HIS A 1 90  ? 4.331   -5.474  -8.499  1.00 25.61  ? 78  HIS A ND1 1 
ATOM   638  C  CD2 . HIS A 1 90  ? 3.832   -5.194  -10.622 1.00 24.10  ? 78  HIS A CD2 1 
ATOM   639  C  CE1 . HIS A 1 90  ? 3.911   -6.628  -8.979  1.00 20.60  ? 78  HIS A CE1 1 
ATOM   640  N  NE2 . HIS A 1 90  ? 3.609   -6.479  -10.243 1.00 23.63  ? 78  HIS A NE2 1 
ATOM   641  N  N   . LEU A 1 91  ? 5.565   -0.088  -10.412 1.00 22.95  ? 79  LEU A N   1 
ATOM   642  C  CA  . LEU A 1 91  ? 5.877   1.280   -10.008 1.00 19.14  ? 79  LEU A CA  1 
ATOM   643  C  C   . LEU A 1 91  ? 5.289   1.583   -8.623  1.00 30.68  ? 79  LEU A C   1 
ATOM   644  O  O   . LEU A 1 91  ? 5.731   2.509   -7.930  1.00 34.34  ? 79  LEU A O   1 
ATOM   645  C  CB  . LEU A 1 91  ? 5.261   2.262   -11.000 1.00 19.85  ? 79  LEU A CB  1 
ATOM   646  C  CG  . LEU A 1 91  ? 5.690   3.701   -10.742 1.00 35.92  ? 79  LEU A CG  1 
ATOM   647  C  CD1 . LEU A 1 91  ? 7.207   3.880   -10.807 1.00 35.68  ? 79  LEU A CD1 1 
ATOM   648  C  CD2 . LEU A 1 91  ? 5.104   4.687   -11.751 1.00 34.75  ? 79  LEU A CD2 1 
ATOM   649  N  N   . GLY A 1 92  ? 4.308   0.777   -8.250  1.00 26.56  ? 80  GLY A N   1 
ATOM   650  C  CA  . GLY A 1 92  ? 3.543   0.965   -6.999  1.00 22.86  ? 80  GLY A CA  1 
ATOM   651  C  C   . GLY A 1 92  ? 4.217   0.346   -5.757  1.00 16.27  ? 80  GLY A C   1 
ATOM   652  O  O   . GLY A 1 92  ? 3.743   0.521   -4.626  1.00 24.27  ? 80  GLY A O   1 
ATOM   653  N  N   . ASP A 1 93  ? 5.308   -0.370  -5.966  1.00 15.68  ? 81  ASP A N   1 
ATOM   654  C  CA  . ASP A 1 93  ? 6.037   -1.033  -4.854  1.00 18.39  ? 81  ASP A CA  1 
ATOM   655  C  C   . ASP A 1 93  ? 6.740   0.003   -3.954  1.00 26.94  ? 81  ASP A C   1 
ATOM   656  O  O   . ASP A 1 93  ? 7.642   0.725   -4.400  1.00 19.10  ? 81  ASP A O   1 
ATOM   657  C  CB  . ASP A 1 93  ? 7.124   -1.968  -5.394  1.00 16.26  ? 81  ASP A CB  1 
ATOM   658  C  CG  . ASP A 1 93  ? 6.593   -3.107  -6.271  1.00 28.84  ? 81  ASP A CG  1 
ATOM   659  O  OD1 . ASP A 1 93  ? 5.326   -3.261  -6.442  1.00 22.36  ? 81  ASP A OD1 1 
ATOM   660  O  OD2 . ASP A 1 93  ? 7.424   -3.914  -6.844  1.00 21.02  ? 81  ASP A OD2 1 
ATOM   661  N  N   . LEU A 1 94  ? 6.311   0.034   -2.700  1.00 24.71  ? 82  LEU A N   1 
ATOM   662  C  CA  . LEU A 1 94  ? 6.857   0.947   -1.668  1.00 20.68  ? 82  LEU A CA  1 
ATOM   663  C  C   . LEU A 1 94  ? 7.701   0.167   -0.653  1.00 17.90  ? 82  LEU A C   1 
ATOM   664  O  O   . LEU A 1 94  ? 7.522   -1.049  -0.471  1.00 16.84  ? 82  LEU A O   1 
ATOM   665  C  CB  . LEU A 1 94  ? 5.715   1.564   -0.844  1.00 12.21  ? 82  LEU A CB  1 
ATOM   666  C  CG  . LEU A 1 94  ? 5.137   2.868   -1.404  1.00 19.88  ? 82  LEU A CG  1 
ATOM   667  C  CD1 . LEU A 1 94  ? 5.202   2.958   -2.927  1.00 20.08  ? 82  LEU A CD1 1 
ATOM   668  C  CD2 . LEU A 1 94  ? 3.658   3.060   -1.041  1.00 15.39  ? 82  LEU A CD2 1 
ATOM   669  N  N   . PRO A 1 95  ? 8.665   0.781   0.065   1.00 17.26  ? 83  PRO A N   1 
ATOM   670  C  CA  . PRO A 1 95  ? 9.370   0.063   1.103   1.00 15.56  ? 83  PRO A CA  1 
ATOM   671  C  C   . PRO A 1 95  ? 8.334   -0.372  2.103   1.00 16.88  ? 83  PRO A C   1 
ATOM   672  O  O   . PRO A 1 95  ? 7.230   0.251   2.155   1.00 16.68  ? 83  PRO A O   1 
ATOM   673  C  CB  . PRO A 1 95  ? 10.352  1.071   1.648   1.00 15.91  ? 83  PRO A CB  1 
ATOM   674  C  CG  . PRO A 1 95  ? 10.161  2.367   0.876   1.00 22.41  ? 83  PRO A CG  1 
ATOM   675  C  CD  . PRO A 1 95  ? 9.071   2.170   -0.137  1.00 14.69  ? 83  PRO A CD  1 
ATOM   676  N  N   . ALA A 1 96  ? 8.654   -1.390  2.866   1.00 17.32  ? 84  ALA A N   1 
ATOM   677  C  CA  . ALA A 1 96  ? 7.712   -1.949  3.849   1.00 23.46  ? 84  ALA A CA  1 
ATOM   678  C  C   . ALA A 1 96  ? 7.421   -0.956  4.983   1.00 27.31  ? 84  ALA A C   1 
ATOM   679  O  O   . ALA A 1 96  ? 8.247   -0.086  5.300   1.00 25.03  ? 84  ALA A O   1 
ATOM   680  C  CB  . ALA A 1 96  ? 8.284   -3.222  4.465   1.00 19.61  ? 84  ALA A CB  1 
ATOM   681  N  N   . LEU A 1 97  ? 6.241   -1.149  5.541   1.00 22.80  ? 85  LEU A N   1 
ATOM   682  C  CA  . LEU A 1 97  ? 5.724   -0.368  6.671   1.00 17.37  ? 85  LEU A CA  1 
ATOM   683  C  C   . LEU A 1 97  ? 6.005   -1.146  7.959   1.00 27.64  ? 85  LEU A C   1 
ATOM   684  O  O   . LEU A 1 97  ? 5.541   -2.280  8.136   1.00 24.08  ? 85  LEU A O   1 
ATOM   685  C  CB  . LEU A 1 97  ? 4.211   -0.169  6.492   1.00 15.86  ? 85  LEU A CB  1 
ATOM   686  C  CG  . LEU A 1 97  ? 3.589   0.817   7.484   1.00 28.75  ? 85  LEU A CG  1 
ATOM   687  C  CD1 . LEU A 1 97  ? 3.838   2.280   7.112   1.00 29.59  ? 85  LEU A CD1 1 
ATOM   688  C  CD2 . LEU A 1 97  ? 2.067   0.674   7.591   1.00 34.00  ? 85  LEU A CD2 1 
ATOM   689  N  N   . VAL A 1 98  ? 6.776   -0.525  8.828   1.00 23.30  ? 86  VAL A N   1 
ATOM   690  C  CA  . VAL A 1 98  ? 7.154   -1.134  10.111  1.00 23.92  ? 86  VAL A CA  1 
ATOM   691  C  C   . VAL A 1 98  ? 6.259   -0.604  11.231  1.00 28.31  ? 86  VAL A C   1 
ATOM   692  O  O   . VAL A 1 98  ? 6.223   0.601   11.505  1.00 30.09  ? 86  VAL A O   1 
ATOM   693  C  CB  . VAL A 1 98  ? 8.607   -0.796  10.450  1.00 30.23  ? 86  VAL A CB  1 
ATOM   694  C  CG1 . VAL A 1 98  ? 9.092   -1.472  11.735  1.00 32.85  ? 86  VAL A CG1 1 
ATOM   695  C  CG2 . VAL A 1 98  ? 9.592   -1.224  9.360   1.00 27.44  ? 86  VAL A CG2 1 
ATOM   696  N  N   . VAL A 1 99  ? 5.547   -1.526  11.852  1.00 24.20  ? 87  VAL A N   1 
ATOM   697  C  CA  . VAL A 1 99  ? 4.647   -1.205  12.973  1.00 25.08  ? 87  VAL A CA  1 
ATOM   698  C  C   . VAL A 1 99  ? 5.310   -1.640  14.285  1.00 27.16  ? 87  VAL A C   1 
ATOM   699  O  O   . VAL A 1 99  ? 5.751   -2.789  14.426  1.00 19.47  ? 87  VAL A O   1 
ATOM   700  C  CB  . VAL A 1 99  ? 3.313   -1.933  12.798  1.00 26.61  ? 87  VAL A CB  1 
ATOM   701  C  CG1 . VAL A 1 99  ? 2.350   -1.696  13.962  1.00 22.00  ? 87  VAL A CG1 1 
ATOM   702  C  CG2 . VAL A 1 99  ? 2.558   -1.502  11.539  1.00 19.69  ? 87  VAL A CG2 1 
ATOM   703  N  N   . ASN A 1 100 ? 5.372   -0.707  15.229  1.00 28.28  ? 88  ASN A N   1 
ATOM   704  C  CA  . ASN A 1 100 ? 6.022   -0.962  16.531  1.00 26.53  ? 88  ASN A CA  1 
ATOM   705  C  C   . ASN A 1 100 ? 5.100   -1.783  17.444  1.00 23.31  ? 88  ASN A C   1 
ATOM   706  O  O   . ASN A 1 100 ? 3.945   -2.071  17.100  1.00 23.57  ? 88  ASN A O   1 
ATOM   707  C  CB  . ASN A 1 100 ? 6.466   0.357   17.192  1.00 18.82  ? 88  ASN A CB  1 
ATOM   708  C  CG  . ASN A 1 100 ? 5.341   1.211   17.786  1.00 26.93  ? 88  ASN A CG  1 
ATOM   709  O  OD1 . ASN A 1 100 ? 4.223   0.736   17.955  1.00 28.59  ? 88  ASN A OD1 1 
ATOM   710  N  ND2 . ASN A 1 100 ? 5.582   2.470   18.121  1.00 28.44  ? 88  ASN A ND2 1 
ATOM   711  N  N   . ASN A 1 101 ? 5.661   -2.136  18.587  1.00 27.10  ? 89  ASN A N   1 
ATOM   712  C  CA  . ASN A 1 101 ? 5.000   -3.008  19.569  1.00 29.01  ? 89  ASN A CA  1 
ATOM   713  C  C   . ASN A 1 101 ? 3.779   -2.351  20.208  1.00 31.88  ? 89  ASN A C   1 
ATOM   714  O  O   . ASN A 1 101 ? 2.987   -3.009  20.895  1.00 45.22  ? 89  ASN A O   1 
ATOM   715  C  CB  . ASN A 1 101 ? 5.988   -3.423  20.647  1.00 25.26  ? 89  ASN A CB  1 
ATOM   716  C  CG  . ASN A 1 101 ? 6.691   -4.723  20.272  1.00 60.34  ? 89  ASN A CG  1 
ATOM   717  O  OD1 . ASN A 1 101 ? 6.066   -5.782  20.285  0.00 55.46  ? 89  ASN A OD1 1 
ATOM   718  N  ND2 . ASN A 1 101 ? 7.960   -4.706  19.917  1.00 64.44  ? 89  ASN A ND2 1 
ATOM   719  N  N   . ASP A 1 102 ? 3.623   -1.071  19.986  1.00 23.79  ? 90  ASP A N   1 
ATOM   720  C  CA  . ASP A 1 102 ? 2.447   -0.366  20.504  1.00 19.01  ? 90  ASP A CA  1 
ATOM   721  C  C   . ASP A 1 102 ? 1.358   -0.372  19.430  1.00 23.35  ? 90  ASP A C   1 
ATOM   722  O  O   . ASP A 1 102 ? 0.247   0.123   19.644  1.00 28.58  ? 90  ASP A O   1 
ATOM   723  C  CB  . ASP A 1 102 ? 2.801   1.059   20.899  1.00 20.34  ? 90  ASP A CB  1 
ATOM   724  C  CG  . ASP A 1 102 ? 3.470   1.139   22.271  1.00 47.20  ? 90  ASP A CG  1 
ATOM   725  O  OD1 . ASP A 1 102 ? 3.043   0.409   23.245  1.00 46.88  ? 90  ASP A OD1 1 
ATOM   726  O  OD2 . ASP A 1 102 ? 4.468   1.934   22.449  1.00 47.68  ? 90  ASP A OD2 1 
ATOM   727  N  N   . GLY A 1 103 ? 1.722   -0.936  18.290  1.00 19.17  ? 91  GLY A N   1 
ATOM   728  C  CA  . GLY A 1 103 ? 0.809   -1.088  17.140  1.00 15.00  ? 91  GLY A CA  1 
ATOM   729  C  C   . GLY A 1 103 ? 0.691   0.209   16.320  1.00 25.22  ? 91  GLY A C   1 
ATOM   730  O  O   . GLY A 1 103 ? -0.329  0.464   15.665  1.00 24.22  ? 91  GLY A O   1 
ATOM   731  N  N   . LYS A 1 104 ? 1.738   1.015   16.352  1.00 28.80  ? 92  LYS A N   1 
ATOM   732  C  CA  . LYS A 1 104 ? 1.766   2.283   15.594  1.00 25.77  ? 92  LYS A CA  1 
ATOM   733  C  C   . LYS A 1 104 ? 2.886   2.286   14.555  1.00 20.08  ? 92  LYS A C   1 
ATOM   734  O  O   . LYS A 1 104 ? 3.923   1.634   14.736  1.00 23.60  ? 92  LYS A O   1 
ATOM   735  C  CB  . LYS A 1 104 ? 2.028   3.473   16.517  1.00 26.67  ? 92  LYS A CB  1 
ATOM   736  C  CG  . LYS A 1 104 ? 1.133   3.486   17.748  1.00 44.17  ? 92  LYS A CG  1 
ATOM   737  C  CD  . LYS A 1 104 ? 0.008   4.517   17.659  1.00 36.72  ? 92  LYS A CD  1 
ATOM   738  C  CE  . LYS A 1 104 ? -0.205  5.277   18.967  1.00 96.14  ? 92  LYS A CE  1 
ATOM   739  N  NZ  . LYS A 1 104 ? -0.569  4.399   20.087  1.00 53.12  ? 92  LYS A NZ  1 
ATOM   740  N  N   . ALA A 1 105 ? 2.619   3.031   13.500  1.00 23.14  ? 93  ALA A N   1 
ATOM   741  C  CA  . ALA A 1 105 ? 3.559   3.247   12.390  1.00 28.95  ? 93  ALA A CA  1 
ATOM   742  C  C   . ALA A 1 105 ? 3.717   4.755   12.208  1.00 18.65  ? 93  ALA A C   1 
ATOM   743  O  O   . ALA A 1 105 ? 2.759   5.459   11.851  1.00 21.64  ? 93  ALA A O   1 
ATOM   744  C  CB  . ALA A 1 105 ? 3.014   2.613   11.109  1.00 22.83  ? 93  ALA A CB  1 
ATOM   745  N  N   . THR A 1 106 ? 4.925   5.230   12.461  1.00 16.93  ? 94  THR A N   1 
ATOM   746  C  CA  . THR A 1 106 ? 5.209   6.672   12.409  1.00 22.06  ? 94  THR A CA  1 
ATOM   747  C  C   . THR A 1 106 ? 6.491   7.018   11.644  1.00 22.24  ? 94  THR A C   1 
ATOM   748  O  O   . THR A 1 106 ? 6.859   8.189   11.513  1.00 22.51  ? 94  THR A O   1 
ATOM   749  C  CB  . THR A 1 106 ? 5.411   7.219   13.821  1.00 18.45  ? 94  THR A CB  1 
ATOM   750  O  OG1 . THR A 1 106 ? 6.472   6.523   14.463  1.00 27.19  ? 94  THR A OG1 1 
ATOM   751  C  CG2 . THR A 1 106 ? 4.172   7.081   14.703  1.00 31.27  ? 94  THR A CG2 1 
ATOM   752  N  N   . ASP A 1 107 ? 7.180   6.025   11.135  1.00 18.43  ? 95  ASP A N   1 
ATOM   753  C  CA  . ASP A 1 107 ? 8.449   6.280   10.425  1.00 18.68  ? 95  ASP A CA  1 
ATOM   754  C  C   . ASP A 1 107 ? 8.195   6.432   8.913   1.00 29.85  ? 95  ASP A C   1 
ATOM   755  O  O   . ASP A 1 107 ? 7.603   5.550   8.271   1.00 22.13  ? 95  ASP A O   1 
ATOM   756  C  CB  . ASP A 1 107 ? 9.421   5.141   10.719  1.00 24.78  ? 95  ASP A CB  1 
ATOM   757  C  CG  . ASP A 1 107 ? 9.829   5.095   12.193  1.00 51.57  ? 95  ASP A CG  1 
ATOM   758  O  OD1 . ASP A 1 107 ? 9.888   6.187   12.879  1.00 45.48  ? 95  ASP A OD1 1 
ATOM   759  O  OD2 . ASP A 1 107 ? 10.109  3.968   12.752  1.00 47.49  ? 95  ASP A OD2 1 
ATOM   760  N  N   . ALA A 1 108 ? 8.659   7.568   8.397   1.00 15.44  ? 96  ALA A N   1 
ATOM   761  C  CA  . ALA A 1 108 ? 8.518   7.933   6.970   1.00 19.79  ? 96  ALA A CA  1 
ATOM   762  C  C   . ALA A 1 108 ? 9.354   6.995   6.102   1.00 28.96  ? 96  ALA A C   1 
ATOM   763  O  O   . ALA A 1 108 ? 10.370  6.445   6.549   1.00 29.71  ? 96  ALA A O   1 
ATOM   764  C  CB  . ALA A 1 108 ? 8.978   9.371   6.737   1.00 23.88  ? 96  ALA A CB  1 
ATOM   765  N  N   . VAL A 1 109 ? 8.894   6.863   4.881   1.00 22.34  ? 97  VAL A N   1 
ATOM   766  C  CA  . VAL A 1 109 ? 9.483   5.961   3.896   1.00 15.31  ? 97  VAL A CA  1 
ATOM   767  C  C   . VAL A 1 109 ? 9.513   6.681   2.535   1.00 21.86  ? 97  VAL A C   1 
ATOM   768  O  O   . VAL A 1 109 ? 8.668   7.536   2.243   1.00 20.19  ? 97  VAL A O   1 
ATOM   769  C  CB  . VAL A 1 109 ? 8.615   4.701   3.912   1.00 20.46  ? 97  VAL A CB  1 
ATOM   770  C  CG1 . VAL A 1 109 ? 8.340   4.128   2.533   1.00 17.86  ? 97  VAL A CG1 1 
ATOM   771  C  CG2 . VAL A 1 109 ? 9.223   3.565   4.739   1.00 22.75  ? 97  VAL A CG2 1 
ATOM   772  N  N   . ILE A 1 110 ? 10.492  6.335   1.704   1.00 15.48  ? 98  ILE A N   1 
ATOM   773  C  CA  . ILE A 1 110 ? 10.665  6.999   0.392   1.00 18.38  ? 98  ILE A CA  1 
ATOM   774  C  C   . ILE A 1 110 ? 10.644  6.013   -0.781  1.00 17.84  ? 98  ILE A C   1 
ATOM   775  O  O   . ILE A 1 110 ? 11.194  4.908   -0.701  1.00 17.27  ? 98  ILE A O   1 
ATOM   776  C  CB  . ILE A 1 110 ? 12.017  7.716   0.328   1.00 28.78  ? 98  ILE A CB  1 
ATOM   777  C  CG1 . ILE A 1 110 ? 12.177  8.797   1.397   1.00 35.18  ? 98  ILE A CG1 1 
ATOM   778  C  CG2 . ILE A 1 110 ? 12.261  8.418   -1.012  1.00 29.38  ? 98  ILE A CG2 1 
ATOM   779  C  CD1 . ILE A 1 110 ? 11.144  9.918   1.270   1.00 38.66  ? 98  ILE A CD1 1 
ATOM   780  N  N   . ALA A 1 111 ? 10.000  6.473   -1.841  1.00 19.33  ? 99  ALA A N   1 
ATOM   781  C  CA  . ALA A 1 111 ? 9.908   5.747   -3.117  1.00 18.11  ? 99  ALA A CA  1 
ATOM   782  C  C   . ALA A 1 111 ? 10.629  6.584   -4.171  1.00 14.22  ? 99  ALA A C   1 
ATOM   783  O  O   . ALA A 1 111 ? 10.037  7.485   -4.784  1.00 19.63  ? 99  ALA A O   1 
ATOM   784  C  CB  . ALA A 1 111 ? 8.441   5.550   -3.505  1.00 20.91  ? 99  ALA A CB  1 
ATOM   785  N  N   . PRO A 1 112 ? 11.922  6.342   -4.422  1.00 18.22  ? 100 PRO A N   1 
ATOM   786  C  CA  . PRO A 1 112 ? 12.688  7.159   -5.343  1.00 19.87  ? 100 PRO A CA  1 
ATOM   787  C  C   . PRO A 1 112 ? 12.155  7.166   -6.758  1.00 29.17  ? 100 PRO A C   1 
ATOM   788  O  O   . PRO A 1 112 ? 12.410  8.147   -7.508  1.00 30.72  ? 100 PRO A O   1 
ATOM   789  C  CB  . PRO A 1 112 ? 14.069  6.557   -5.323  1.00 18.65  ? 100 PRO A CB  1 
ATOM   790  C  CG  . PRO A 1 112 ? 14.050  5.381   -4.365  1.00 21.24  ? 100 PRO A CG  1 
ATOM   791  C  CD  . PRO A 1 112 ? 12.668  5.247   -3.797  1.00 22.33  ? 100 PRO A CD  1 
ATOM   792  N  N   . ARG A 1 113 ? 11.429  6.144   -7.156  1.00 19.77  ? 101 ARG A N   1 
ATOM   793  C  CA  . ARG A 1 113 ? 10.983  6.044   -8.565  1.00 18.25  ? 101 ARG A CA  1 
ATOM   794  C  C   . ARG A 1 113 ? 9.742   6.893   -8.885  1.00 27.19  ? 101 ARG A C   1 
ATOM   795  O  O   . ARG A 1 113 ? 9.461   7.182   -10.060 1.00 23.91  ? 101 ARG A O   1 
ATOM   796  C  CB  . ARG A 1 113 ? 10.713  4.602   -8.904  1.00 23.79  ? 101 ARG A CB  1 
ATOM   797  C  CG  . ARG A 1 113 ? 12.016  3.841   -9.055  1.00 25.88  ? 101 ARG A CG  1 
ATOM   798  C  CD  . ARG A 1 113 ? 11.832  2.485   -9.691  1.00 45.73  ? 101 ARG A CD  1 
ATOM   799  N  NE  . ARG A 1 113 ? 10.896  1.660   -8.943  1.00 46.37  ? 101 ARG A NE  1 
ATOM   800  C  CZ  . ARG A 1 113 ? 10.078  0.766   -9.486  1.00 62.68  ? 101 ARG A CZ  1 
ATOM   801  N  NH1 . ARG A 1 113 ? 10.062  0.552   -10.806 1.00 26.30  ? 101 ARG A NH1 1 
ATOM   802  N  NH2 . ARG A 1 113 ? 9.230   0.023   -8.770  1.00 46.28  ? 101 ARG A NH2 1 
ATOM   803  N  N   . LEU A 1 114 ? 9.028   7.264   -7.848  1.00 19.06  ? 102 LEU A N   1 
ATOM   804  C  CA  . LEU A 1 114 ? 7.820   8.112   -7.955  1.00 23.77  ? 102 LEU A CA  1 
ATOM   805  C  C   . LEU A 1 114 ? 8.264   9.569   -7.848  1.00 33.71  ? 102 LEU A C   1 
ATOM   806  O  O   . LEU A 1 114 ? 9.014   9.951   -6.944  1.00 29.50  ? 102 LEU A O   1 
ATOM   807  C  CB  . LEU A 1 114 ? 6.890   7.800   -6.772  1.00 25.28  ? 102 LEU A CB  1 
ATOM   808  C  CG  . LEU A 1 114 ? 5.623   6.987   -7.104  1.00 30.41  ? 102 LEU A CG  1 
ATOM   809  C  CD1 . LEU A 1 114 ? 5.557   6.476   -8.540  1.00 20.16  ? 102 LEU A CD1 1 
ATOM   810  C  CD2 . LEU A 1 114 ? 5.452   5.752   -6.205  1.00 21.67  ? 102 LEU A CD2 1 
ATOM   811  N  N   . LYS A 1 115 ? 7.823   10.430  -8.739  1.00 29.03  ? 103 LYS A N   1 
ATOM   812  C  CA  . LYS A 1 115 ? 8.312   11.806  -8.666  1.00 21.59  ? 103 LYS A CA  1 
ATOM   813  C  C   . LYS A 1 115 ? 7.206   12.854  -8.569  1.00 27.85  ? 103 LYS A C   1 
ATOM   814  O  O   . LYS A 1 115 ? 7.469   14.039  -8.346  1.00 28.16  ? 103 LYS A O   1 
ATOM   815  C  CB  . LYS A 1 115 ? 9.174   12.132  -9.877  1.00 25.12  ? 103 LYS A CB  1 
ATOM   816  C  CG  . LYS A 1 115 ? 8.466   11.903  -11.205 1.00 32.70  ? 103 LYS A CG  1 
ATOM   817  C  CD  . LYS A 1 115 ? 9.301   12.360  -12.399 1.00 61.31  ? 103 LYS A CD  1 
ATOM   818  C  CE  . LYS A 1 115 ? 9.615   11.228  -13.377 1.00 33.27  ? 103 LYS A CE  1 
ATOM   819  N  NZ  . LYS A 1 115 ? 8.974   11.414  -14.685 1.00 76.45  ? 103 LYS A NZ  1 
ATOM   820  N  N   . SER A 1 116 ? 5.961   12.467  -8.718  1.00 19.76  ? 104 SER A N   1 
ATOM   821  C  CA  . SER A 1 116 ? 4.884   13.468  -8.643  1.00 20.32  ? 104 SER A CA  1 
ATOM   822  C  C   . SER A 1 116 ? 3.579   12.851  -8.155  1.00 22.75  ? 104 SER A C   1 
ATOM   823  O  O   . SER A 1 116 ? 3.285   11.681  -8.431  1.00 27.97  ? 104 SER A O   1 
ATOM   824  C  CB  . SER A 1 116 ? 4.663   14.088  -10.026 1.00 26.70  ? 104 SER A CB  1 
ATOM   825  O  OG  . SER A 1 116 ? 3.421   14.774  -10.070 1.00 26.78  ? 104 SER A OG  1 
ATOM   826  N  N   . LEU A 1 117 ? 2.832   13.675  -7.439  1.00 19.82  ? 105 LEU A N   1 
ATOM   827  C  CA  . LEU A 1 117 ? 1.524   13.286  -6.908  1.00 20.46  ? 105 LEU A CA  1 
ATOM   828  C  C   . LEU A 1 117 ? 0.587   12.988  -8.069  1.00 32.01  ? 105 LEU A C   1 
ATOM   829  O  O   . LEU A 1 117 ? -0.351  12.191  -7.946  1.00 30.38  ? 105 LEU A O   1 
ATOM   830  C  CB  . LEU A 1 117 ? 0.945   14.408  -6.050  1.00 19.10  ? 105 LEU A CB  1 
ATOM   831  C  CG  . LEU A 1 117 ? 1.630   14.498  -4.690  1.00 26.77  ? 105 LEU A CG  1 
ATOM   832  C  CD1 . LEU A 1 117 ? 1.260   15.759  -3.915  1.00 23.07  ? 105 LEU A CD1 1 
ATOM   833  C  CD2 . LEU A 1 117 ? 1.291   13.323  -3.772  1.00 34.43  ? 105 LEU A CD2 1 
ATOM   834  N  N   . ASP A 1 118 ? 0.872   13.638  -9.181  1.00 23.41  ? 108 ASP A N   1 
ATOM   835  C  CA  . ASP A 1 118 ? 0.076   13.459  -10.396 1.00 24.06  ? 108 ASP A CA  1 
ATOM   836  C  C   . ASP A 1 118 ? 0.075   11.977  -10.795 1.00 28.52  ? 108 ASP A C   1 
ATOM   837  O  O   . ASP A 1 118 ? -0.896  11.457  -11.350 1.00 26.69  ? 108 ASP A O   1 
ATOM   838  C  CB  . ASP A 1 118 ? 0.652   14.281  -11.561 1.00 27.07  ? 108 ASP A CB  1 
ATOM   839  C  CG  . ASP A 1 118 ? 0.387   15.795  -11.467 1.00 49.64  ? 108 ASP A CG  1 
ATOM   840  O  OD1 . ASP A 1 118 ? -0.570  16.250  -10.732 1.00 46.19  ? 108 ASP A OD1 1 
ATOM   841  O  OD2 . ASP A 1 118 ? 1.135   16.617  -12.130 0.00 100.00 ? 108 ASP A OD2 1 
ATOM   842  N  N   . GLU A 1 119 ? 1.169   11.314  -10.485 1.00 21.06  ? 109 GLU A N   1 
ATOM   843  C  CA  . GLU A 1 119 ? 1.361   9.906   -10.856 1.00 30.25  ? 109 GLU A CA  1 
ATOM   844  C  C   . GLU A 1 119 ? 0.476   8.938   -10.076 1.00 28.76  ? 109 GLU A C   1 
ATOM   845  O  O   . GLU A 1 119 ? 0.243   7.798   -10.483 1.00 24.81  ? 109 GLU A O   1 
ATOM   846  C  CB  . GLU A 1 119 ? 2.782   9.463   -10.571 1.00 24.01  ? 109 GLU A CB  1 
ATOM   847  C  CG  . GLU A 1 119 ? 3.795   10.118  -11.491 1.00 33.00  ? 109 GLU A CG  1 
ATOM   848  C  CD  . GLU A 1 119 ? 5.172   9.498   -11.346 1.00 31.76  ? 109 GLU A CD  1 
ATOM   849  O  OE1 . GLU A 1 119 ? 5.931   9.862   -10.374 1.00 34.12  ? 109 GLU A OE1 1 
ATOM   850  O  OE2 . GLU A 1 119 ? 5.562   8.610   -12.191 1.00 41.32  ? 109 GLU A OE2 1 
ATOM   851  N  N   . ILE A 1 120 ? -0.039  9.340   -8.946  1.00 17.83  ? 110 ILE A N   1 
ATOM   852  C  CA  . ILE A 1 120 ? -0.807  8.376   -8.167  1.00 20.52  ? 110 ILE A CA  1 
ATOM   853  C  C   . ILE A 1 120 ? -2.197  8.869   -7.834  1.00 25.24  ? 110 ILE A C   1 
ATOM   854  O  O   . ILE A 1 120 ? -2.847  8.361   -6.911  1.00 23.16  ? 110 ILE A O   1 
ATOM   855  C  CB  . ILE A 1 120 ? -0.066  8.040   -6.881  1.00 22.26  ? 110 ILE A CB  1 
ATOM   856  C  CG1 . ILE A 1 120 ? 0.364   9.283   -6.099  1.00 22.47  ? 110 ILE A CG1 1 
ATOM   857  C  CG2 . ILE A 1 120 ? 1.208   7.230   -7.140  1.00 19.26  ? 110 ILE A CG2 1 
ATOM   858  C  CD1 . ILE A 1 120 ? 1.349   8.969   -4.970  1.00 23.89  ? 110 ILE A CD1 1 
ATOM   859  N  N   . LYS A 1 121 ? -2.658  9.839   -8.581  1.00 19.43  ? 111 LYS A N   1 
ATOM   860  C  CA  . LYS A 1 121 ? -4.000  10.345  -8.341  1.00 21.02  ? 111 LYS A CA  1 
ATOM   861  C  C   . LYS A 1 121 ? -5.015  9.235   -8.616  1.00 24.46  ? 111 LYS A C   1 
ATOM   862  O  O   . LYS A 1 121 ? -4.848  8.434   -9.550  1.00 26.33  ? 111 LYS A O   1 
ATOM   863  C  CB  . LYS A 1 121 ? -4.330  11.547  -9.218  1.00 23.59  ? 111 LYS A CB  1 
ATOM   864  C  CG  . LYS A 1 121 ? -5.597  12.259  -8.730  1.00 35.91  ? 111 LYS A CG  1 
ATOM   865  C  CD  . LYS A 1 121 ? -5.920  13.541  -9.492  1.00 68.28  ? 111 LYS A CD  1 
ATOM   866  C  CE  . LYS A 1 121 ? -6.943  14.424  -8.769  1.00 35.16  ? 111 LYS A CE  1 
ATOM   867  N  NZ  . LYS A 1 121 ? -7.123  15.738  -9.404  1.00 71.76  ? 111 LYS A NZ  1 
ATOM   868  N  N   . ASP A 1 122 ? -6.017  9.246   -7.767  1.00 21.46  ? 112 ASP A N   1 
ATOM   869  C  CA  . ASP A 1 122 ? -7.150  8.309   -7.787  1.00 16.06  ? 112 ASP A CA  1 
ATOM   870  C  C   . ASP A 1 122 ? -6.700  6.843   -7.794  1.00 20.89  ? 112 ASP A C   1 
ATOM   871  O  O   . ASP A 1 122 ? -7.187  6.026   -8.586  1.00 25.34  ? 112 ASP A O   1 
ATOM   872  C  CB  . ASP A 1 122 ? -8.037  8.520   -9.010  1.00 21.77  ? 112 ASP A CB  1 
ATOM   873  C  CG  . ASP A 1 122 ? -9.349  7.754   -8.872  1.00 35.13  ? 112 ASP A CG  1 
ATOM   874  O  OD1 . ASP A 1 122 ? -10.024 7.832   -7.776  1.00 40.46  ? 112 ASP A OD1 1 
ATOM   875  O  OD2 . ASP A 1 122 ? -9.771  7.018   -9.838  1.00 36.24  ? 112 ASP A OD2 1 
ATOM   876  N  N   . LYS A 1 123 ? -5.785  6.535   -6.896  1.00 20.98  ? 113 LYS A N   1 
ATOM   877  C  CA  . LYS A 1 123 ? -5.284  5.160   -6.714  1.00 21.42  ? 113 LYS A CA  1 
ATOM   878  C  C   . LYS A 1 123 ? -5.495  4.758   -5.256  1.00 28.30  ? 113 LYS A C   1 
ATOM   879  O  O   . LYS A 1 123 ? -5.872  5.580   -4.419  1.00 33.57  ? 113 LYS A O   1 
ATOM   880  C  CB  . LYS A 1 123 ? -3.803  5.084   -7.067  1.00 24.73  ? 113 LYS A CB  1 
ATOM   881  C  CG  . LYS A 1 123 ? -3.523  5.467   -8.518  1.00 22.71  ? 113 LYS A CG  1 
ATOM   882  C  CD  . LYS A 1 123 ? -4.074  4.451   -9.515  1.00 22.26  ? 113 LYS A CD  1 
ATOM   883  C  CE  . LYS A 1 123 ? -4.103  4.977   -10.948 1.00 48.71  ? 113 LYS A CE  1 
ATOM   884  N  NZ  . LYS A 1 123 ? -4.302  3.914   -11.941 0.00 60.01  ? 113 LYS A NZ  1 
ATOM   885  N  N   . ALA A 1 124 ? -5.249  3.498   -4.952  1.00 18.47  ? 114 ALA A N   1 
ATOM   886  C  CA  . ALA A 1 124 ? -5.437  3.001   -3.575  1.00 22.43  ? 114 ALA A CA  1 
ATOM   887  C  C   . ALA A 1 124 ? -4.095  2.657   -2.895  1.00 22.77  ? 114 ALA A C   1 
ATOM   888  O  O   . ALA A 1 124 ? -3.272  1.915   -3.450  1.00 26.89  ? 114 ALA A O   1 
ATOM   889  C  CB  . ALA A 1 124 ? -6.300  1.736   -3.571  1.00 20.87  ? 114 ALA A CB  1 
ATOM   890  N  N   . LEU A 1 125 ? -3.925  3.229   -1.702  1.00 23.56  ? 115 LEU A N   1 
ATOM   891  C  CA  . LEU A 1 125 ? -2.771  2.959   -0.798  1.00 14.75  ? 115 LEU A CA  1 
ATOM   892  C  C   . LEU A 1 125 ? -3.183  1.777   0.063   1.00 17.32  ? 115 LEU A C   1 
ATOM   893  O  O   . LEU A 1 125 ? -4.220  1.840   0.744   1.00 17.90  ? 115 LEU A O   1 
ATOM   894  C  CB  . LEU A 1 125 ? -2.538  4.158   0.134   1.00 14.70  ? 115 LEU A CB  1 
ATOM   895  C  CG  . LEU A 1 125 ? -1.071  4.545   0.404   1.00 19.57  ? 115 LEU A CG  1 
ATOM   896  C  CD1 . LEU A 1 125 ? -0.897  5.357   1.700   1.00 18.66  ? 115 LEU A CD1 1 
ATOM   897  C  CD2 . LEU A 1 125 ? -0.090  3.383   0.505   1.00 25.49  ? 115 LEU A CD2 1 
ATOM   898  N  N   . MET A 1 126 ? -2.379  0.745   0.033   1.00 16.15  ? 116 MET A N   1 
ATOM   899  C  CA  . MET A 1 126 ? -2.725  -0.510  0.711   1.00 19.97  ? 116 MET A CA  1 
ATOM   900  C  C   . MET A 1 126 ? -1.652  -1.010  1.699   1.00 22.48  ? 116 MET A C   1 
ATOM   901  O  O   . MET A 1 126 ? -0.445  -0.878  1.474   1.00 18.40  ? 116 MET A O   1 
ATOM   902  C  CB  . MET A 1 126 ? -2.888  -1.589  -0.353  1.00 19.33  ? 116 MET A CB  1 
ATOM   903  C  CG  . MET A 1 126 ? -3.727  -2.767  0.111   1.00 19.77  ? 116 MET A CG  1 
ATOM   904  S  SD  . MET A 1 126 ? -5.466  -2.519  -0.152  1.00 20.08  ? 116 MET A SD  1 
ATOM   905  C  CE  . MET A 1 126 ? -5.772  -2.167  -1.869  1.00 15.33  ? 116 MET A CE  1 
ATOM   906  N  N   . VAL A 1 127 ? -2.155  -1.600  2.780   1.00 13.20  ? 117 VAL A N   1 
ATOM   907  C  CA  . VAL A 1 127 ? -1.326  -2.251  3.817   1.00 8.01   ? 117 VAL A CA  1 
ATOM   908  C  C   . VAL A 1 127 ? -1.751  -3.721  3.908   1.00 23.43  ? 117 VAL A C   1 
ATOM   909  O  O   . VAL A 1 127 ? -2.942  -4.023  4.052   1.00 28.81  ? 117 VAL A O   1 
ATOM   910  C  CB  . VAL A 1 127 ? -1.525  -1.586  5.175   1.00 16.52  ? 117 VAL A CB  1 
ATOM   911  C  CG1 . VAL A 1 127 ? -0.628  -2.189  6.258   1.00 14.29  ? 117 VAL A CG1 1 
ATOM   912  C  CG2 . VAL A 1 127 ? -1.219  -0.090  5.156   1.00 22.26  ? 117 VAL A CG2 1 
ATOM   913  N  N   . HIS A 1 128 ? -0.764  -4.600  3.822   1.00 22.34  ? 118 HIS A N   1 
ATOM   914  C  CA  . HIS A 1 128 ? -0.988  -6.065  3.806   1.00 16.43  ? 118 HIS A CA  1 
ATOM   915  C  C   . HIS A 1 128 ? -0.754  -6.688  5.168   1.00 27.49  ? 118 HIS A C   1 
ATOM   916  O  O   . HIS A 1 128 ? -0.026  -6.155  6.003   1.00 21.37  ? 118 HIS A O   1 
ATOM   917  C  CB  . HIS A 1 128 ? -0.040  -6.693  2.802   1.00 22.36  ? 118 HIS A CB  1 
ATOM   918  C  CG  . HIS A 1 128 ? -0.511  -6.376  1.407   1.00 20.31  ? 118 HIS A CG  1 
ATOM   919  N  ND1 . HIS A 1 128 ? -1.349  -7.237  0.726   1.00 25.99  ? 118 HIS A ND1 1 
ATOM   920  C  CD2 . HIS A 1 128 ? -0.289  -5.311  0.602   1.00 15.57  ? 118 HIS A CD2 1 
ATOM   921  C  CE1 . HIS A 1 128 ? -1.623  -6.693  -0.440  1.00 24.53  ? 118 HIS A CE1 1 
ATOM   922  N  NE2 . HIS A 1 128 ? -1.001  -5.541  -0.531  1.00 22.24  ? 118 HIS A NE2 1 
ATOM   923  N  N   . VAL A 1 129 ? -1.383  -7.828  5.393   1.00 22.07  ? 119 VAL A N   1 
ATOM   924  C  CA  . VAL A 1 129 ? -1.209  -8.508  6.676   1.00 30.68  ? 119 VAL A CA  1 
ATOM   925  C  C   . VAL A 1 129 ? 0.207   -9.089  6.753   1.00 23.41  ? 119 VAL A C   1 
ATOM   926  O  O   . VAL A 1 129 ? 0.848   -9.058  7.806   1.00 22.40  ? 119 VAL A O   1 
ATOM   927  C  CB  . VAL A 1 129 ? -2.234  -9.617  6.890   1.00 34.61  ? 119 VAL A CB  1 
ATOM   928  C  CG1 . VAL A 1 129 ? -1.793  -10.955 6.304   1.00 36.64  ? 119 VAL A CG1 1 
ATOM   929  C  CG2 . VAL A 1 129 ? -2.489  -9.884  8.381   1.00 33.00  ? 119 VAL A CG2 1 
ATOM   930  N  N   . GLY A 1 130 ? 0.678   -9.605  5.624   1.00 25.01  ? 120 GLY A N   1 
ATOM   931  C  CA  . GLY A 1 130 ? 2.036   -10.200 5.523   1.00 24.53  ? 120 GLY A CA  1 
ATOM   932  C  C   . GLY A 1 130 ? 3.083   -9.105  5.228   1.00 35.52  ? 120 GLY A C   1 
ATOM   933  O  O   . GLY A 1 130 ? 2.747   -7.926  5.055   1.00 25.36  ? 120 GLY A O   1 
ATOM   934  N  N   . GLY A 1 131 ? 4.346   -9.526  5.168   1.00 28.31  ? 121 GLY A N   1 
ATOM   935  C  CA  . GLY A 1 131 ? 5.491   -8.617  4.909   1.00 22.19  ? 121 GLY A CA  1 
ATOM   936  C  C   . GLY A 1 131 ? 5.714   -8.436  3.400   1.00 24.61  ? 121 GLY A C   1 
ATOM   937  O  O   . GLY A 1 131 ? 4.792   -8.576  2.587   1.00 20.14  ? 121 GLY A O   1 
ATOM   938  N  N   . ASP A 1 132 ? 6.946   -8.116  3.055   1.00 22.29  ? 122 ASP A N   1 
ATOM   939  C  CA  . ASP A 1 132 ? 7.341   -7.927  1.656   1.00 19.58  ? 122 ASP A CA  1 
ATOM   940  C  C   . ASP A 1 132 ? 8.842   -8.134  1.507   1.00 27.55  ? 122 ASP A C   1 
ATOM   941  O  O   . ASP A 1 132 ? 9.654   -7.337  1.996   1.00 24.67  ? 122 ASP A O   1 
ATOM   942  C  CB  . ASP A 1 132 ? 6.977   -6.518  1.177   1.00 22.43  ? 122 ASP A CB  1 
ATOM   943  C  CG  . ASP A 1 132 ? 7.035   -6.378  -0.348  1.00 20.65  ? 122 ASP A CG  1 
ATOM   944  O  OD1 . ASP A 1 132 ? 7.556   -7.318  -1.059  1.00 20.49  ? 122 ASP A OD1 1 
ATOM   945  O  OD2 . ASP A 1 132 ? 6.563   -5.321  -0.917  1.00 24.08  ? 122 ASP A OD2 1 
ATOM   946  N  N   . ASN A 1 133 ? 9.187   -9.217  0.837   1.00 19.21  ? 123 ASN A N   1 
ATOM   947  C  CA  . ASN A 1 133 ? 10.593  -9.526  0.581   1.00 18.03  ? 123 ASN A CA  1 
ATOM   948  C  C   . ASN A 1 133 ? 10.989  -8.993  -0.790  1.00 19.32  ? 123 ASN A C   1 
ATOM   949  O  O   . ASN A 1 133 ? 12.052  -9.324  -1.309  1.00 19.90  ? 123 ASN A O   1 
ATOM   950  C  CB  . ASN A 1 133 ? 10.875  -11.031 0.673   1.00 14.93  ? 123 ASN A CB  1 
ATOM   951  C  CG  . ASN A 1 133 ? 10.433  -11.840 -0.552  1.00 24.05  ? 123 ASN A CG  1 
ATOM   952  O  OD1 . ASN A 1 133 ? 9.517   -11.432 -1.261  1.00 26.99  ? 123 ASN A OD1 1 
ATOM   953  N  ND2 . ASN A 1 133 ? 11.026  -12.991 -0.836  1.00 23.52  ? 123 ASN A ND2 1 
ATOM   954  N  N   . MET A 1 134 ? 10.107  -8.189  -1.355  1.00 19.30  ? 124 MET A N   1 
ATOM   955  C  CA  . MET A 1 134 ? 10.377  -7.508  -2.634  1.00 13.32  ? 124 MET A CA  1 
ATOM   956  C  C   . MET A 1 134 ? 10.646  -8.495  -3.793  1.00 27.90  ? 124 MET A C   1 
ATOM   957  O  O   . MET A 1 134 ? 11.430  -8.211  -4.712  1.00 22.44  ? 124 MET A O   1 
ATOM   958  C  CB  . MET A 1 134 ? 11.622  -6.628  -2.455  1.00 11.43  ? 124 MET A CB  1 
ATOM   959  C  CG  . MET A 1 134 ? 11.547  -5.756  -1.195  1.00 18.18  ? 124 MET A CG  1 
ATOM   960  S  SD  . MET A 1 134 ? 10.150  -4.658  -1.229  1.00 31.70  ? 124 MET A SD  1 
ATOM   961  C  CE  . MET A 1 134 ? 9.949   -3.871  0.354   1.00 24.15  ? 124 MET A CE  1 
ATOM   962  N  N   . SER A 1 135 ? 9.984   -9.645  -3.762  1.00 24.24  ? 125 SER A N   1 
ATOM   963  C  CA  . SER A 1 135 ? 10.162  -10.679 -4.811  1.00 16.59  ? 125 SER A CA  1 
ATOM   964  C  C   . SER A 1 135 ? 8.890   -11.520 -4.987  1.00 27.47  ? 125 SER A C   1 
ATOM   965  O  O   . SER A 1 135 ? 8.005   -11.531 -4.121  1.00 26.08  ? 125 SER A O   1 
ATOM   966  C  CB  . SER A 1 135 ? 11.302  -11.623 -4.412  1.00 22.37  ? 125 SER A CB  1 
ATOM   967  O  OG  . SER A 1 135 ? 11.497  -12.608 -5.415  1.00 26.87  ? 125 SER A OG  1 
ATOM   968  N  N   . ASP A 1 136 ? 8.829   -12.212 -6.123  1.00 19.96  ? 130 ASP A N   1 
ATOM   969  C  CA  . ASP A 1 136 ? 7.708   -13.120 -6.430  1.00 20.04  ? 130 ASP A CA  1 
ATOM   970  C  C   . ASP A 1 136 ? 8.088   -14.545 -6.004  1.00 17.91  ? 130 ASP A C   1 
ATOM   971  O  O   . ASP A 1 136 ? 7.318   -15.492 -6.159  1.00 30.05  ? 130 ASP A O   1 
ATOM   972  C  CB  . ASP A 1 136 ? 7.349   -13.081 -7.914  1.00 23.09  ? 130 ASP A CB  1 
ATOM   973  C  CG  . ASP A 1 136 ? 6.466   -11.882 -8.257  1.00 33.81  ? 130 ASP A CG  1 
ATOM   974  O  OD1 . ASP A 1 136 ? 5.387   -11.657 -7.586  1.00 31.89  ? 130 ASP A OD1 1 
ATOM   975  O  OD2 . ASP A 1 136 ? 6.814   -11.088 -9.208  1.00 28.70  ? 130 ASP A OD2 1 
ATOM   976  N  N   . GLN A 1 137 ? 9.291   -14.669 -5.471  1.00 19.72  ? 131 GLN A N   1 
ATOM   977  C  CA  . GLN A 1 137 ? 9.780   -15.949 -4.926  1.00 20.46  ? 131 GLN A CA  1 
ATOM   978  C  C   . GLN A 1 137 ? 10.058  -15.749 -3.403  1.00 29.88  ? 131 GLN A C   1 
ATOM   979  O  O   . GLN A 1 137 ? 10.674  -14.758 -2.976  1.00 28.52  ? 131 GLN A O   1 
ATOM   980  C  CB  . GLN A 1 137 ? 11.088  -16.381 -5.607  1.00 24.53  ? 131 GLN A CB  1 
ATOM   981  C  CG  . GLN A 1 137 ? 10.922  -16.779 -7.078  1.00 24.24  ? 131 GLN A CG  1 
ATOM   982  C  CD  . GLN A 1 137 ? 10.902  -15.573 -8.016  1.00 25.31  ? 131 GLN A CD  1 
ATOM   983  O  OE1 . GLN A 1 137 ? 10.010  -15.466 -8.858  1.00 35.27  ? 131 GLN A OE1 1 
ATOM   984  N  NE2 . GLN A 1 137 ? 11.833  -14.642 -7.916  1.00 28.27  ? 131 GLN A NE2 1 
ATOM   985  N  N   . PRO A 1 138 ? 9.663   -16.692 -2.555  1.00 28.26  ? 132 PRO A N   1 
ATOM   986  C  CA  . PRO A 1 138 ? 9.036   -17.908 -2.968  1.00 27.09  ? 132 PRO A CA  1 
ATOM   987  C  C   . PRO A 1 138 ? 7.550   -17.718 -3.056  1.00 33.69  ? 132 PRO A C   1 
ATOM   988  O  O   . PRO A 1 138 ? 6.853   -18.581 -3.601  1.00 29.23  ? 132 PRO A O   1 
ATOM   989  C  CB  . PRO A 1 138 ? 9.368   -18.900 -1.875  1.00 24.96  ? 132 PRO A CB  1 
ATOM   990  C  CG  . PRO A 1 138 ? 9.417   -18.050 -0.608  1.00 31.28  ? 132 PRO A CG  1 
ATOM   991  C  CD  . PRO A 1 138 ? 9.869   -16.684 -1.076  1.00 27.87  ? 132 PRO A CD  1 
ATOM   992  N  N   . LYS A 1 139 ? 7.078   -16.567 -2.559  1.00 27.23  ? 133 LYS A N   1 
ATOM   993  C  CA  . LYS A 1 139 ? 5.636   -16.179 -2.576  1.00 31.04  ? 133 LYS A CA  1 
ATOM   994  C  C   . LYS A 1 139 ? 5.370   -14.963 -3.457  1.00 35.77  ? 133 LYS A C   1 
ATOM   995  O  O   . LYS A 1 139 ? 6.180   -14.019 -3.491  1.00 41.16  ? 133 LYS A O   1 
ATOM   996  C  CB  . LYS A 1 139 ? 5.083   -15.870 -1.179  1.00 30.87  ? 133 LYS A CB  1 
ATOM   997  C  CG  . LYS A 1 139 ? 4.928   -17.113 -0.306  1.00 28.27  ? 133 LYS A CG  1 
ATOM   998  C  CD  . LYS A 1 139 ? 3.526   -17.717 -0.377  0.00 38.36  ? 133 LYS A CD  1 
ATOM   999  C  CE  . LYS A 1 139 ? 3.485   -19.176 0.074   0.00 50.46  ? 133 LYS A CE  1 
ATOM   1000 N  NZ  . LYS A 1 139 ? 2.490   -19.973 -0.657  0.00 60.43  ? 133 LYS A NZ  1 
ATOM   1001 N  N   . PRO A 1 140 ? 4.225   -14.987 -4.163  1.00 22.24  ? 134 PRO A N   1 
ATOM   1002 C  CA  . PRO A 1 140 ? 3.824   -13.918 -5.065  1.00 21.17  ? 134 PRO A CA  1 
ATOM   1003 C  C   . PRO A 1 140 ? 3.677   -12.605 -4.350  1.00 24.75  ? 134 PRO A C   1 
ATOM   1004 O  O   . PRO A 1 140 ? 3.313   -12.587 -3.143  1.00 26.13  ? 134 PRO A O   1 
ATOM   1005 C  CB  . PRO A 1 140 ? 2.488   -14.376 -5.614  1.00 27.00  ? 134 PRO A CB  1 
ATOM   1006 C  CG  . PRO A 1 140 ? 2.170   -15.732 -5.005  1.00 29.37  ? 134 PRO A CG  1 
ATOM   1007 C  CD  . PRO A 1 140 ? 3.288   -16.115 -4.087  1.00 22.55  ? 134 PRO A CD  1 
ATOM   1008 N  N   . LEU A 1 141 ? 3.960   -11.551 -5.088  1.00 25.74  ? 135 LEU A N   1 
ATOM   1009 C  CA  . LEU A 1 141 ? 3.812   -10.177 -4.592  1.00 23.30  ? 135 LEU A CA  1 
ATOM   1010 C  C   . LEU A 1 141 ? 4.517   -9.949  -3.243  1.00 22.51  ? 135 LEU A C   1 
ATOM   1011 O  O   . LEU A 1 141 ? 4.072   -9.116  -2.438  1.00 17.23  ? 135 LEU A O   1 
ATOM   1012 C  CB  . LEU A 1 141 ? 2.336   -9.858  -4.359  1.00 24.18  ? 135 LEU A CB  1 
ATOM   1013 C  CG  . LEU A 1 141 ? 1.533   -9.684  -5.647  1.00 49.71  ? 135 LEU A CG  1 
ATOM   1014 C  CD1 . LEU A 1 141 ? 2.384   -9.822  -6.910  1.00 41.92  ? 135 LEU A CD1 1 
ATOM   1015 C  CD2 . LEU A 1 141 ? 0.403   -10.707 -5.782  1.00 49.58  ? 135 LEU A CD2 1 
ATOM   1016 N  N   . GLY A 1 142 ? 5.582   -10.704 -3.024  1.00 23.15  ? 136 GLY A N   1 
ATOM   1017 C  CA  . GLY A 1 142 ? 6.457   -10.558 -1.831  1.00 25.05  ? 136 GLY A CA  1 
ATOM   1018 C  C   . GLY A 1 142 ? 5.919   -11.238 -0.547  1.00 28.25  ? 136 GLY A C   1 
ATOM   1019 O  O   . GLY A 1 142 ? 6.461   -11.037 0.552   1.00 30.68  ? 136 GLY A O   1 
ATOM   1020 N  N   . GLY A 1 143 ? 4.871   -12.033 -0.675  1.00 19.87  ? 137 GLY A N   1 
ATOM   1021 C  CA  . GLY A 1 143 ? 4.280   -12.758 0.480   1.00 17.64  ? 137 GLY A CA  1 
ATOM   1022 C  C   . GLY A 1 143 ? 3.366   -11.834 1.304   1.00 30.75  ? 137 GLY A C   1 
ATOM   1023 O  O   . GLY A 1 143 ? 3.101   -12.080 2.489   1.00 30.87  ? 137 GLY A O   1 
ATOM   1024 N  N   . GLY A 1 144 ? 2.888   -10.795 0.645   1.00 23.44  ? 138 GLY A N   1 
ATOM   1025 C  CA  . GLY A 1 144 ? 2.000   -9.790  1.258   1.00 22.71  ? 138 GLY A CA  1 
ATOM   1026 C  C   . GLY A 1 144 ? 0.746   -10.442 1.871   1.00 31.65  ? 138 GLY A C   1 
ATOM   1027 O  O   . GLY A 1 144 ? 0.316   -10.116 2.985   1.00 21.79  ? 138 GLY A O   1 
ATOM   1028 N  N   . GLY A 1 145 ? 0.151   -11.355 1.133   1.00 21.13  ? 139 GLY A N   1 
ATOM   1029 C  CA  . GLY A 1 145 ? -1.064  -12.038 1.596   1.00 19.50  ? 139 GLY A CA  1 
ATOM   1030 C  C   . GLY A 1 145 ? -2.251  -11.070 1.546   1.00 25.16  ? 139 GLY A C   1 
ATOM   1031 O  O   . GLY A 1 145 ? -2.293  -10.148 0.727   1.00 31.36  ? 139 GLY A O   1 
ATOM   1032 N  N   . GLU A 1 146 ? -3.192  -11.279 2.448   1.00 23.83  ? 140 GLU A N   1 
ATOM   1033 C  CA  . GLU A 1 146 ? -4.443  -10.492 2.477   1.00 27.09  ? 140 GLU A CA  1 
ATOM   1034 C  C   . GLU A 1 146 ? -4.212  -9.000  2.801   1.00 24.13  ? 140 GLU A C   1 
ATOM   1035 O  O   . GLU A 1 146 ? -3.233  -8.623  3.465   1.00 22.22  ? 140 GLU A O   1 
ATOM   1036 C  CB  . GLU A 1 146 ? -5.425  -11.102 3.478   1.00 34.24  ? 140 GLU A CB  1 
ATOM   1037 C  CG  . GLU A 1 146 ? -5.180  -10.710 4.933   0.00 43.44  ? 140 GLU A CG  1 
ATOM   1038 C  CD  . GLU A 1 146 ? -6.230  -11.323 5.859   0.00 64.60  ? 140 GLU A CD  1 
ATOM   1039 O  OE1 . GLU A 1 146 ? -6.551  -12.566 5.725   0.00 59.28  ? 140 GLU A OE1 1 
ATOM   1040 O  OE2 . GLU A 1 146 ? -6.796  -10.599 6.760   0.00 59.54  ? 140 GLU A OE2 1 
ATOM   1041 N  N   . ARG A 1 147 ? -5.165  -8.223  2.284   1.00 14.41  ? 141 ARG A N   1 
ATOM   1042 C  CA  . ARG A 1 147 ? -5.233  -6.753  2.413   1.00 18.36  ? 141 ARG A CA  1 
ATOM   1043 C  C   . ARG A 1 147 ? -5.853  -6.402  3.767   1.00 29.27  ? 141 ARG A C   1 
ATOM   1044 O  O   . ARG A 1 147 ? -6.959  -6.846  4.090   1.00 22.45  ? 141 ARG A O   1 
ATOM   1045 C  CB  . ARG A 1 147 ? -6.064  -6.206  1.247   1.00 14.96  ? 141 ARG A CB  1 
ATOM   1046 C  CG  . ARG A 1 147 ? -5.275  -6.280  -0.058  1.00 18.68  ? 141 ARG A CG  1 
ATOM   1047 C  CD  . ARG A 1 147 ? -6.106  -6.129  -1.330  1.00 19.97  ? 141 ARG A CD  1 
ATOM   1048 N  NE  . ARG A 1 147 ? -5.440  -6.762  -2.471  1.00 16.84  ? 141 ARG A NE  1 
ATOM   1049 C  CZ  . ARG A 1 147 ? -5.666  -6.507  -3.762  1.00 29.90  ? 141 ARG A CZ  1 
ATOM   1050 N  NH1 . ARG A 1 147 ? -6.573  -5.606  -4.149  1.00 21.91  ? 141 ARG A NH1 1 
ATOM   1051 N  NH2 . ARG A 1 147 ? -5.008  -7.125  -4.755  1.00 19.09  ? 141 ARG A NH2 1 
ATOM   1052 N  N   . TYR A 1 148 ? -5.119  -5.599  4.534   1.00 20.18  ? 142 TYR A N   1 
ATOM   1053 C  CA  . TYR A 1 148 ? -5.517  -5.264  5.923   1.00 13.73  ? 142 TYR A CA  1 
ATOM   1054 C  C   . TYR A 1 148 ? -6.070  -3.827  6.093   1.00 17.24  ? 142 TYR A C   1 
ATOM   1055 O  O   . TYR A 1 148 ? -7.036  -3.601  6.839   1.00 16.73  ? 142 TYR A O   1 
ATOM   1056 C  CB  . TYR A 1 148 ? -4.322  -5.432  6.865   1.00 19.90  ? 142 TYR A CB  1 
ATOM   1057 C  CG  . TYR A 1 148 ? -4.731  -5.579  8.336   1.00 19.03  ? 142 TYR A CG  1 
ATOM   1058 C  CD1 . TYR A 1 148 ? -4.863  -4.441  9.138   1.00 23.46  ? 142 TYR A CD1 1 
ATOM   1059 C  CD2 . TYR A 1 148 ? -4.974  -6.849  8.884   1.00 19.55  ? 142 TYR A CD2 1 
ATOM   1060 C  CE1 . TYR A 1 148 ? -5.233  -4.566  10.484  1.00 30.55  ? 142 TYR A CE1 1 
ATOM   1061 C  CE2 . TYR A 1 148 ? -5.344  -6.974  10.233  1.00 18.47  ? 142 TYR A CE2 1 
ATOM   1062 C  CZ  . TYR A 1 148 ? -5.472  -5.831  11.032  1.00 24.84  ? 142 TYR A CZ  1 
ATOM   1063 O  OH  . TYR A 1 148 ? -5.826  -5.952  12.341  1.00 30.51  ? 142 TYR A OH  1 
ATOM   1064 N  N   . ALA A 1 149 ? -5.455  -2.858  5.427   1.00 15.41  ? 143 ALA A N   1 
ATOM   1065 C  CA  . ALA A 1 149 ? -5.899  -1.440  5.514   1.00 23.72  ? 143 ALA A CA  1 
ATOM   1066 C  C   . ALA A 1 149 ? -5.764  -0.749  4.158   1.00 19.12  ? 143 ALA A C   1 
ATOM   1067 O  O   . ALA A 1 149 ? -4.950  -1.115  3.301   1.00 19.50  ? 143 ALA A O   1 
ATOM   1068 C  CB  . ALA A 1 149 ? -5.075  -0.680  6.556   1.00 22.20  ? 143 ALA A CB  1 
ATOM   1069 N  N   . CYS A 1 150 ? -6.568  0.292   3.956   1.00 18.43  ? 144 CYS A N   1 
ATOM   1070 C  CA  . CYS A 1 150 ? -6.599  0.881   2.647   1.00 18.01  ? 144 CYS A CA  1 
ATOM   1071 C  C   . CYS A 1 150 ? -7.077  2.292   2.640   1.00 23.20  ? 144 CYS A C   1 
ATOM   1072 O  O   . CYS A 1 150 ? -7.954  2.660   3.403   1.00 22.86  ? 144 CYS A O   1 
ATOM   1073 C  CB  . CYS A 1 150 ? -7.653  0.047   1.872   1.00 16.40  ? 144 CYS A CB  1 
ATOM   1074 S  SG  . CYS A 1 150 ? -7.931  0.472   0.129   1.00 18.21  ? 144 CYS A SG  1 
ATOM   1075 N  N   . GLY A 1 151 ? -6.537  3.092   1.727   1.00 18.28  ? 145 GLY A N   1 
ATOM   1076 C  CA  . GLY A 1 151 ? -7.008  4.481   1.642   1.00 18.79  ? 145 GLY A CA  1 
ATOM   1077 C  C   . GLY A 1 151 ? -6.924  4.893   0.163   1.00 19.34  ? 145 GLY A C   1 
ATOM   1078 O  O   . GLY A 1 151 ? -6.090  4.384   -0.597  1.00 19.29  ? 145 GLY A O   1 
ATOM   1079 N  N   . VAL A 1 152 ? -7.787  5.802   -0.254  1.00 19.23  ? 146 VAL A N   1 
ATOM   1080 C  CA  . VAL A 1 152 ? -7.797  6.254   -1.661  1.00 19.64  ? 146 VAL A CA  1 
ATOM   1081 C  C   . VAL A 1 152 ? -7.195  7.652   -1.792  1.00 25.08  ? 146 VAL A C   1 
ATOM   1082 O  O   . VAL A 1 152 ? -7.561  8.578   -1.059  1.00 24.31  ? 146 VAL A O   1 
ATOM   1083 C  CB  . VAL A 1 152 ? -9.221  6.305   -2.209  1.00 21.92  ? 146 VAL A CB  1 
ATOM   1084 C  CG1 . VAL A 1 152 ? -9.296  6.956   -3.594  1.00 26.25  ? 146 VAL A CG1 1 
ATOM   1085 C  CG2 . VAL A 1 152 ? -9.852  4.922   -2.366  1.00 22.74  ? 146 VAL A CG2 1 
ATOM   1086 N  N   . ILE A 1 153 ? -6.286  7.768   -2.743  1.00 22.59  ? 147 ILE A N   1 
ATOM   1087 C  CA  . ILE A 1 153 ? -5.586  9.032   -3.015  1.00 22.04  ? 147 ILE A CA  1 
ATOM   1088 C  C   . ILE A 1 153 ? -6.423  9.919   -3.965  1.00 35.45  ? 147 ILE A C   1 
ATOM   1089 O  O   . ILE A 1 153 ? -6.580  9.598   -5.156  1.00 31.15  ? 147 ILE A O   1 
ATOM   1090 C  CB  . ILE A 1 153 ? -4.212  8.740   -3.635  1.00 25.03  ? 147 ILE A CB  1 
ATOM   1091 C  CG1 . ILE A 1 153 ? -3.424  7.673   -2.862  1.00 27.91  ? 147 ILE A CG1 1 
ATOM   1092 C  CG2 . ILE A 1 153 ? -3.301  9.970   -3.681  1.00 26.33  ? 147 ILE A CG2 1 
ATOM   1093 C  CD1 . ILE A 1 153 ? -2.273  7.067   -3.668  1.00 28.18  ? 147 ILE A CD1 1 
ATOM   1094 N  N   . LYS A 1 154 ? -6.931  11.005  -3.365  1.00 40.61  ? 148 LYS A N   1 
ATOM   1095 C  CA  . LYS A 1 154 ? -7.726  12.069  -4.049  1.00 33.19  ? 148 LYS A CA  1 
ATOM   1096 C  C   . LYS A 1 154 ? -6.814  12.799  -5.052  1.00 46.83  ? 148 LYS A C   1 
ATOM   1097 O  O   . LYS A 1 154 ? -5.579  12.658  -4.965  1.00 42.84  ? 148 LYS A O   1 
ATOM   1098 C  CB  . LYS A 1 154 ? -8.163  13.133  -3.041  1.00 35.88  ? 148 LYS A CB  1 
ATOM   1099 C  CG  . LYS A 1 154 ? -9.044  12.588  -1.935  0.00 50.87  ? 148 LYS A CG  1 
ATOM   1100 C  CD  . LYS A 1 154 ? -10.441 12.249  -2.430  0.00 61.37  ? 148 LYS A CD  1 
ATOM   1101 C  CE  . LYS A 1 154 ? -11.130 11.197  -1.571  0.00 73.50  ? 148 LYS A CE  1 
ATOM   1102 N  NZ  . LYS A 1 154 ? -12.582 11.166  -1.773  0.00 83.26  ? 148 LYS A NZ  1 
ATOM   1103 O  OXT . LYS A 1 154 ? -7.268  13.685  -5.798  1.00 79.06  ? 148 LYS A OXT 1 
HETATM 1104 ZN ZN  . ZN  B 2 .   ? 4.429   -5.116  -6.604  1.00 22.87  ? 149 ZN  A ZN  1 
HETATM 1105 CU CU  . CU  C 3 .   ? -0.372  -4.498  -2.256  1.00 30.80  ? 150 CU  A CU  1 
HETATM 1106 O  O   . HOH D 4 .   ? 4.110   -7.805  0.072   1.00 16.19  ? 151 HOH A O   1 
HETATM 1107 O  O   . HOH D 4 .   ? 9.204   -3.033  -8.622  1.00 23.96  ? 152 HOH A O   1 
HETATM 1108 O  O   . HOH D 4 .   ? 6.202   -3.077  1.077   1.00 19.45  ? 153 HOH A O   1 
HETATM 1109 O  O   . HOH D 4 .   ? 10.354  3.902   -5.660  1.00 23.88  ? 154 HOH A O   1 
HETATM 1110 O  O   . HOH D 4 .   ? -12.829 -4.038  1.757   1.00 21.93  ? 155 HOH A O   1 
HETATM 1111 O  O   . HOH D 4 .   ? -13.521 2.905   -1.403  1.00 22.41  ? 156 HOH A O   1 
HETATM 1112 O  O   . HOH D 4 .   ? 7.878   -13.914 -1.824  1.00 22.72  ? 157 HOH A O   1 
HETATM 1113 O  O   . HOH D 4 .   ? -10.595 3.826   2.989   1.00 31.01  ? 158 HOH A O   1 
HETATM 1114 O  O   . HOH D 4 .   ? 6.735   19.474  -1.804  1.00 32.04  ? 159 HOH A O   1 
HETATM 1115 O  O   . HOH D 4 .   ? 11.314  -2.116  3.131   1.00 33.96  ? 160 HOH A O   1 
HETATM 1116 O  O   . HOH D 4 .   ? -8.447  -5.469  8.478   1.00 27.44  ? 161 HOH A O   1 
HETATM 1117 O  O   . HOH D 4 .   ? -9.135  7.228   1.925   1.00 36.60  ? 162 HOH A O   1 
HETATM 1118 O  O   . HOH D 4 .   ? -7.459  -9.234  0.664   1.00 30.14  ? 163 HOH A O   1 
HETATM 1119 O  O   . HOH D 4 .   ? 8.258   2.222   -6.508  1.00 25.45  ? 164 HOH A O   1 
HETATM 1120 O  O   . HOH D 4 .   ? 7.265   -3.206  -2.426  1.00 28.92  ? 165 HOH A O   1 
HETATM 1121 O  O   . HOH D 4 .   ? -2.942  -13.569 4.146   1.00 40.44  ? 166 HOH A O   1 
HETATM 1122 O  O   . HOH D 4 .   ? 8.155   7.885   -12.022 1.00 38.27  ? 167 HOH A O   1 
HETATM 1123 O  O   . HOH D 4 .   ? 8.143   2.143   8.067   1.00 44.81  ? 168 HOH A O   1 
HETATM 1124 O  O   . HOH D 4 .   ? 13.667  -2.803  -4.200  1.00 37.10  ? 169 HOH A O   1 
HETATM 1125 O  O   . HOH D 4 .   ? -19.341 -1.790  -1.996  1.00 23.76  ? 170 HOH A O   1 
HETATM 1126 O  O   . HOH D 4 .   ? 4.245   -10.215 -9.856  1.00 31.35  ? 171 HOH A O   1 
HETATM 1127 O  O   . HOH D 4 .   ? -13.388 -1.481  11.872  1.00 33.91  ? 172 HOH A O   1 
HETATM 1128 O  O   . HOH D 4 .   ? 5.066   -0.024  -13.794 1.00 41.55  ? 173 HOH A O   1 
HETATM 1129 O  O   . HOH D 4 .   ? -0.931  -10.110 -1.665  1.00 35.60  ? 174 HOH A O   1 
HETATM 1130 O  O   . HOH D 4 .   ? 5.175   -17.056 -6.639  1.00 34.86  ? 175 HOH A O   1 
HETATM 1131 O  O   . HOH D 4 .   ? 1.076   6.445   -13.113 1.00 48.09  ? 176 HOH A O   1 
HETATM 1132 O  O   . HOH D 4 .   ? -1.002  -0.056  -13.285 1.00 43.26  ? 177 HOH A O   1 
HETATM 1133 O  O   . HOH D 4 .   ? -15.729 1.767   -6.048  1.00 42.46  ? 178 HOH A O   1 
HETATM 1134 O  O   . HOH D 4 .   ? -11.730 5.799   14.420  1.00 38.63  ? 179 HOH A O   1 
HETATM 1135 O  O   . HOH D 4 .   ? 0.734   7.387   14.876  1.00 33.09  ? 180 HOH A O   1 
HETATM 1136 O  O   . HOH D 4 .   ? 13.126  -1.578  0.781   1.00 44.46  ? 181 HOH A O   1 
HETATM 1137 O  O   . HOH D 4 .   ? 7.385   -14.053 1.082   1.00 43.24  ? 182 HOH A O   1 
HETATM 1138 O  O   . HOH D 4 .   ? 1.945   -9.586  15.536  1.00 51.36  ? 183 HOH A O   1 
HETATM 1139 O  O   . HOH D 4 .   ? -10.151 9.777   -6.235  1.00 38.42  ? 184 HOH A O   1 
HETATM 1140 O  O   . HOH D 4 .   ? -0.119  11.992  8.391   1.00 36.25  ? 185 HOH A O   1 
HETATM 1141 O  O   . HOH D 4 .   ? 14.159  -2.410  -1.584  1.00 42.72  ? 186 HOH A O   1 
HETATM 1142 O  O   . HOH D 4 .   ? 10.748  -0.064  5.473   1.00 27.70  ? 187 HOH A O   1 
HETATM 1143 O  O   . HOH D 4 .   ? 2.267   17.776  -7.665  1.00 36.07  ? 188 HOH A O   1 
HETATM 1144 O  O   . HOH D 4 .   ? 6.230   3.323   13.962  1.00 43.55  ? 189 HOH A O   1 
HETATM 1145 O  O   . HOH D 4 .   ? 10.168  18.759  -4.336  1.00 54.54  ? 190 HOH A O   1 
HETATM 1146 O  O   . HOH D 4 .   ? 5.376   13.054  3.556   1.00 31.81  ? 191 HOH A O   1 
HETATM 1147 O  O   . HOH D 4 .   ? -0.172  -6.994  -9.214  1.00 28.76  ? 192 HOH A O   1 
HETATM 1148 O  O   . HOH D 4 .   ? 9.000   -11.434 -10.366 1.00 39.93  ? 193 HOH A O   1 
HETATM 1149 O  O   . HOH D 4 .   ? -2.315  0.824   18.577  1.00 41.73  ? 194 HOH A O   1 
HETATM 1150 O  O   . HOH D 4 .   ? -6.609  11.979  -0.311  1.00 48.27  ? 195 HOH A O   1 
HETATM 1151 O  O   . HOH D 4 .   ? -1.970  -8.166  -6.779  1.00 37.89  ? 196 HOH A O   1 
HETATM 1152 O  O   . HOH D 4 .   ? 1.256   -12.561 -1.306  1.00 39.43  ? 197 HOH A O   1 
HETATM 1153 O  O   . HOH D 4 .   ? -5.884  -7.882  -7.578  1.00 41.64  ? 198 HOH A O   1 
HETATM 1154 O  O   . HOH D 4 .   ? 1.472   -8.684  -1.478  1.00 39.32  ? 199 HOH A O   1 
HETATM 1155 O  O   . HOH D 4 .   ? 13.328  -13.920 1.481   1.00 49.49  ? 200 HOH A O   1 
HETATM 1156 O  O   . HOH D 4 .   ? -18.117 -4.614  -3.679  1.00 37.61  ? 201 HOH A O   1 
HETATM 1157 O  O   . HOH D 4 .   ? -9.605  4.615   -10.308 1.00 36.23  ? 202 HOH A O   1 
HETATM 1158 O  O   . HOH D 4 .   ? -13.658 5.876   12.018  1.00 46.57  ? 203 HOH A O   1 
HETATM 1159 O  O   . HOH D 4 .   ? -0.501  18.109  3.575   1.00 48.57  ? 204 HOH A O   1 
HETATM 1160 O  O   . HOH D 4 .   ? 7.784   -11.651 3.206   1.00 51.02  ? 205 HOH A O   1 
HETATM 1161 O  O   . HOH D 4 .   ? -18.154 -2.280  -4.988  1.00 40.44  ? 206 HOH A O   1 
HETATM 1162 O  O   . HOH D 4 .   ? -10.550 0.521   17.815  1.00 41.21  ? 207 HOH A O   1 
HETATM 1163 O  O   . HOH D 4 .   ? -12.932 -1.060  14.481  1.00 58.50  ? 208 HOH A O   1 
HETATM 1164 O  O   . HOH D 4 .   ? -15.897 -1.091  -6.047  1.00 46.83  ? 209 HOH A O   1 
HETATM 1165 O  O   . HOH D 4 .   ? 15.391  2.972   -7.574  1.00 46.61  ? 210 HOH A O   1 
HETATM 1166 O  O   . HOH D 4 .   ? 11.167  -11.264 -8.289  1.00 50.90  ? 211 HOH A O   1 
HETATM 1167 O  O   . HOH D 4 .   ? 6.753   0.049   20.835  1.00 53.42  ? 212 HOH A O   1 
HETATM 1168 O  O   . HOH D 4 .   ? 14.356  10.135  -6.426  1.00 46.15  ? 213 HOH A O   1 
HETATM 1169 O  O   . HOH D 4 .   ? -15.361 3.228   7.503   1.00 55.44  ? 214 HOH A O   1 
HETATM 1170 O  O   . HOH D 4 .   ? 3.712   19.901  -7.556  1.00 37.45  ? 215 HOH A O   1 
HETATM 1171 O  O   . HOH D 4 .   ? -5.610  -4.487  -11.607 1.00 42.09  ? 216 HOH A O   1 
HETATM 1172 O  O   . HOH D 4 .   ? -3.744  -9.011  -2.413  1.00 38.57  ? 217 HOH A O   1 
HETATM 1173 O  O   . HOH D 4 .   ? -11.536 -10.040 6.122   1.00 43.96  ? 218 HOH A O   1 
HETATM 1174 O  O   . HOH D 4 .   ? -4.041  -9.038  -6.827  1.00 44.17  ? 219 HOH A O   1 
HETATM 1175 O  O   . HOH D 4 .   ? -1.989  -8.137  -4.013  1.00 45.87  ? 220 HOH A O   1 
HETATM 1176 O  O   . HOH D 4 .   ? -16.000 3.461   12.204  1.00 52.37  ? 221 HOH A O   1 
HETATM 1177 O  O   . HOH D 4 .   ? 9.251   -7.508  5.545   1.00 42.71  ? 222 HOH A O   1 
HETATM 1178 O  O   . HOH D 4 .   ? 8.998   13.080  -5.257  1.00 50.33  ? 223 HOH A O   1 
HETATM 1179 O  O   . HOH D 4 .   ? 2.539   11.979  9.634   1.00 39.06  ? 224 HOH A O   1 
HETATM 1180 O  O   . HOH D 4 .   ? 7.319   -9.031  11.181  1.00 48.58  ? 225 HOH A O   1 
# 
